data_4W9J
#
_entry.id   4W9J
#
_cell.length_a   93.708
_cell.length_b   93.708
_cell.length_c   360.836
_cell.angle_alpha   90.000
_cell.angle_beta   90.000
_cell.angle_gamma   90.000
#
_symmetry.space_group_name_H-M   'P 41 2 2'
#
loop_
_entity.id
_entity.type
_entity.pdbx_description
1 polymer 'Transcription elongation factor B polypeptide 2'
2 polymer 'Transcription elongation factor B polypeptide 1'
3 polymer 'Von Hippel-Lindau disease tumor suppressor'
4 non-polymer N-acetyl-L-leucyl-3-methyl-L-valyl-(4R)-4-hydroxy-N-[4-(4-methyl-1,3-thiazol-5-yl)benzyl]-L-prolinamide
5 water water
#
loop_
_entity_poly.entity_id
_entity_poly.type
_entity_poly.pdbx_seq_one_letter_code
_entity_poly.pdbx_strand_id
1 'polypeptide(L)'
;MDVFLMIRRHKTTIFTDAKESSTVFELKRIVEGILKRPPDEQRLYKDDQLLDDGKTLGE(CAS)GFTSQTARPQAPATVG
LAFRADDTFEAL(CAS)IEPFSSPPELPDVMK
;
A,D,G,J
2 'polypeptide(L)'
;MMYVKLISSDGHEFIVKREHALTSGTIKAMLSGPGQFAENETNEVNFREIPSHVLSKVCMYFTYKVRYTNSSTEIPEFPI
APEIALELLMAANFLDC
;
B,E,H,K
3 'polypeptide(L)'
;GSMEAGRPRPVLRSVNSREPSQVIF(CAS)NRSPRVVLPVWLNFDGEPQPYPTLPPGTGRRIHSYRGHLWLFRDAGTHDG
LLVNQTELFVPSLNVDGQPIFANITLPVYTLKERCLQVVRSLVKPENYRRLDIVRSLYEDLEDHPNVQKDLERLTQERIA
HQRMGD
;
C,F,I,L
#
loop_
_chem_comp.id
_chem_comp.type
_chem_comp.name
_chem_comp.formula
3JH non-polymer N-acetyl-L-leucyl-3-methyl-L-valyl-(4R)-4-hydroxy-N-[4-(4-methyl-1,3-thiazol-5-yl)benzyl]-L-prolinamide 'C30 H43 N5 O5 S'
#
# COMPACT_ATOMS: atom_id res chain seq x y z
N MET A 1 32.92 -4.46 26.27
CA MET A 1 31.48 -4.08 26.20
C MET A 1 30.74 -4.77 27.34
N ASP A 2 29.77 -4.06 27.90
CA ASP A 2 28.99 -4.57 29.00
C ASP A 2 27.90 -5.50 28.49
N VAL A 3 27.66 -6.57 29.24
CA VAL A 3 26.48 -7.40 29.02
C VAL A 3 25.63 -7.29 30.29
N PHE A 4 24.31 -7.33 30.12
CA PHE A 4 23.38 -7.15 31.24
C PHE A 4 22.64 -8.45 31.45
N LEU A 5 22.68 -8.90 32.71
CA LEU A 5 22.31 -10.27 33.03
C LEU A 5 21.30 -10.29 34.15
N MET A 6 20.51 -11.37 34.17
CA MET A 6 19.77 -11.78 35.35
C MET A 6 20.37 -13.13 35.74
N ILE A 7 20.97 -13.20 36.92
CA ILE A 7 21.45 -14.47 37.43
C ILE A 7 20.37 -15.03 38.36
N ARG A 8 19.86 -16.22 38.04
CA ARG A 8 18.65 -16.72 38.65
C ARG A 8 18.78 -18.10 39.30
N ARG A 9 18.24 -18.22 40.51
CA ARG A 9 18.17 -19.47 41.23
C ARG A 9 16.93 -19.45 42.10
N HIS A 10 16.11 -20.50 41.97
CA HIS A 10 14.88 -20.65 42.75
C HIS A 10 14.09 -19.35 42.60
N LYS A 11 13.79 -18.65 43.71
CA LYS A 11 13.10 -17.35 43.65
C LYS A 11 14.06 -16.15 43.84
N THR A 12 15.33 -16.34 43.53
CA THR A 12 16.32 -15.25 43.60
C THR A 12 16.72 -14.85 42.18
N THR A 13 16.78 -13.55 41.91
CA THR A 13 17.20 -13.00 40.63
C THR A 13 18.12 -11.80 40.88
N ILE A 14 19.39 -11.89 40.46
CA ILE A 14 20.34 -10.79 40.59
C ILE A 14 20.43 -10.07 39.26
N PHE A 15 20.25 -8.75 39.30
CA PHE A 15 20.49 -7.92 38.14
C PHE A 15 21.89 -7.36 38.25
N THR A 16 22.72 -7.65 37.26
CA THR A 16 24.04 -7.08 37.23
C THR A 16 24.57 -7.04 35.82
N ASP A 17 25.65 -6.29 35.63
CA ASP A 17 26.30 -6.23 34.34
C ASP A 17 27.69 -6.82 34.48
N ALA A 18 28.34 -7.09 33.36
CA ALA A 18 29.71 -7.60 33.34
C ALA A 18 30.27 -7.38 31.97
N LYS A 19 31.59 -7.48 31.85
CA LYS A 19 32.26 -7.38 30.56
C LYS A 19 32.09 -8.64 29.73
N GLU A 20 31.90 -8.47 28.43
CA GLU A 20 31.86 -9.58 27.51
C GLU A 20 33.13 -10.43 27.64
N SER A 21 34.27 -9.77 27.86
CA SER A 21 35.55 -10.44 28.05
C SER A 21 35.77 -11.06 29.45
N SER A 22 34.88 -10.83 30.40
CA SER A 22 35.03 -11.42 31.74
C SER A 22 34.68 -12.92 31.69
N THR A 23 35.11 -13.67 32.70
CA THR A 23 34.95 -15.10 32.72
C THR A 23 33.78 -15.57 33.62
N VAL A 24 33.33 -16.79 33.37
CA VAL A 24 32.36 -17.46 34.21
C VAL A 24 32.79 -17.45 35.67
N PHE A 25 34.06 -17.79 35.93
CA PHE A 25 34.58 -17.76 37.31
C PHE A 25 34.46 -16.39 37.93
N GLU A 26 34.79 -15.37 37.13
CA GLU A 26 34.66 -13.99 37.60
C GLU A 26 33.21 -13.64 37.92
N LEU A 27 32.26 -14.18 37.17
CA LEU A 27 30.85 -13.95 37.48
C LEU A 27 30.47 -14.62 38.79
N LYS A 28 31.10 -15.77 39.08
CA LYS A 28 30.90 -16.44 40.36
C LYS A 28 31.39 -15.61 41.53
N ARG A 29 32.50 -14.90 41.33
CA ARG A 29 33.02 -13.99 42.37
C ARG A 29 32.04 -12.85 42.62
N ILE A 30 31.36 -12.40 41.57
CA ILE A 30 30.32 -11.39 41.71
C ILE A 30 29.19 -11.97 42.53
N VAL A 31 28.72 -13.17 42.18
CA VAL A 31 27.67 -13.83 42.95
C VAL A 31 28.13 -14.02 44.40
N GLU A 32 29.38 -14.40 44.60
CA GLU A 32 29.90 -14.59 45.97
C GLU A 32 29.79 -13.34 46.84
N GLY A 33 30.12 -12.18 46.28
CA GLY A 33 29.96 -10.91 47.01
C GLY A 33 28.52 -10.62 47.39
N ILE A 34 27.57 -11.08 46.59
CA ILE A 34 26.17 -10.78 46.83
C ILE A 34 25.53 -11.81 47.73
N LEU A 35 25.66 -13.09 47.37
CA LEU A 35 24.97 -14.17 48.08
C LEU A 35 25.83 -14.93 49.10
N LYS A 36 27.10 -14.55 49.24
CA LYS A 36 27.97 -15.10 50.29
C LYS A 36 28.18 -16.61 50.16
N ARG A 37 28.43 -17.07 48.93
CA ARG A 37 28.68 -18.48 48.67
C ARG A 37 29.83 -18.57 47.68
N PRO A 38 30.88 -19.35 48.02
CA PRO A 38 32.08 -19.31 47.20
C PRO A 38 31.92 -19.93 45.80
N PRO A 39 32.80 -19.57 44.86
CA PRO A 39 32.70 -20.11 43.51
C PRO A 39 32.57 -21.65 43.44
N ASP A 40 33.29 -22.37 44.30
CA ASP A 40 33.28 -23.85 44.23
C ASP A 40 31.97 -24.47 44.68
N GLU A 41 31.07 -23.67 45.25
CA GLU A 41 29.75 -24.14 45.65
C GLU A 41 28.70 -23.63 44.68
N GLN A 42 29.15 -23.15 43.52
CA GLN A 42 28.30 -22.59 42.49
C GLN A 42 28.46 -23.30 41.13
N ARG A 43 27.34 -23.46 40.44
CA ARG A 43 27.33 -23.88 39.04
C ARG A 43 26.52 -22.84 38.27
N LEU A 44 27.09 -22.34 37.18
CA LEU A 44 26.38 -21.40 36.34
C LEU A 44 26.02 -22.06 35.04
N TYR A 45 24.85 -21.68 34.51
CA TYR A 45 24.31 -22.34 33.36
C TYR A 45 23.86 -21.35 32.31
N LYS A 46 23.99 -21.74 31.05
CA LYS A 46 23.21 -21.10 30.02
C LYS A 46 22.19 -22.11 29.52
N ASP A 47 20.92 -21.82 29.76
CA ASP A 47 19.85 -22.81 29.59
C ASP A 47 20.25 -24.03 30.42
N ASP A 48 20.38 -25.22 29.83
CA ASP A 48 20.78 -26.39 30.59
C ASP A 48 22.28 -26.69 30.47
N GLN A 49 23.04 -25.77 29.89
CA GLN A 49 24.44 -26.01 29.66
C GLN A 49 25.24 -25.47 30.83
N LEU A 50 25.97 -26.35 31.50
CA LEU A 50 26.91 -25.95 32.54
C LEU A 50 28.05 -25.14 31.92
N LEU A 51 28.37 -24.02 32.54
CA LEU A 51 29.41 -23.15 32.04
C LEU A 51 30.78 -23.46 32.70
N ASP A 52 31.81 -23.45 31.87
CA ASP A 52 33.18 -23.66 32.28
C ASP A 52 33.81 -22.38 32.82
N ASP A 53 34.38 -22.48 34.00
CA ASP A 53 34.98 -21.34 34.70
C ASP A 53 35.87 -20.43 33.84
N GLY A 54 36.66 -21.01 32.95
CA GLY A 54 37.66 -20.26 32.20
C GLY A 54 37.15 -19.54 30.97
N LYS A 55 35.91 -19.84 30.57
CA LYS A 55 35.34 -19.26 29.37
C LYS A 55 34.83 -17.84 29.62
N THR A 56 34.98 -16.99 28.60
CA THR A 56 34.43 -15.65 28.66
C THR A 56 32.95 -15.71 28.43
N LEU A 57 32.25 -14.68 28.90
CA LEU A 57 30.81 -14.60 28.75
C LEU A 57 30.44 -14.51 27.27
N GLY A 58 31.23 -13.76 26.51
CA GLY A 58 31.04 -13.66 25.06
C GLY A 58 31.10 -15.01 24.36
N GLU A 59 32.06 -15.84 24.76
CA GLU A 59 32.23 -17.20 24.23
C GLU A 59 31.02 -18.07 24.47
N CAS A 60 30.41 -17.88 25.65
CA CAS A 60 29.20 -18.56 26.03
CB CAS A 60 29.12 -18.61 27.56
C CAS A 60 27.96 -17.87 25.47
O CAS A 60 26.86 -18.24 25.83
SG CAS A 60 30.48 -19.54 28.24
AS CAS A 60 30.26 -21.57 27.26
CE1 CAS A 60 31.68 -21.60 25.88
CE2 CAS A 60 30.66 -23.11 28.44
N GLY A 61 28.12 -16.90 24.58
CA GLY A 61 26.97 -16.29 23.92
C GLY A 61 26.24 -15.20 24.69
N PHE A 62 26.91 -14.60 25.67
CA PHE A 62 26.40 -13.39 26.33
C PHE A 62 27.13 -12.22 25.70
N THR A 63 26.47 -11.61 24.72
CA THR A 63 27.05 -10.55 23.91
C THR A 63 26.29 -9.27 24.17
N SER A 64 26.96 -8.15 23.92
CA SER A 64 26.44 -6.85 24.32
C SER A 64 25.16 -6.53 23.57
N GLN A 65 25.01 -7.05 22.37
CA GLN A 65 23.82 -6.76 21.60
C GLN A 65 22.66 -7.70 21.87
N THR A 66 22.87 -8.76 22.65
CA THR A 66 21.74 -9.61 23.04
C THR A 66 21.42 -9.57 24.53
N ALA A 67 22.40 -9.22 25.35
CA ALA A 67 22.23 -9.10 26.79
C ALA A 67 22.10 -7.61 27.13
N ARG A 68 20.91 -7.08 26.89
CA ARG A 68 20.67 -5.66 26.92
C ARG A 68 20.09 -5.18 28.27
N PRO A 69 20.30 -3.91 28.62
CA PRO A 69 19.74 -3.39 29.87
C PRO A 69 18.23 -3.62 30.01
N GLN A 70 17.47 -3.33 28.96
CA GLN A 70 16.03 -3.49 28.97
C GLN A 70 15.55 -4.92 28.72
N ALA A 71 16.48 -5.82 28.38
CA ALA A 71 16.15 -7.23 28.20
C ALA A 71 17.38 -8.09 28.47
N PRO A 72 17.71 -8.27 29.77
CA PRO A 72 18.94 -8.94 30.12
C PRO A 72 18.88 -10.43 29.86
N ALA A 73 20.04 -11.04 29.63
CA ALA A 73 20.13 -12.50 29.43
C ALA A 73 20.15 -13.20 30.78
N THR A 74 19.59 -14.41 30.81
CA THR A 74 19.48 -15.19 32.03
C THR A 74 20.67 -16.15 32.18
N VAL A 75 21.32 -16.08 33.34
CA VAL A 75 22.29 -17.07 33.75
C VAL A 75 21.68 -17.88 34.88
N GLY A 76 21.67 -19.21 34.72
CA GLY A 76 21.16 -20.09 35.76
C GLY A 76 22.21 -20.33 36.83
N LEU A 77 21.75 -20.56 38.06
CA LEU A 77 22.62 -20.68 39.21
C LEU A 77 22.12 -21.84 40.07
N ALA A 78 23.06 -22.71 40.44
CA ALA A 78 22.81 -23.81 41.35
C ALA A 78 23.91 -23.86 42.41
N PHE A 79 23.51 -24.17 43.65
CA PHE A 79 24.40 -24.28 44.80
C PHE A 79 24.67 -25.71 45.21
N ARG A 80 25.85 -25.91 45.79
CA ARG A 80 26.22 -27.17 46.40
C ARG A 80 25.84 -27.11 47.87
N ALA A 81 24.87 -27.92 48.27
CA ALA A 81 24.60 -28.14 49.67
C ALA A 81 25.53 -29.25 50.12
N ASP A 82 26.52 -28.89 50.94
CA ASP A 82 27.48 -29.84 51.51
C ASP A 82 28.28 -30.63 50.45
N ASP A 83 27.81 -31.84 50.12
CA ASP A 83 28.57 -32.77 49.28
C ASP A 83 28.22 -32.65 47.79
N THR A 84 26.94 -32.50 47.48
CA THR A 84 26.42 -32.60 46.11
C THR A 84 25.69 -31.33 45.63
N PHE A 85 25.72 -31.09 44.32
CA PHE A 85 25.03 -29.94 43.75
C PHE A 85 23.54 -30.21 43.60
N GLU A 86 22.73 -29.26 44.01
CA GLU A 86 21.30 -29.29 43.70
C GLU A 86 21.14 -29.21 42.17
N ALA A 87 20.02 -29.72 41.68
CA ALA A 87 19.65 -29.57 40.27
C ALA A 87 19.30 -28.09 39.97
N LEU A 88 19.56 -27.64 38.74
CA LEU A 88 19.20 -26.27 38.35
C LEU A 88 17.70 -26.10 38.50
N CAS A 89 17.28 -25.10 39.29
CA CAS A 89 15.85 -24.80 39.47
CB CAS A 89 15.29 -25.46 40.75
C CAS A 89 15.65 -23.32 39.48
O CAS A 89 16.18 -22.60 40.32
SG CAS A 89 13.72 -24.79 41.23
AS CAS A 89 12.32 -25.82 39.80
CE1 CAS A 89 13.08 -26.74 38.19
CE2 CAS A 89 11.33 -27.22 40.85
N ILE A 90 14.88 -22.85 38.50
CA ILE A 90 14.50 -21.45 38.40
C ILE A 90 12.97 -21.36 38.45
N GLU A 91 12.44 -20.74 39.50
CA GLU A 91 10.99 -20.55 39.61
C GLU A 91 10.54 -19.51 38.61
N PRO A 92 9.52 -19.83 37.79
CA PRO A 92 9.10 -18.85 36.80
C PRO A 92 8.46 -17.65 37.49
N PHE A 93 8.44 -16.51 36.80
CA PHE A 93 7.72 -15.35 37.29
C PHE A 93 6.23 -15.61 37.15
N SER A 94 5.43 -14.87 37.90
CA SER A 94 3.98 -14.97 37.84
C SER A 94 3.47 -14.74 36.40
N SER A 95 2.22 -15.14 36.17
CA SER A 95 1.53 -14.95 34.91
C SER A 95 0.68 -13.67 34.94
N PRO A 96 0.75 -12.86 33.88
CA PRO A 96 -0.17 -11.73 33.77
C PRO A 96 -1.59 -12.21 33.62
N PRO A 97 -2.54 -11.34 33.98
CA PRO A 97 -3.93 -11.67 33.74
C PRO A 97 -4.27 -11.66 32.25
N GLU A 98 -5.42 -12.19 31.90
CA GLU A 98 -5.97 -12.05 30.55
C GLU A 98 -6.15 -10.57 30.27
N LEU A 99 -5.80 -10.12 29.06
CA LEU A 99 -6.09 -8.75 28.63
C LEU A 99 -7.56 -8.41 28.87
N PRO A 100 -7.83 -7.25 29.49
CA PRO A 100 -9.23 -6.80 29.57
C PRO A 100 -9.83 -6.66 28.17
N ASP A 101 -11.15 -6.69 28.07
CA ASP A 101 -11.84 -6.57 26.78
C ASP A 101 -11.32 -5.38 26.01
N VAL A 102 -11.33 -4.23 26.67
CA VAL A 102 -10.92 -2.94 26.07
C VAL A 102 -9.47 -2.89 25.51
N MET A 103 -8.64 -3.90 25.76
CA MET A 103 -7.26 -3.92 25.26
C MET A 103 -7.02 -4.99 24.19
N MET B 2 27.01 -1.52 46.27
CA MET B 2 26.11 -2.26 47.21
C MET B 2 24.74 -2.48 46.58
N TYR B 3 24.06 -3.51 47.09
CA TYR B 3 22.83 -3.99 46.50
C TYR B 3 21.69 -3.89 47.50
N VAL B 4 20.47 -3.84 46.98
CA VAL B 4 19.25 -3.94 47.80
C VAL B 4 18.42 -5.08 47.27
N LYS B 5 17.55 -5.62 48.12
CA LYS B 5 16.64 -6.68 47.72
C LYS B 5 15.21 -6.13 47.61
N LEU B 6 14.57 -6.34 46.48
CA LEU B 6 13.16 -5.97 46.28
C LEU B 6 12.34 -7.25 46.08
N ILE B 7 11.34 -7.46 46.92
CA ILE B 7 10.63 -8.72 46.98
C ILE B 7 9.20 -8.54 46.46
N SER B 8 8.82 -9.32 45.45
CA SER B 8 7.49 -9.24 44.86
C SER B 8 6.41 -9.82 45.77
N SER B 9 5.15 -9.57 45.44
CA SER B 9 4.04 -10.10 46.23
C SER B 9 4.08 -11.62 46.29
N ASP B 10 4.54 -12.25 45.20
CA ASP B 10 4.62 -13.73 45.13
C ASP B 10 5.98 -14.31 45.60
N GLY B 11 6.81 -13.53 46.29
CA GLY B 11 8.02 -14.03 46.94
C GLY B 11 9.32 -14.01 46.12
N HIS B 12 9.30 -13.50 44.89
CA HIS B 12 10.55 -13.41 44.12
C HIS B 12 11.40 -12.30 44.69
N GLU B 13 12.68 -12.60 44.89
CA GLU B 13 13.61 -11.67 45.51
C GLU B 13 14.52 -11.13 44.42
N PHE B 14 14.35 -9.86 44.10
CA PHE B 14 15.12 -9.24 43.04
C PHE B 14 16.24 -8.45 43.68
N ILE B 15 17.48 -8.82 43.39
CA ILE B 15 18.64 -8.13 43.93
C ILE B 15 19.20 -7.19 42.88
N VAL B 16 19.17 -5.88 43.19
CA VAL B 16 19.64 -4.85 42.28
C VAL B 16 20.51 -3.84 43.01
N LYS B 17 21.32 -3.13 42.25
CA LYS B 17 22.18 -2.07 42.82
C LYS B 17 21.33 -1.01 43.46
N ARG B 18 21.75 -0.56 44.64
CA ARG B 18 21.03 0.44 45.40
C ARG B 18 20.77 1.68 44.57
N GLU B 19 21.78 2.19 43.90
CA GLU B 19 21.62 3.40 43.11
C GLU B 19 20.57 3.24 41.99
N HIS B 20 20.44 2.04 41.42
CA HIS B 20 19.42 1.76 40.41
C HIS B 20 18.03 1.84 41.01
N ALA B 21 17.87 1.25 42.20
CA ALA B 21 16.62 1.24 42.92
C ALA B 21 16.21 2.65 43.33
N LEU B 22 17.17 3.50 43.67
CA LEU B 22 16.88 4.90 44.02
C LEU B 22 16.31 5.73 42.87
N THR B 23 16.30 5.20 41.65
CA THR B 23 15.46 5.72 40.59
C THR B 23 14.02 5.97 41.09
N SER B 24 13.54 5.14 42.02
CA SER B 24 12.25 5.38 42.67
C SER B 24 12.40 6.07 44.02
N GLY B 25 11.83 7.27 44.14
CA GLY B 25 11.78 7.99 45.43
C GLY B 25 10.96 7.24 46.45
N THR B 26 9.93 6.53 45.99
CA THR B 26 9.14 5.70 46.86
C THR B 26 10.02 4.62 47.49
N ILE B 27 10.86 3.99 46.68
CA ILE B 27 11.76 2.97 47.18
C ILE B 27 12.77 3.60 48.13
N LYS B 28 13.26 4.79 47.79
CA LYS B 28 14.17 5.52 48.67
C LYS B 28 13.55 5.67 50.06
N ALA B 29 12.30 6.13 50.12
CA ALA B 29 11.60 6.31 51.41
C ALA B 29 11.47 5.01 52.17
N MET B 30 11.16 3.93 51.46
CA MET B 30 11.00 2.61 52.07
C MET B 30 12.30 2.02 52.63
N LEU B 31 13.45 2.47 52.11
CA LEU B 31 14.76 2.06 52.63
C LEU B 31 15.25 2.94 53.79
N SER B 32 15.09 4.25 53.66
CA SER B 32 15.44 5.21 54.71
C SER B 32 14.29 5.32 55.70
N ASN B 43 17.83 -2.84 54.23
CA ASN B 43 18.09 -2.88 52.78
C ASN B 43 17.32 -3.98 52.02
N GLU B 44 16.12 -4.28 52.51
CA GLU B 44 15.17 -5.10 51.78
C GLU B 44 13.83 -4.38 51.78
N VAL B 45 13.08 -4.54 50.70
CA VAL B 45 11.74 -3.98 50.63
C VAL B 45 10.80 -5.02 50.05
N ASN B 46 9.67 -5.23 50.73
CA ASN B 46 8.57 -6.04 50.22
C ASN B 46 7.55 -5.19 49.48
N PHE B 47 7.02 -5.72 48.38
CA PHE B 47 5.91 -5.12 47.65
C PHE B 47 4.71 -6.05 47.65
N ARG B 48 3.73 -5.71 48.48
CA ARG B 48 2.55 -6.55 48.62
C ARG B 48 1.65 -6.52 47.41
N GLU B 49 1.76 -5.48 46.59
CA GLU B 49 0.86 -5.34 45.45
C GLU B 49 1.53 -5.53 44.10
N ILE B 50 2.83 -5.82 44.09
CA ILE B 50 3.56 -5.90 42.83
C ILE B 50 4.09 -7.31 42.62
N PRO B 51 3.45 -8.05 41.69
CA PRO B 51 3.88 -9.41 41.38
C PRO B 51 5.16 -9.47 40.54
N SER B 52 5.78 -10.63 40.54
CA SER B 52 7.09 -10.77 39.96
C SER B 52 7.14 -10.45 38.47
N HIS B 53 6.08 -10.72 37.71
CA HIS B 53 6.10 -10.41 36.28
C HIS B 53 6.09 -8.89 36.01
N VAL B 54 5.71 -8.11 37.01
CA VAL B 54 5.81 -6.65 36.95
C VAL B 54 7.12 -6.14 37.56
N LEU B 55 7.48 -6.63 38.74
CA LEU B 55 8.67 -6.12 39.41
C LEU B 55 9.95 -6.45 38.61
N SER B 56 9.97 -7.58 37.93
CA SER B 56 11.11 -7.90 37.10
C SER B 56 11.31 -6.81 36.07
N LYS B 57 10.24 -6.42 35.38
CA LYS B 57 10.27 -5.31 34.42
C LYS B 57 10.68 -3.96 34.99
N VAL B 58 10.19 -3.66 36.18
CA VAL B 58 10.60 -2.45 36.89
C VAL B 58 12.15 -2.46 37.05
N CYS B 59 12.71 -3.58 37.47
CA CYS B 59 14.18 -3.67 37.61
C CYS B 59 14.92 -3.46 36.27
N MET B 60 14.37 -4.01 35.21
CA MET B 60 14.95 -3.82 33.88
C MET B 60 14.88 -2.35 33.50
N TYR B 61 13.78 -1.69 33.87
CA TYR B 61 13.67 -0.25 33.63
C TYR B 61 14.78 0.50 34.37
N PHE B 62 15.01 0.18 35.63
CA PHE B 62 16.11 0.84 36.35
C PHE B 62 17.42 0.70 35.56
N THR B 63 17.76 -0.52 35.17
CA THR B 63 19.04 -0.75 34.45
C THR B 63 19.11 0.10 33.19
N TYR B 64 17.98 0.12 32.47
CA TYR B 64 17.83 0.87 31.23
C TYR B 64 17.95 2.35 31.45
N LYS B 65 17.26 2.85 32.46
CA LYS B 65 17.32 4.27 32.75
C LYS B 65 18.74 4.72 33.07
N VAL B 66 19.41 3.99 33.96
CA VAL B 66 20.78 4.36 34.37
C VAL B 66 21.79 4.20 33.22
N ARG B 67 21.61 3.18 32.37
CA ARG B 67 22.48 3.01 31.21
C ARG B 67 22.31 4.14 30.19
N TYR B 68 21.07 4.54 29.92
CA TYR B 68 20.81 5.48 28.79
C TYR B 68 20.63 6.95 29.18
N THR B 69 20.58 7.23 30.48
CA THR B 69 20.53 8.62 30.95
C THR B 69 21.94 9.23 30.80
N ASN B 70 21.99 10.43 30.21
CA ASN B 70 23.25 11.15 29.93
C ASN B 70 24.19 10.39 28.97
N SER B 71 23.62 9.72 27.98
CA SER B 71 24.41 9.03 26.98
C SER B 71 24.05 9.56 25.60
N SER B 72 25.02 9.55 24.69
CA SER B 72 24.83 10.01 23.33
C SER B 72 24.40 8.88 22.38
N THR B 73 24.83 7.64 22.70
CA THR B 73 24.49 6.46 21.89
C THR B 73 22.98 6.30 21.76
N GLU B 74 22.54 5.91 20.57
CA GLU B 74 21.12 5.89 20.22
C GLU B 74 20.29 5.14 21.25
N ILE B 75 19.10 5.66 21.55
CA ILE B 75 18.26 5.13 22.61
C ILE B 75 17.18 4.23 22.01
N PRO B 76 17.14 2.94 22.41
CA PRO B 76 16.10 2.06 21.94
C PRO B 76 14.84 2.20 22.79
N GLU B 77 13.73 1.75 22.23
CA GLU B 77 12.44 1.81 22.89
C GLU B 77 12.48 0.88 24.12
N PHE B 78 11.90 1.32 25.23
CA PHE B 78 11.71 0.41 26.34
C PHE B 78 10.46 -0.42 26.03
N PRO B 79 10.62 -1.75 25.94
CA PRO B 79 9.52 -2.57 25.42
C PRO B 79 8.64 -3.03 26.55
N ILE B 80 7.32 -2.99 26.34
CA ILE B 80 6.34 -3.44 27.34
C ILE B 80 5.25 -4.23 26.64
N ALA B 81 5.10 -5.51 27.00
CA ALA B 81 4.03 -6.31 26.40
C ALA B 81 2.66 -5.79 26.84
N PRO B 82 1.67 -5.87 25.93
CA PRO B 82 0.35 -5.39 26.29
C PRO B 82 -0.19 -6.00 27.58
N GLU B 83 0.14 -7.27 27.83
CA GLU B 83 -0.38 -8.03 28.95
C GLU B 83 0.11 -7.51 30.32
N ILE B 84 1.20 -6.76 30.37
CA ILE B 84 1.68 -6.26 31.66
C ILE B 84 1.53 -4.76 31.85
N ALA B 85 1.09 -4.08 30.79
CA ALA B 85 1.11 -2.61 30.74
C ALA B 85 0.27 -1.98 31.86
N LEU B 86 -0.91 -2.51 32.11
CA LEU B 86 -1.78 -1.91 33.14
C LEU B 86 -1.17 -2.01 34.54
N GLU B 87 -0.70 -3.19 34.91
CA GLU B 87 -0.09 -3.39 36.22
C GLU B 87 1.23 -2.65 36.28
N LEU B 88 1.97 -2.62 35.17
CA LEU B 88 3.22 -1.89 35.16
C LEU B 88 2.95 -0.39 35.32
N LEU B 89 1.89 0.11 34.68
CA LEU B 89 1.46 1.48 34.89
C LEU B 89 1.16 1.73 36.37
N MET B 90 0.39 0.84 36.99
CA MET B 90 0.05 1.03 38.41
C MET B 90 1.30 1.02 39.28
N ALA B 91 2.24 0.13 38.98
CA ALA B 91 3.48 0.08 39.73
C ALA B 91 4.34 1.35 39.57
N ALA B 92 4.47 1.86 38.35
CA ALA B 92 5.28 3.04 38.10
C ALA B 92 4.70 4.25 38.81
N ASN B 93 3.38 4.36 38.78
CA ASN B 93 2.70 5.44 39.45
C ASN B 93 2.94 5.40 40.97
N PHE B 94 2.94 4.19 41.55
CA PHE B 94 3.23 4.04 42.98
C PHE B 94 4.68 4.39 43.29
N LEU B 95 5.59 3.88 42.46
CA LEU B 95 7.04 4.05 42.65
C LEU B 95 7.57 5.40 42.17
N ASP B 96 6.72 6.16 41.47
CA ASP B 96 7.06 7.46 40.90
C ASP B 96 8.29 7.41 39.98
N CYS B 97 8.29 6.51 39.01
CA CYS B 97 9.48 6.39 38.16
C CYS B 97 9.09 6.27 36.70
N VAL C 11 6.37 34.61 23.09
CA VAL C 11 7.85 34.51 23.32
C VAL C 11 8.51 33.50 22.38
N LEU C 12 8.12 32.23 22.47
CA LEU C 12 8.70 31.20 21.61
C LEU C 12 8.22 31.37 20.18
N ARG C 13 9.05 32.03 19.37
CA ARG C 13 8.78 32.25 17.96
C ARG C 13 10.08 32.27 17.19
N SER C 14 10.00 31.99 15.89
CA SER C 14 11.16 32.13 15.03
C SER C 14 11.43 33.62 14.85
N VAL C 15 12.71 33.99 14.77
CA VAL C 15 13.11 35.33 14.39
C VAL C 15 13.29 35.35 12.88
N ASN C 16 12.83 36.41 12.23
CA ASN C 16 12.89 36.50 10.77
C ASN C 16 14.25 37.00 10.31
N SER C 17 15.27 36.15 10.37
CA SER C 17 16.65 36.53 10.05
C SER C 17 16.95 36.74 8.57
N ARG C 18 16.31 35.98 7.70
CA ARG C 18 16.61 36.01 6.26
C ARG C 18 18.00 35.42 5.92
N GLU C 19 18.67 34.79 6.88
CA GLU C 19 19.97 34.16 6.67
C GLU C 19 19.80 32.65 6.55
N PRO C 20 19.95 32.10 5.34
CA PRO C 20 19.65 30.68 5.15
C PRO C 20 20.55 29.78 5.99
N SER C 21 20.01 28.61 6.34
CA SER C 21 20.75 27.59 7.05
C SER C 21 20.19 26.26 6.57
N GLN C 22 21.07 25.43 6.00
CA GLN C 22 20.71 24.08 5.57
C GLN C 22 20.85 23.09 6.73
N VAL C 23 19.88 22.19 6.85
CA VAL C 23 19.79 21.28 7.99
C VAL C 23 19.49 19.87 7.52
N ILE C 24 20.09 18.89 8.18
CA ILE C 24 19.68 17.49 8.01
C ILE C 24 18.82 17.10 9.21
N PHE C 25 17.55 16.85 8.95
CA PHE C 25 16.69 16.26 9.94
C PHE C 25 16.99 14.79 9.84
N CAS C 26 17.51 14.21 10.92
CA CAS C 26 17.92 12.82 10.93
CB CAS C 26 19.42 12.80 11.14
C CAS C 26 17.15 12.13 12.03
O CAS C 26 17.41 12.36 13.21
SG CAS C 26 19.93 11.14 11.37
AS CAS C 26 19.89 10.39 9.30
CE1 CAS C 26 18.64 8.86 9.25
CE2 CAS C 26 21.70 9.72 8.91
N ASN C 27 16.20 11.28 11.64
CA ASN C 27 15.33 10.60 12.58
C ASN C 27 15.98 9.29 13.02
N ARG C 28 16.69 9.33 14.15
CA ARG C 28 17.27 8.14 14.76
C ARG C 28 16.38 7.61 15.88
N SER C 29 15.08 7.50 15.60
CA SER C 29 14.13 7.04 16.55
C SER C 29 13.31 5.97 15.85
N PRO C 30 12.62 5.10 16.61
CA PRO C 30 11.73 4.16 15.95
C PRO C 30 10.36 4.75 15.63
N ARG C 31 10.17 6.04 15.93
CA ARG C 31 8.89 6.71 15.68
C ARG C 31 8.87 7.41 14.31
N VAL C 32 7.67 7.52 13.72
CA VAL C 32 7.38 8.44 12.63
C VAL C 32 7.43 9.85 13.23
N VAL C 33 8.24 10.74 12.65
CA VAL C 33 8.49 12.05 13.25
C VAL C 33 7.77 13.19 12.52
N LEU C 34 7.06 14.00 13.31
CA LEU C 34 6.44 15.27 12.89
C LEU C 34 7.37 16.42 13.26
N PRO C 35 8.02 17.05 12.27
CA PRO C 35 8.75 18.29 12.57
C PRO C 35 7.75 19.43 12.72
N VAL C 36 7.99 20.32 13.67
CA VAL C 36 7.10 21.45 13.92
C VAL C 36 7.96 22.71 13.98
N TRP C 37 7.62 23.68 13.15
CA TRP C 37 8.28 24.97 13.10
C TRP C 37 7.41 25.95 13.86
N LEU C 38 8.00 26.71 14.76
CA LEU C 38 7.27 27.75 15.43
C LEU C 38 7.40 29.00 14.57
N ASN C 39 6.28 29.48 14.06
CA ASN C 39 6.31 30.59 13.12
C ASN C 39 6.50 31.91 13.85
N PHE C 40 6.46 33.01 13.11
CA PHE C 40 6.82 34.31 13.65
C PHE C 40 5.84 34.81 14.71
N ASP C 41 4.63 34.26 14.72
CA ASP C 41 3.63 34.56 15.74
C ASP C 41 3.63 33.52 16.86
N GLY C 42 4.51 32.52 16.78
CA GLY C 42 4.58 31.45 17.75
C GLY C 42 3.60 30.28 17.54
N GLU C 43 2.89 30.28 16.42
CA GLU C 43 1.98 29.17 16.08
C GLU C 43 2.77 27.97 15.58
N PRO C 44 2.41 26.78 16.07
CA PRO C 44 3.04 25.58 15.55
C PRO C 44 2.58 25.28 14.12
N GLN C 45 3.55 25.23 13.19
CA GLN C 45 3.30 24.80 11.82
C GLN C 45 3.91 23.43 11.61
N PRO C 46 3.06 22.41 11.37
CA PRO C 46 3.53 21.07 11.06
C PRO C 46 4.15 21.00 9.68
N TYR C 47 5.16 20.15 9.52
CA TYR C 47 5.85 19.92 8.25
C TYR C 47 5.73 18.43 7.92
N PRO C 48 6.13 18.03 6.71
CA PRO C 48 6.00 16.60 6.35
C PRO C 48 6.77 15.66 7.30
N THR C 49 6.28 14.43 7.45
CA THR C 49 6.81 13.49 8.42
C THR C 49 8.01 12.74 7.89
N LEU C 50 8.76 12.13 8.82
CA LEU C 50 9.93 11.34 8.50
C LEU C 50 9.73 9.93 9.04
N PRO C 51 9.75 8.92 8.16
CA PRO C 51 9.64 7.55 8.69
C PRO C 51 10.84 7.22 9.57
N PRO C 52 10.71 6.22 10.45
CA PRO C 52 11.85 5.82 11.30
C PRO C 52 13.13 5.63 10.50
N GLY C 53 14.23 6.12 11.06
CA GLY C 53 15.55 5.88 10.49
C GLY C 53 15.89 6.59 9.20
N THR C 54 15.02 7.50 8.75
CA THR C 54 15.23 8.24 7.51
C THR C 54 15.73 9.67 7.78
N GLY C 55 16.32 10.29 6.76
CA GLY C 55 16.76 11.69 6.86
C GLY C 55 16.25 12.57 5.74
N ARG C 56 16.24 13.88 5.96
CA ARG C 56 15.82 14.83 4.93
C ARG C 56 16.74 16.04 4.99
N ARG C 57 17.14 16.55 3.83
CA ARG C 57 17.88 17.80 3.78
C ARG C 57 16.91 18.93 3.52
N ILE C 58 16.93 19.94 4.37
CA ILE C 58 15.91 20.95 4.31
C ILE C 58 16.50 22.33 4.48
N HIS C 59 15.76 23.31 3.99
CA HIS C 59 16.14 24.71 4.02
C HIS C 59 15.34 25.40 5.09
N SER C 60 16.07 25.94 6.07
CA SER C 60 15.48 26.73 7.12
C SER C 60 16.32 27.99 7.23
N TYR C 61 16.31 28.63 8.40
CA TYR C 61 16.97 29.91 8.59
C TYR C 61 17.47 30.02 10.01
N ARG C 62 18.50 30.82 10.19
CA ARG C 62 19.06 31.10 11.51
C ARG C 62 17.99 31.74 12.39
N GLY C 63 17.95 31.35 13.66
CA GLY C 63 16.99 31.92 14.60
C GLY C 63 15.60 31.30 14.51
N HIS C 64 15.40 30.38 13.57
CA HIS C 64 14.11 29.67 13.49
C HIS C 64 14.08 28.56 14.54
N LEU C 65 12.90 28.28 15.08
CA LEU C 65 12.76 27.33 16.17
C LEU C 65 11.99 26.13 15.68
N TRP C 66 12.51 24.94 15.99
CA TRP C 66 11.83 23.69 15.65
C TRP C 66 11.70 22.78 16.85
N LEU C 67 10.68 21.92 16.84
CA LEU C 67 10.60 20.80 17.78
C LEU C 67 10.06 19.60 17.02
N PHE C 68 10.11 18.43 17.64
CA PHE C 68 9.83 17.18 16.96
C PHE C 68 9.03 16.25 17.84
N ARG C 69 8.03 15.61 17.24
CA ARG C 69 7.11 14.77 17.94
C ARG C 69 6.86 13.48 17.20
N ASP C 70 6.38 12.47 17.92
CA ASP C 70 5.83 11.29 17.30
C ASP C 70 4.59 11.76 16.54
N ALA C 71 4.54 11.48 15.25
CA ALA C 71 3.47 12.01 14.41
C ALA C 71 2.12 11.44 14.75
N GLY C 72 2.11 10.21 15.28
CA GLY C 72 0.86 9.52 15.58
C GLY C 72 0.25 9.92 16.91
N THR C 73 1.10 10.10 17.91
CA THR C 73 0.67 10.25 19.30
C THR C 73 1.05 11.59 19.92
N HIS C 74 1.93 12.33 19.25
CA HIS C 74 2.51 13.58 19.76
C HIS C 74 3.44 13.44 20.97
N ASP C 75 3.89 12.21 21.26
CA ASP C 75 4.90 12.00 22.30
C ASP C 75 6.13 12.86 21.99
N GLY C 76 6.79 13.34 23.05
CA GLY C 76 7.93 14.24 22.93
C GLY C 76 9.15 13.51 22.42
N LEU C 77 9.89 14.16 21.51
CA LEU C 77 11.17 13.64 21.06
C LEU C 77 12.20 14.68 21.35
N LEU C 78 13.46 14.26 21.37
CA LEU C 78 14.57 15.18 21.57
C LEU C 78 15.25 15.41 20.23
N VAL C 79 15.88 16.57 20.10
CA VAL C 79 16.67 16.90 18.96
C VAL C 79 18.00 17.47 19.49
N ASN C 80 19.10 16.86 19.07
CA ASN C 80 20.41 17.09 19.68
C ASN C 80 20.34 17.18 21.22
N GLN C 81 19.54 16.26 21.80
CA GLN C 81 19.42 16.08 23.26
C GLN C 81 18.61 17.13 24.00
N THR C 82 17.98 18.06 23.27
CA THR C 82 17.17 19.10 23.89
C THR C 82 15.79 19.10 23.28
N GLU C 83 14.92 19.95 23.81
CA GLU C 83 13.55 20.07 23.35
C GLU C 83 13.46 20.79 22.00
N LEU C 84 14.19 21.89 21.88
CA LEU C 84 14.11 22.80 20.73
C LEU C 84 15.38 22.79 19.89
N PHE C 85 15.19 23.04 18.60
CA PHE C 85 16.31 23.12 17.65
C PHE C 85 16.25 24.43 16.87
N VAL C 86 17.38 25.13 16.88
CA VAL C 86 17.56 26.41 16.21
C VAL C 86 18.69 26.24 15.19
N PRO C 87 18.38 26.41 13.89
CA PRO C 87 19.44 26.31 12.90
C PRO C 87 20.53 27.35 13.11
N SER C 88 21.77 26.91 13.01
CA SER C 88 22.92 27.75 13.26
C SER C 88 23.65 28.08 11.95
N LEU C 89 24.70 28.90 12.05
CA LEU C 89 25.52 29.28 10.91
C LEU C 89 26.18 28.04 10.29
N ASN C 90 26.00 27.87 8.99
CA ASN C 90 26.69 26.82 8.25
C ASN C 90 28.16 27.19 8.10
N VAL C 91 29.04 26.42 8.77
CA VAL C 91 30.48 26.67 8.76
C VAL C 91 31.17 25.88 7.66
N ASP C 92 31.61 26.57 6.62
CA ASP C 92 32.24 25.96 5.44
C ASP C 92 31.26 25.06 4.68
N GLY C 93 30.09 25.59 4.37
CA GLY C 93 29.12 24.91 3.52
C GLY C 93 28.36 23.71 4.10
N GLN C 94 28.80 23.19 5.25
CA GLN C 94 28.25 21.93 5.76
C GLN C 94 26.87 22.16 6.40
N PRO C 95 25.92 21.24 6.18
CA PRO C 95 24.63 21.40 6.85
C PRO C 95 24.73 21.11 8.34
N ILE C 96 23.81 21.68 9.09
CA ILE C 96 23.72 21.41 10.52
C ILE C 96 22.94 20.14 10.68
N PHE C 97 23.45 19.22 11.48
CA PHE C 97 22.75 17.99 11.77
C PHE C 97 21.77 18.18 12.94
N ALA C 98 20.48 17.88 12.71
CA ALA C 98 19.50 17.75 13.79
C ALA C 98 19.15 16.29 14.01
N ASN C 99 19.83 15.69 14.98
CA ASN C 99 19.64 14.29 15.36
C ASN C 99 18.45 14.13 16.28
N ILE C 100 17.41 13.48 15.79
CA ILE C 100 16.15 13.35 16.49
C ILE C 100 16.14 11.98 17.17
N THR C 101 15.94 11.95 18.48
CA THR C 101 16.03 10.70 19.25
C THR C 101 14.91 10.54 20.24
N LEU C 102 14.65 9.29 20.65
CA LEU C 102 13.74 9.04 21.79
C LEU C 102 14.36 9.62 23.05
N PRO C 103 13.57 10.27 23.88
CA PRO C 103 14.10 10.52 25.22
C PRO C 103 14.09 9.24 26.05
N VAL C 104 14.77 9.24 27.20
CA VAL C 104 14.51 8.21 28.21
C VAL C 104 13.20 8.59 28.90
N TYR C 105 12.09 8.03 28.45
CA TYR C 105 10.84 8.33 29.11
C TYR C 105 10.83 7.77 30.53
N THR C 106 10.04 8.37 31.41
CA THR C 106 9.80 7.76 32.71
C THR C 106 9.01 6.49 32.42
N LEU C 107 9.08 5.53 33.34
CA LEU C 107 8.34 4.28 33.19
C LEU C 107 6.84 4.55 33.15
N LYS C 108 6.37 5.45 34.00
CA LYS C 108 4.98 5.86 33.97
C LYS C 108 4.55 6.36 32.58
N GLU C 109 5.29 7.30 32.02
CA GLU C 109 4.90 7.86 30.74
C GLU C 109 4.96 6.81 29.64
N ARG C 110 5.97 5.96 29.67
CA ARG C 110 6.06 4.86 28.70
C ARG C 110 4.84 3.94 28.82
N CYS C 111 4.43 3.62 30.05
CA CYS C 111 3.25 2.79 30.27
C CYS C 111 1.98 3.46 29.71
N LEU C 112 1.82 4.75 29.98
CA LEU C 112 0.71 5.50 29.43
C LEU C 112 0.70 5.44 27.90
N GLN C 113 1.89 5.47 27.27
CA GLN C 113 1.96 5.42 25.82
C GLN C 113 1.37 4.11 25.35
N VAL C 114 1.82 3.03 25.97
CA VAL C 114 1.38 1.72 25.54
C VAL C 114 -0.11 1.49 25.79
N VAL C 115 -0.61 2.00 26.91
CA VAL C 115 -2.03 1.84 27.23
C VAL C 115 -2.89 2.65 26.29
N ARG C 116 -2.47 3.88 25.98
CA ARG C 116 -3.13 4.72 24.99
C ARG C 116 -3.19 4.07 23.61
N SER C 117 -2.10 3.41 23.22
CA SER C 117 -2.00 2.79 21.91
C SER C 117 -2.88 1.54 21.81
N LEU C 118 -3.35 1.03 22.94
CA LEU C 118 -4.17 -0.17 22.97
C LEU C 118 -5.65 0.05 23.29
N VAL C 119 -5.97 1.16 23.95
CA VAL C 119 -7.31 1.44 24.43
C VAL C 119 -7.88 2.68 23.74
N LYS C 120 -9.08 2.56 23.20
CA LYS C 120 -9.74 3.70 22.59
C LYS C 120 -10.07 4.70 23.69
N PRO C 121 -9.88 6.00 23.43
CA PRO C 121 -10.11 7.01 24.47
C PRO C 121 -11.46 6.93 25.19
N GLU C 122 -12.49 6.47 24.51
CA GLU C 122 -13.82 6.30 25.10
C GLU C 122 -13.86 5.18 26.15
N ASN C 123 -12.82 4.35 26.17
CA ASN C 123 -12.72 3.23 27.12
C ASN C 123 -11.73 3.44 28.26
N TYR C 124 -11.03 4.58 28.28
CA TYR C 124 -10.14 4.89 29.41
C TYR C 124 -10.87 4.75 30.75
N ARG C 125 -12.12 5.22 30.81
CA ARG C 125 -12.90 5.17 32.04
C ARG C 125 -13.26 3.75 32.48
N ARG C 126 -13.28 2.80 31.55
CA ARG C 126 -13.60 1.41 31.89
C ARG C 126 -12.45 0.65 32.54
N LEU C 127 -11.26 1.26 32.59
CA LEU C 127 -10.10 0.59 33.15
C LEU C 127 -10.12 0.69 34.65
N ASP C 128 -9.76 -0.38 35.32
CA ASP C 128 -9.78 -0.41 36.78
C ASP C 128 -8.51 0.20 37.38
N ILE C 129 -8.52 1.51 37.56
CA ILE C 129 -7.37 2.27 38.03
C ILE C 129 -7.85 3.53 38.76
N VAL C 130 -7.00 4.09 39.60
CA VAL C 130 -7.37 5.31 40.32
C VAL C 130 -7.71 6.43 39.34
N ARG C 131 -8.73 7.21 39.68
CA ARG C 131 -9.18 8.32 38.84
C ARG C 131 -8.02 9.15 38.27
N SER C 132 -6.97 9.35 39.06
CA SER C 132 -5.83 10.18 38.64
C SER C 132 -5.12 9.62 37.39
N LEU C 133 -5.16 8.31 37.22
CA LEU C 133 -4.53 7.64 36.07
C LEU C 133 -5.41 7.71 34.81
N TYR C 134 -6.73 7.73 35.03
CA TYR C 134 -7.66 8.02 33.94
C TYR C 134 -7.35 9.41 33.38
N GLU C 135 -7.24 10.39 34.29
CA GLU C 135 -6.85 11.75 33.94
C GLU C 135 -5.49 11.78 33.24
N ASP C 136 -4.50 11.02 33.74
CA ASP C 136 -3.19 10.98 33.09
C ASP C 136 -3.26 10.45 31.66
N LEU C 137 -4.04 9.39 31.45
CA LEU C 137 -4.30 8.87 30.10
C LEU C 137 -4.96 9.91 29.18
N GLU C 138 -6.00 10.56 29.69
CA GLU C 138 -6.72 11.61 28.99
C GLU C 138 -5.84 12.80 28.65
N ASP C 139 -4.96 13.17 29.57
CA ASP C 139 -4.11 14.34 29.37
C ASP C 139 -2.93 13.97 28.46
N HIS C 140 -3.23 13.64 27.21
CA HIS C 140 -2.21 13.11 26.30
C HIS C 140 -1.29 14.19 25.79
N PRO C 141 -0.07 13.83 25.34
CA PRO C 141 0.89 14.81 24.84
C PRO C 141 0.29 15.74 23.80
N ASN C 142 0.77 16.98 23.80
CA ASN C 142 0.19 18.01 22.96
C ASN C 142 1.19 19.17 22.88
N VAL C 143 1.43 19.67 21.68
CA VAL C 143 2.44 20.70 21.46
C VAL C 143 2.07 22.00 22.19
N GLN C 144 0.79 22.36 22.17
CA GLN C 144 0.34 23.59 22.80
C GLN C 144 0.66 23.65 24.29
N LYS C 145 0.49 22.53 24.99
CA LYS C 145 0.82 22.43 26.40
C LYS C 145 2.34 22.54 26.60
N ASP C 146 3.11 21.88 25.74
CA ASP C 146 4.56 21.96 25.85
C ASP C 146 5.05 23.39 25.58
N LEU C 147 4.37 24.13 24.71
CA LEU C 147 4.75 25.52 24.44
C LEU C 147 4.46 26.42 25.64
N GLU C 148 3.37 26.13 26.36
CA GLU C 148 3.07 26.82 27.61
C GLU C 148 4.11 26.48 28.69
N ARG C 149 4.42 25.19 28.86
CA ARG C 149 5.42 24.75 29.85
C ARG C 149 6.80 25.36 29.61
N LEU C 150 7.25 25.37 28.34
CA LEU C 150 8.56 25.94 27.98
C LEU C 150 8.56 27.46 28.17
N THR C 151 7.38 28.08 28.06
CA THR C 151 7.18 29.49 28.33
C THR C 151 6.97 29.72 29.83
N MET D 1 -10.27 -17.03 9.68
CA MET D 1 -11.72 -17.12 9.36
C MET D 1 -12.43 -17.81 10.51
N ASP D 2 -13.47 -17.16 11.03
CA ASP D 2 -14.14 -17.64 12.24
C ASP D 2 -15.23 -18.64 11.91
N VAL D 3 -15.37 -19.64 12.77
CA VAL D 3 -16.51 -20.53 12.77
C VAL D 3 -17.26 -20.35 14.09
N PHE D 4 -18.57 -20.41 14.00
CA PHE D 4 -19.43 -20.16 15.14
C PHE D 4 -20.13 -21.46 15.48
N LEU D 5 -19.97 -21.89 16.73
CA LEU D 5 -20.29 -23.25 17.10
C LEU D 5 -21.27 -23.30 18.26
N MET D 6 -22.01 -24.40 18.30
CA MET D 6 -22.73 -24.87 19.47
C MET D 6 -22.11 -26.20 19.87
N ILE D 7 -21.38 -26.24 20.98
CA ILE D 7 -20.82 -27.49 21.50
C ILE D 7 -21.84 -28.07 22.47
N ARG D 8 -22.41 -29.22 22.12
CA ARG D 8 -23.63 -29.71 22.77
C ARG D 8 -23.47 -31.09 23.39
N ARG D 9 -23.82 -31.21 24.67
CA ARG D 9 -23.85 -32.50 25.40
C ARG D 9 -25.08 -32.54 26.28
N HIS D 10 -25.85 -33.62 26.18
CA HIS D 10 -27.04 -33.79 27.01
C HIS D 10 -27.88 -32.52 26.90
N LYS D 11 -28.12 -31.82 28.02
CA LYS D 11 -28.89 -30.59 28.03
C LYS D 11 -27.98 -29.37 28.23
N THR D 12 -26.71 -29.52 27.86
CA THR D 12 -25.77 -28.41 27.87
C THR D 12 -25.47 -27.98 26.43
N THR D 13 -25.48 -26.67 26.19
CA THR D 13 -25.12 -26.11 24.89
C THR D 13 -24.22 -24.90 25.09
N ILE D 14 -22.99 -24.96 24.60
CA ILE D 14 -22.04 -23.85 24.71
C ILE D 14 -21.94 -23.07 23.39
N PHE D 15 -22.19 -21.77 23.44
CA PHE D 15 -22.00 -20.92 22.26
C PHE D 15 -20.60 -20.33 22.30
N THR D 16 -19.82 -20.62 21.26
CA THR D 16 -18.48 -20.06 21.13
C THR D 16 -18.08 -20.05 19.67
N ASP D 17 -17.00 -19.34 19.39
CA ASP D 17 -16.41 -19.33 18.07
C ASP D 17 -15.00 -19.87 18.15
N ALA D 18 -14.42 -20.12 16.98
CA ALA D 18 -13.01 -20.48 16.87
C ALA D 18 -12.58 -20.20 15.47
N LYS D 19 -11.29 -20.39 15.18
CA LYS D 19 -10.77 -20.25 13.82
C LYS D 19 -10.94 -21.56 13.06
N GLU D 20 -11.08 -21.44 11.75
CA GLU D 20 -11.15 -22.59 10.85
C GLU D 20 -9.87 -23.42 10.94
N SER D 21 -8.74 -22.73 11.13
CA SER D 21 -7.44 -23.37 11.18
C SER D 21 -7.10 -23.91 12.58
N SER D 22 -7.93 -23.64 13.58
CA SER D 22 -7.70 -24.14 14.94
C SER D 22 -8.04 -25.61 15.00
N THR D 23 -7.53 -26.30 16.01
CA THR D 23 -7.60 -27.75 16.07
C THR D 23 -8.67 -28.24 17.01
N VAL D 24 -9.04 -29.50 16.84
CA VAL D 24 -10.01 -30.17 17.70
C VAL D 24 -9.52 -30.19 19.15
N PHE D 25 -8.21 -30.38 19.32
CA PHE D 25 -7.62 -30.35 20.66
C PHE D 25 -7.74 -28.97 21.27
N GLU D 26 -7.48 -27.94 20.47
CA GLU D 26 -7.59 -26.55 20.96
C GLU D 26 -9.01 -26.20 21.38
N LEU D 27 -9.99 -26.79 20.70
CA LEU D 27 -11.39 -26.65 21.07
C LEU D 27 -11.66 -27.38 22.40
N LYS D 28 -11.02 -28.52 22.62
CA LYS D 28 -11.16 -29.23 23.90
C LYS D 28 -10.62 -28.38 25.07
N ARG D 29 -9.52 -27.67 24.84
CA ARG D 29 -9.03 -26.67 25.80
C ARG D 29 -10.11 -25.64 26.15
N ILE D 30 -10.80 -25.11 25.15
CA ILE D 30 -11.86 -24.13 25.36
C ILE D 30 -13.01 -24.71 26.19
N VAL D 31 -13.43 -25.93 25.86
CA VAL D 31 -14.42 -26.66 26.67
C VAL D 31 -13.95 -26.82 28.11
N GLU D 32 -12.67 -27.19 28.28
CA GLU D 32 -12.07 -27.37 29.60
C GLU D 32 -12.24 -26.14 30.48
N GLY D 33 -11.99 -24.96 29.90
CA GLY D 33 -12.15 -23.69 30.60
C GLY D 33 -13.56 -23.46 31.13
N ILE D 34 -14.56 -23.92 30.37
CA ILE D 34 -15.97 -23.75 30.74
C ILE D 34 -16.46 -24.84 31.69
N LEU D 35 -16.38 -26.09 31.26
CA LEU D 35 -16.99 -27.21 32.00
C LEU D 35 -16.05 -27.97 32.93
N LYS D 36 -14.78 -27.55 33.00
CA LYS D 36 -13.82 -28.10 33.97
C LYS D 36 -13.62 -29.61 33.81
N ARG D 37 -13.44 -30.03 32.56
CA ARG D 37 -13.09 -31.41 32.24
C ARG D 37 -11.95 -31.37 31.24
N PRO D 38 -10.86 -32.11 31.51
CA PRO D 38 -9.67 -32.01 30.65
C PRO D 38 -9.88 -32.64 29.27
N PRO D 39 -9.04 -32.26 28.29
CA PRO D 39 -9.18 -32.77 26.92
C PRO D 39 -9.27 -34.29 26.80
N ASP D 40 -8.43 -35.02 27.55
CA ASP D 40 -8.44 -36.48 27.50
C ASP D 40 -9.72 -37.13 28.09
N GLU D 41 -10.55 -36.33 28.75
CA GLU D 41 -11.88 -36.80 29.20
C GLU D 41 -13.01 -36.36 28.26
N GLN D 42 -12.66 -35.75 27.13
CA GLN D 42 -13.64 -35.32 26.14
C GLN D 42 -13.49 -36.07 24.82
N ARG D 43 -14.62 -36.39 24.21
CA ARG D 43 -14.68 -36.79 22.82
C ARG D 43 -15.57 -35.79 22.11
N LEU D 44 -15.08 -35.19 21.03
CA LEU D 44 -15.91 -34.30 20.23
C LEU D 44 -16.33 -34.98 18.94
N TYR D 45 -17.54 -34.68 18.49
CA TYR D 45 -18.09 -35.33 17.31
C TYR D 45 -18.62 -34.32 16.31
N LYS D 46 -18.54 -34.64 15.03
CA LYS D 46 -19.36 -33.98 14.01
C LYS D 46 -20.43 -34.98 13.57
N ASP D 47 -21.66 -34.75 13.98
CA ASP D 47 -22.71 -35.77 13.91
C ASP D 47 -22.20 -37.01 14.66
N ASP D 48 -22.21 -38.19 14.02
CA ASP D 48 -21.76 -39.43 14.65
C ASP D 48 -20.30 -39.77 14.34
N GLN D 49 -19.54 -38.80 13.83
CA GLN D 49 -18.13 -39.02 13.48
C GLN D 49 -17.22 -38.44 14.55
N LEU D 50 -16.35 -39.27 15.12
CA LEU D 50 -15.39 -38.84 16.12
C LEU D 50 -14.27 -38.03 15.46
N LEU D 51 -13.94 -36.90 16.07
CA LEU D 51 -12.91 -35.99 15.58
C LEU D 51 -11.57 -36.23 16.29
N ASP D 52 -10.50 -36.42 15.51
CA ASP D 52 -9.15 -36.58 16.07
C ASP D 52 -8.58 -35.24 16.52
N ASP D 53 -7.89 -35.26 17.65
CA ASP D 53 -7.28 -34.07 18.26
C ASP D 53 -6.47 -33.18 17.31
N GLY D 54 -5.75 -33.79 16.36
CA GLY D 54 -4.81 -33.07 15.51
C GLY D 54 -5.41 -32.44 14.27
N LYS D 55 -6.71 -32.65 14.04
CA LYS D 55 -7.35 -32.12 12.83
C LYS D 55 -7.89 -30.73 13.07
N THR D 56 -7.89 -29.92 12.01
CA THR D 56 -8.43 -28.58 12.07
C THR D 56 -9.94 -28.65 11.90
N LEU D 57 -10.63 -27.66 12.46
CA LEU D 57 -12.08 -27.59 12.33
C LEU D 57 -12.45 -27.52 10.84
N GLY D 58 -11.66 -26.80 10.05
CA GLY D 58 -11.88 -26.66 8.61
C GLY D 58 -11.85 -27.98 7.85
N GLU D 59 -10.83 -28.78 8.13
CA GLU D 59 -10.69 -30.13 7.60
C GLU D 59 -11.89 -31.00 7.87
N CAS D 60 -12.49 -30.82 9.04
CA CAS D 60 -13.67 -31.58 9.45
CB CAS D 60 -13.63 -31.74 10.96
C CAS D 60 -14.97 -30.93 9.05
O CAS D 60 -16.02 -31.29 9.56
SG CAS D 60 -12.28 -32.77 11.45
AS CAS D 60 -12.57 -34.69 10.31
CE1 CAS D 60 -10.75 -35.03 9.59
CE2 CAS D 60 -13.11 -36.18 11.48
N GLY D 61 -14.93 -29.96 8.14
CA GLY D 61 -16.16 -29.45 7.52
C GLY D 61 -16.86 -28.34 8.31
N PHE D 62 -16.14 -27.74 9.24
CA PHE D 62 -16.59 -26.53 9.93
C PHE D 62 -15.98 -25.35 9.21
N THR D 63 -16.77 -24.72 8.34
CA THR D 63 -16.28 -23.61 7.52
C THR D 63 -17.10 -22.35 7.79
N SER D 64 -16.47 -21.21 7.50
CA SER D 64 -17.02 -19.89 7.81
C SER D 64 -18.42 -19.76 7.32
N GLN D 65 -18.61 -20.19 6.09
CA GLN D 65 -19.86 -19.93 5.42
C GLN D 65 -20.95 -20.92 5.82
N THR D 66 -20.61 -21.94 6.60
CA THR D 66 -21.61 -22.87 7.13
C THR D 66 -21.76 -22.79 8.65
N ALA D 67 -20.68 -22.60 9.38
CA ALA D 67 -20.76 -22.37 10.81
C ALA D 67 -20.92 -20.85 11.09
N ARG D 68 -22.15 -20.35 10.93
CA ARG D 68 -22.43 -18.91 10.94
C ARG D 68 -22.97 -18.43 12.30
N PRO D 69 -22.73 -17.13 12.65
CA PRO D 69 -23.23 -16.55 13.91
C PRO D 69 -24.70 -16.84 14.19
N GLN D 70 -25.52 -16.64 13.17
CA GLN D 70 -26.97 -16.77 13.25
C GLN D 70 -27.47 -18.20 13.04
N ALA D 71 -26.58 -19.11 12.68
CA ALA D 71 -26.91 -20.51 12.43
C ALA D 71 -25.63 -21.32 12.61
N PRO D 72 -25.19 -21.49 13.87
CA PRO D 72 -23.92 -22.13 14.19
C PRO D 72 -23.93 -23.65 13.95
N ALA D 73 -22.77 -24.19 13.63
CA ALA D 73 -22.59 -25.61 13.44
C ALA D 73 -22.49 -26.31 14.80
N THR D 74 -23.03 -27.51 14.88
CA THR D 74 -23.07 -28.26 16.13
C THR D 74 -21.90 -29.23 16.25
N VAL D 75 -21.25 -29.21 17.40
CA VAL D 75 -20.21 -30.17 17.73
C VAL D 75 -20.70 -30.94 18.95
N GLY D 76 -20.80 -32.24 18.81
CA GLY D 76 -21.20 -33.12 19.91
C GLY D 76 -20.08 -33.32 20.91
N LEU D 77 -20.45 -33.58 22.15
CA LEU D 77 -19.51 -33.78 23.24
C LEU D 77 -20.00 -34.93 24.12
N ALA D 78 -19.09 -35.83 24.45
CA ALA D 78 -19.32 -36.91 25.42
C ALA D 78 -18.15 -36.92 26.39
N PHE D 79 -18.47 -37.15 27.67
CA PHE D 79 -17.48 -37.19 28.74
C PHE D 79 -17.12 -38.60 29.14
N ARG D 80 -15.90 -38.75 29.66
CA ARG D 80 -15.45 -39.98 30.29
C ARG D 80 -15.64 -39.85 31.80
N ALA D 81 -16.52 -40.67 32.37
CA ALA D 81 -16.88 -40.59 33.79
C ALA D 81 -15.88 -41.36 34.67
N ASP D 83 -13.73 -44.31 33.71
CA ASP D 83 -13.01 -45.39 33.05
C ASP D 83 -13.32 -45.45 31.55
N THR D 84 -14.60 -45.37 31.21
CA THR D 84 -15.05 -45.44 29.82
C THR D 84 -15.84 -44.18 29.42
N PHE D 85 -15.93 -43.92 28.12
CA PHE D 85 -16.70 -42.78 27.60
C PHE D 85 -18.19 -43.12 27.54
N GLU D 86 -19.02 -42.15 27.90
CA GLU D 86 -20.46 -42.26 27.66
C GLU D 86 -20.73 -42.22 26.16
N ALA D 87 -21.92 -42.66 25.77
CA ALA D 87 -22.37 -42.55 24.38
C ALA D 87 -22.74 -41.08 24.12
N LEU D 88 -22.59 -40.66 22.86
CA LEU D 88 -22.95 -39.30 22.48
C LEU D 88 -24.45 -39.10 22.66
N CAS D 89 -24.83 -38.21 23.56
CA CAS D 89 -26.25 -37.94 23.80
CB CAS D 89 -26.69 -38.59 25.12
C CAS D 89 -26.51 -36.46 23.79
O CAS D 89 -25.98 -35.74 24.64
SG CAS D 89 -28.24 -37.99 25.70
AS CAS D 89 -29.73 -38.92 24.32
CE1 CAS D 89 -28.95 -39.85 22.74
CE2 CAS D 89 -30.78 -40.26 25.38
N ILE D 90 -27.30 -36.01 22.81
CA ILE D 90 -27.71 -34.60 22.71
C ILE D 90 -29.23 -34.52 22.80
N GLU D 91 -29.73 -33.97 23.90
CA GLU D 91 -31.17 -33.85 24.12
C GLU D 91 -31.66 -32.74 23.21
N PRO D 92 -32.71 -33.02 22.42
CA PRO D 92 -33.20 -32.05 21.45
C PRO D 92 -33.90 -30.89 22.14
N PHE D 93 -33.93 -29.74 21.50
CA PHE D 93 -34.69 -28.62 22.05
C PHE D 93 -36.19 -28.95 22.00
N SER D 94 -36.97 -28.16 22.72
CA SER D 94 -38.42 -28.33 22.72
C SER D 94 -39.00 -28.08 21.34
N SER D 95 -40.25 -28.50 21.17
CA SER D 95 -40.99 -28.32 19.92
C SER D 95 -41.81 -27.04 19.99
N PRO D 96 -41.82 -26.26 18.91
CA PRO D 96 -42.72 -25.12 18.87
C PRO D 96 -44.15 -25.58 18.66
N PRO D 97 -45.13 -24.76 19.10
CA PRO D 97 -46.52 -25.15 18.93
C PRO D 97 -46.93 -25.10 17.46
N GLU D 98 -48.15 -25.56 17.19
CA GLU D 98 -48.72 -25.42 15.86
C GLU D 98 -48.89 -23.94 15.56
N LEU D 99 -48.60 -23.56 14.31
CA LEU D 99 -48.92 -22.21 13.86
C LEU D 99 -50.38 -21.92 14.12
N PRO D 100 -50.68 -20.75 14.70
CA PRO D 100 -52.08 -20.31 14.73
C PRO D 100 -52.62 -20.14 13.30
N ASP D 101 -53.93 -20.24 13.13
CA ASP D 101 -54.57 -20.13 11.81
C ASP D 101 -54.30 -18.78 11.12
N VAL D 102 -54.26 -17.71 11.91
CA VAL D 102 -53.95 -16.37 11.39
C VAL D 102 -52.54 -16.25 10.79
N MET D 103 -51.69 -17.25 11.05
CA MET D 103 -50.35 -17.34 10.43
C MET D 103 -50.29 -18.52 9.48
N MET E 2 -16.99 -13.64 32.45
CA MET E 2 -16.53 -14.31 31.21
C MET E 2 -17.63 -15.10 30.51
N TYR E 3 -18.18 -16.10 31.19
CA TYR E 3 -19.32 -16.86 30.67
C TYR E 3 -20.48 -16.87 31.68
N VAL E 4 -21.70 -16.87 31.16
CA VAL E 4 -22.91 -16.97 31.97
C VAL E 4 -23.81 -18.05 31.41
N LYS E 5 -24.69 -18.57 32.25
CA LYS E 5 -25.54 -19.69 31.91
C LYS E 5 -26.99 -19.23 31.86
N LEU E 6 -27.65 -19.47 30.75
CA LEU E 6 -29.05 -19.10 30.60
C LEU E 6 -29.82 -20.37 30.43
N ILE E 7 -30.75 -20.62 31.35
CA ILE E 7 -31.48 -21.88 31.43
C ILE E 7 -32.95 -21.70 31.07
N SER E 8 -33.41 -22.45 30.07
CA SER E 8 -34.77 -22.36 29.58
C SER E 8 -35.76 -23.00 30.54
N SER E 9 -37.05 -22.83 30.24
CA SER E 9 -38.12 -23.40 31.05
C SER E 9 -38.05 -24.93 31.11
N ASP E 10 -37.63 -25.55 30.00
CA ASP E 10 -37.49 -27.02 29.94
C ASP E 10 -36.12 -27.58 30.38
N GLY E 11 -35.28 -26.74 30.97
CA GLY E 11 -34.05 -27.18 31.60
C GLY E 11 -32.79 -27.20 30.73
N HIS E 12 -32.85 -26.70 29.50
CA HIS E 12 -31.65 -26.61 28.67
C HIS E 12 -30.80 -25.47 29.17
N GLU E 13 -29.50 -25.76 29.33
CA GLU E 13 -28.54 -24.80 29.83
C GLU E 13 -27.68 -24.29 28.66
N PHE E 14 -27.83 -23.01 28.34
CA PHE E 14 -27.08 -22.39 27.26
C PHE E 14 -25.98 -21.56 27.90
N ILE E 15 -24.74 -21.81 27.51
CA ILE E 15 -23.60 -21.10 28.08
C ILE E 15 -23.07 -20.13 27.03
N VAL E 16 -23.12 -18.84 27.36
CA VAL E 16 -22.74 -17.80 26.43
C VAL E 16 -21.78 -16.86 27.12
N LYS E 17 -20.93 -16.21 26.34
CA LYS E 17 -20.07 -15.14 26.82
C LYS E 17 -20.90 -14.10 27.56
N ARG E 18 -20.36 -13.56 28.65
CA ARG E 18 -21.04 -12.58 29.46
C ARG E 18 -21.40 -11.35 28.64
N GLU E 19 -20.42 -10.85 27.89
CA GLU E 19 -20.64 -9.73 26.95
C GLU E 19 -21.93 -9.89 26.15
N HIS E 20 -22.12 -11.08 25.60
CA HIS E 20 -23.23 -11.31 24.67
C HIS E 20 -24.55 -11.28 25.41
N ALA E 21 -24.57 -11.89 26.59
CA ALA E 21 -25.74 -11.89 27.44
C ALA E 21 -26.14 -10.46 27.84
N LEU E 22 -25.16 -9.62 28.11
CA LEU E 22 -25.43 -8.22 28.46
C LEU E 22 -25.98 -7.37 27.30
N THR E 23 -26.11 -7.94 26.10
CA THR E 23 -26.96 -7.35 25.06
C THR E 23 -28.31 -6.97 25.68
N SER E 24 -28.80 -7.82 26.58
CA SER E 24 -30.07 -7.59 27.28
C SER E 24 -29.90 -6.91 28.64
N GLY E 25 -30.42 -5.69 28.75
CA GLY E 25 -30.55 -5.01 30.04
C GLY E 25 -31.32 -5.83 31.06
N THR E 26 -32.34 -6.58 30.60
CA THR E 26 -33.10 -7.45 31.49
C THR E 26 -32.21 -8.53 32.13
N ILE E 27 -31.37 -9.17 31.31
CA ILE E 27 -30.46 -10.18 31.82
C ILE E 27 -29.44 -9.56 32.78
N LYS E 28 -28.90 -8.38 32.45
CA LYS E 28 -27.95 -7.69 33.34
C LYS E 28 -28.57 -7.57 34.73
N ALA E 29 -29.79 -7.03 34.78
CA ALA E 29 -30.50 -6.83 36.06
C ALA E 29 -30.78 -8.14 36.79
N MET E 30 -30.98 -9.22 36.06
CA MET E 30 -31.14 -10.55 36.66
C MET E 30 -29.79 -11.09 37.19
N LEU E 31 -28.71 -10.82 36.46
CA LEU E 31 -27.37 -11.24 36.87
C LEU E 31 -26.88 -10.44 38.08
N SER E 32 -26.63 -9.16 37.85
CA SER E 32 -26.06 -8.29 38.88
C SER E 32 -27.15 -7.82 39.84
N GLY E 33 -27.36 -8.61 40.89
CA GLY E 33 -28.33 -8.29 41.92
C GLY E 33 -29.76 -8.57 41.49
N THR E 42 -24.96 -18.04 40.78
CA THR E 42 -24.30 -16.74 40.87
C THR E 42 -24.44 -15.99 39.55
N ASN E 43 -23.94 -16.61 38.49
CA ASN E 43 -24.04 -16.05 37.13
C ASN E 43 -24.78 -17.04 36.23
N GLU E 44 -25.94 -17.46 36.71
CA GLU E 44 -26.91 -18.24 35.95
C GLU E 44 -28.27 -17.55 36.07
N VAL E 45 -29.06 -17.62 35.02
CA VAL E 45 -30.40 -17.05 35.04
C VAL E 45 -31.40 -18.07 34.52
N ASN E 46 -32.48 -18.28 35.27
CA ASN E 46 -33.55 -19.17 34.85
C ASN E 46 -34.70 -18.39 34.22
N PHE E 47 -35.25 -18.93 33.13
CA PHE E 47 -36.35 -18.31 32.41
C PHE E 47 -37.52 -19.26 32.42
N ARG E 48 -38.51 -18.97 33.26
CA ARG E 48 -39.64 -19.88 33.43
C ARG E 48 -40.57 -19.89 32.22
N GLU E 49 -40.54 -18.83 31.43
CA GLU E 49 -41.45 -18.67 30.31
C GLU E 49 -40.81 -18.85 28.95
N ILE E 50 -39.49 -19.03 28.91
CA ILE E 50 -38.80 -19.15 27.63
C ILE E 50 -38.27 -20.57 27.47
N PRO E 51 -38.84 -21.34 26.51
CA PRO E 51 -38.36 -22.69 26.27
C PRO E 51 -37.12 -22.71 25.34
N SER E 52 -36.57 -23.91 25.15
CA SER E 52 -35.27 -24.07 24.52
C SER E 52 -35.27 -23.72 23.04
N HIS E 53 -36.39 -23.95 22.36
CA HIS E 53 -36.46 -23.63 20.93
C HIS E 53 -36.51 -22.12 20.67
N VAL E 54 -36.80 -21.33 21.70
CA VAL E 54 -36.74 -19.86 21.62
C VAL E 54 -35.41 -19.33 22.19
N LEU E 55 -35.02 -19.82 23.36
CA LEU E 55 -33.82 -19.29 24.02
C LEU E 55 -32.55 -19.62 23.24
N SER E 56 -32.55 -20.76 22.55
CA SER E 56 -31.44 -21.09 21.66
C SER E 56 -31.29 -20.02 20.59
N LYS E 57 -32.42 -19.59 20.05
CA LYS E 57 -32.42 -18.51 19.05
C LYS E 57 -31.99 -17.17 19.59
N VAL E 58 -32.41 -16.85 20.81
CA VAL E 58 -32.00 -15.60 21.43
C VAL E 58 -30.48 -15.56 21.52
N CYS E 59 -29.87 -16.68 21.93
CA CYS E 59 -28.42 -16.77 22.02
C CYS E 59 -27.74 -16.63 20.69
N MET E 60 -28.34 -17.23 19.66
CA MET E 60 -27.81 -17.05 18.32
C MET E 60 -27.88 -15.57 17.95
N TYR E 61 -28.99 -14.91 18.30
CA TYR E 61 -29.09 -13.46 18.07
C TYR E 61 -27.91 -12.71 18.71
N PHE E 62 -27.60 -12.99 19.98
CA PHE E 62 -26.49 -12.29 20.61
C PHE E 62 -25.23 -12.43 19.76
N THR E 63 -24.94 -13.65 19.34
CA THR E 63 -23.76 -13.95 18.55
C THR E 63 -23.77 -13.12 17.26
N TYR E 64 -24.92 -13.14 16.57
CA TYR E 64 -25.15 -12.38 15.34
C TYR E 64 -24.94 -10.88 15.54
N LYS E 65 -25.58 -10.34 16.56
CA LYS E 65 -25.49 -8.92 16.86
C LYS E 65 -24.05 -8.50 17.11
N VAL E 66 -23.36 -9.22 17.99
CA VAL E 66 -22.00 -8.83 18.37
C VAL E 66 -21.01 -8.96 17.19
N ARG E 67 -21.28 -9.90 16.29
CA ARG E 67 -20.44 -10.10 15.11
C ARG E 67 -20.67 -9.06 14.04
N TYR E 68 -21.91 -8.65 13.84
CA TYR E 68 -22.25 -7.76 12.73
C TYR E 68 -22.47 -6.29 13.07
N THR E 69 -22.56 -5.96 14.36
CA THR E 69 -22.65 -4.56 14.80
C THR E 69 -21.36 -3.83 14.41
N ASN E 70 -21.51 -2.65 13.80
CA ASN E 70 -20.35 -1.85 13.32
C ASN E 70 -19.50 -2.61 12.30
N SER E 71 -20.14 -3.45 11.49
CA SER E 71 -19.41 -4.25 10.53
C SER E 71 -19.45 -3.60 9.14
N SER E 72 -18.30 -3.57 8.46
CA SER E 72 -18.23 -3.07 7.09
C SER E 72 -18.73 -4.13 6.11
N THR E 73 -18.45 -5.40 6.42
CA THR E 73 -18.92 -6.54 5.63
C THR E 73 -20.44 -6.52 5.40
N GLU E 74 -20.88 -7.28 4.41
CA GLU E 74 -22.30 -7.45 4.14
C GLU E 74 -22.96 -8.20 5.29
N ILE E 75 -24.18 -7.81 5.63
CA ILE E 75 -24.88 -8.35 6.77
C ILE E 75 -25.99 -9.29 6.27
N PRO E 76 -26.03 -10.52 6.80
CA PRO E 76 -27.09 -11.44 6.37
C PRO E 76 -28.33 -11.26 7.23
N GLU E 77 -29.46 -11.73 6.71
CA GLU E 77 -30.75 -11.65 7.38
C GLU E 77 -30.71 -12.56 8.62
N PHE E 78 -31.22 -12.08 9.75
CA PHE E 78 -31.41 -12.97 10.90
C PHE E 78 -32.67 -13.80 10.62
N PRO E 79 -32.52 -15.13 10.56
CA PRO E 79 -33.63 -15.96 10.14
C PRO E 79 -34.53 -16.33 11.32
N ILE E 80 -35.84 -16.24 11.12
CA ILE E 80 -36.80 -16.62 12.16
C ILE E 80 -37.89 -17.44 11.50
N ALA E 81 -37.99 -18.70 11.89
CA ALA E 81 -39.00 -19.59 11.35
C ALA E 81 -40.39 -19.15 11.82
N PRO E 82 -41.37 -19.17 10.90
CA PRO E 82 -42.71 -18.74 11.28
C PRO E 82 -43.22 -19.33 12.60
N GLU E 83 -42.83 -20.57 12.90
CA GLU E 83 -43.33 -21.29 14.08
C GLU E 83 -42.82 -20.75 15.43
N ILE E 84 -41.70 -20.06 15.44
CA ILE E 84 -41.17 -19.52 16.70
C ILE E 84 -41.29 -18.00 16.83
N ALA E 85 -41.74 -17.33 15.76
CA ALA E 85 -41.79 -15.88 15.69
C ALA E 85 -42.57 -15.24 16.86
N LEU E 86 -43.75 -15.75 17.18
CA LEU E 86 -44.56 -15.13 18.23
C LEU E 86 -43.89 -15.19 19.60
N GLU E 87 -43.40 -16.37 19.97
CA GLU E 87 -42.73 -16.55 21.24
C GLU E 87 -41.41 -15.79 21.29
N LEU E 88 -40.67 -15.79 20.18
CA LEU E 88 -39.41 -15.06 20.13
C LEU E 88 -39.67 -13.56 20.29
N LEU E 89 -40.76 -13.08 19.72
CA LEU E 89 -41.20 -11.69 19.85
C LEU E 89 -41.45 -11.36 21.30
N MET E 90 -42.18 -12.23 21.99
CA MET E 90 -42.47 -12.01 23.41
C MET E 90 -41.19 -12.08 24.24
N ALA E 91 -40.28 -12.98 23.89
CA ALA E 91 -38.99 -13.05 24.58
C ALA E 91 -38.18 -11.76 24.36
N ALA E 92 -38.14 -11.28 23.11
CA ALA E 92 -37.35 -10.10 22.79
C ALA E 92 -37.87 -8.88 23.53
N ASN E 93 -39.19 -8.81 23.65
CA ASN E 93 -39.85 -7.74 24.34
C ASN E 93 -39.51 -7.75 25.83
N PHE E 94 -39.52 -8.94 26.43
CA PHE E 94 -39.17 -9.09 27.83
C PHE E 94 -37.70 -8.74 28.09
N LEU E 95 -36.82 -9.21 27.20
CA LEU E 95 -35.36 -9.00 27.33
C LEU E 95 -34.85 -7.64 26.80
N ASP E 96 -35.73 -6.90 26.14
CA ASP E 96 -35.41 -5.60 25.56
C ASP E 96 -34.25 -5.65 24.58
N CYS E 97 -34.34 -6.53 23.60
CA CYS E 97 -33.22 -6.75 22.68
C CYS E 97 -33.70 -6.94 21.23
N VAL F 11 -35.55 21.14 7.95
CA VAL F 11 -34.08 20.97 8.17
C VAL F 11 -33.48 19.90 7.24
N LEU F 12 -34.11 18.73 7.18
CA LEU F 12 -33.64 17.67 6.29
C LEU F 12 -34.14 17.92 4.86
N ARG F 13 -33.27 18.56 4.08
CA ARG F 13 -33.57 18.94 2.70
C ARG F 13 -32.27 18.86 1.90
N SER F 14 -32.39 18.53 0.63
CA SER F 14 -31.26 18.66 -0.27
C SER F 14 -30.96 20.14 -0.52
N VAL F 15 -29.68 20.48 -0.60
CA VAL F 15 -29.24 21.83 -1.01
C VAL F 15 -29.02 21.82 -2.52
N ASN F 16 -29.46 22.88 -3.19
CA ASN F 16 -29.24 22.98 -4.63
C ASN F 16 -27.80 23.40 -4.96
N SER F 17 -26.88 22.45 -4.91
CA SER F 17 -25.45 22.75 -5.04
C SER F 17 -25.00 22.98 -6.49
N ARG F 18 -25.64 22.29 -7.43
CA ARG F 18 -25.25 22.34 -8.84
C ARG F 18 -23.85 21.74 -9.11
N GLU F 19 -23.34 20.95 -8.16
CA GLU F 19 -22.07 20.22 -8.31
C GLU F 19 -22.36 18.74 -8.56
N PRO F 20 -22.17 18.27 -9.81
CA PRO F 20 -22.42 16.85 -10.09
C PRO F 20 -21.65 15.91 -9.17
N SER F 21 -22.28 14.81 -8.82
CA SER F 21 -21.63 13.76 -8.06
C SER F 21 -22.23 12.46 -8.52
N GLN F 22 -21.41 11.59 -9.10
CA GLN F 22 -21.88 10.31 -9.61
C GLN F 22 -21.72 9.27 -8.51
N VAL F 23 -22.70 8.38 -8.43
CA VAL F 23 -22.80 7.43 -7.32
C VAL F 23 -23.15 6.04 -7.84
N ILE F 24 -22.59 5.01 -7.22
CA ILE F 24 -23.09 3.66 -7.41
C ILE F 24 -23.97 3.32 -6.21
N PHE F 25 -25.26 3.14 -6.45
CA PHE F 25 -26.16 2.56 -5.46
C PHE F 25 -25.97 1.05 -5.52
N CAS F 26 -25.38 0.48 -4.49
CA CAS F 26 -25.05 -0.95 -4.45
CB CAS F 26 -23.55 -1.09 -4.17
C CAS F 26 -25.86 -1.60 -3.38
O CAS F 26 -25.62 -1.40 -2.19
SG CAS F 26 -23.07 -2.79 -4.08
AS CAS F 26 -23.21 -3.42 -6.20
CE1 CAS F 26 -24.32 -5.04 -6.32
CE2 CAS F 26 -21.39 -3.89 -6.79
N ASN F 27 -26.85 -2.39 -3.79
CA ASN F 27 -27.74 -3.08 -2.87
C ASN F 27 -27.10 -4.37 -2.37
N ARG F 28 -26.31 -4.30 -1.31
CA ARG F 28 -25.77 -5.51 -0.71
C ARG F 28 -26.70 -5.99 0.40
N SER F 29 -27.98 -6.16 0.06
CA SER F 29 -28.99 -6.60 1.00
C SER F 29 -29.84 -7.64 0.32
N PRO F 30 -30.59 -8.44 1.09
CA PRO F 30 -31.51 -9.40 0.51
C PRO F 30 -32.87 -8.78 0.16
N ARG F 31 -33.05 -7.48 0.39
CA ARG F 31 -34.33 -6.81 0.19
C ARG F 31 -34.36 -6.09 -1.16
N VAL F 32 -35.56 -5.86 -1.68
CA VAL F 32 -35.74 -4.95 -2.81
C VAL F 32 -35.65 -3.56 -2.24
N VAL F 33 -34.73 -2.74 -2.76
CA VAL F 33 -34.44 -1.43 -2.17
C VAL F 33 -35.18 -0.31 -2.90
N LEU F 34 -35.74 0.60 -2.11
CA LEU F 34 -36.37 1.81 -2.58
C LEU F 34 -35.43 2.95 -2.19
N PRO F 35 -34.75 3.58 -3.18
CA PRO F 35 -34.02 4.79 -2.83
C PRO F 35 -35.00 5.94 -2.63
N VAL F 36 -34.75 6.78 -1.62
CA VAL F 36 -35.57 7.96 -1.41
C VAL F 36 -34.70 9.23 -1.39
N TRP F 37 -34.98 10.16 -2.30
CA TRP F 37 -34.32 11.47 -2.31
C TRP F 37 -35.18 12.46 -1.54
N LEU F 38 -34.55 13.23 -0.65
CA LEU F 38 -35.28 14.30 0.02
C LEU F 38 -35.11 15.55 -0.86
N ASN F 39 -36.22 16.10 -1.33
CA ASN F 39 -36.16 17.19 -2.29
C ASN F 39 -35.85 18.52 -1.60
N PHE F 40 -35.98 19.62 -2.30
CA PHE F 40 -35.52 20.90 -1.76
C PHE F 40 -36.42 21.46 -0.66
N ASP F 41 -37.67 20.99 -0.66
CA ASP F 41 -38.64 21.27 0.39
C ASP F 41 -38.66 20.22 1.51
N GLY F 42 -37.86 19.17 1.37
CA GLY F 42 -37.78 18.14 2.40
C GLY F 42 -38.77 17.01 2.22
N GLU F 43 -39.45 16.97 1.07
CA GLU F 43 -40.40 15.88 0.77
C GLU F 43 -39.68 14.65 0.26
N PRO F 44 -40.04 13.45 0.77
CA PRO F 44 -39.41 12.25 0.23
C PRO F 44 -39.84 12.01 -1.22
N GLN F 45 -38.87 11.82 -2.09
CA GLN F 45 -39.17 11.48 -3.49
C GLN F 45 -38.65 10.07 -3.76
N PRO F 46 -39.56 9.12 -4.02
CA PRO F 46 -39.16 7.76 -4.32
C PRO F 46 -38.54 7.64 -5.72
N TYR F 47 -37.58 6.74 -5.84
CA TYR F 47 -36.86 6.52 -7.10
C TYR F 47 -36.96 5.04 -7.47
N PRO F 48 -36.57 4.67 -8.70
CA PRO F 48 -36.74 3.26 -9.09
C PRO F 48 -36.05 2.26 -8.13
N THR F 49 -36.63 1.07 -8.01
CA THR F 49 -36.17 0.10 -7.02
C THR F 49 -35.00 -0.73 -7.53
N LEU F 50 -34.28 -1.32 -6.59
CA LEU F 50 -33.12 -2.14 -6.92
C LEU F 50 -33.32 -3.55 -6.39
N PRO F 51 -33.32 -4.56 -7.28
CA PRO F 51 -33.40 -5.94 -6.78
C PRO F 51 -32.20 -6.27 -5.88
N PRO F 52 -32.34 -7.28 -5.01
CA PRO F 52 -31.24 -7.70 -4.15
C PRO F 52 -29.96 -7.93 -4.92
N GLY F 53 -28.83 -7.49 -4.38
CA GLY F 53 -27.53 -7.84 -4.96
C GLY F 53 -27.15 -7.10 -6.23
N THR F 54 -27.98 -6.17 -6.68
CA THR F 54 -27.71 -5.42 -7.90
C THR F 54 -27.26 -4.00 -7.61
N GLY F 55 -26.68 -3.37 -8.62
CA GLY F 55 -26.17 -2.00 -8.51
C GLY F 55 -26.59 -1.13 -9.68
N ARG F 56 -26.63 0.18 -9.45
CA ARG F 56 -26.97 1.14 -10.49
C ARG F 56 -26.06 2.33 -10.35
N ARG F 57 -25.53 2.80 -11.46
CA ARG F 57 -24.75 4.03 -11.50
C ARG F 57 -25.71 5.18 -11.74
N ILE F 58 -25.65 6.18 -10.87
CA ILE F 58 -26.62 7.28 -10.92
C ILE F 58 -26.00 8.65 -10.76
N HIS F 59 -26.70 9.65 -11.29
CA HIS F 59 -26.27 11.05 -11.24
C HIS F 59 -27.03 11.79 -10.16
N SER F 60 -26.28 12.33 -9.20
CA SER F 60 -26.83 13.10 -8.12
C SER F 60 -25.96 14.35 -7.95
N TYR F 61 -26.08 15.03 -6.82
CA TYR F 61 -25.31 16.25 -6.59
C TYR F 61 -24.83 16.35 -5.16
N ARG F 62 -23.73 17.05 -4.95
CA ARG F 62 -23.24 17.29 -3.59
C ARG F 62 -24.30 18.01 -2.77
N GLY F 63 -24.35 17.69 -1.48
CA GLY F 63 -25.35 18.23 -0.56
C GLY F 63 -26.78 17.71 -0.75
N HIS F 64 -26.97 16.71 -1.61
CA HIS F 64 -28.27 16.06 -1.74
C HIS F 64 -28.36 14.95 -0.71
N LEU F 65 -29.56 14.72 -0.18
CA LEU F 65 -29.75 13.74 0.89
C LEU F 65 -30.56 12.56 0.39
N TRP F 66 -30.06 11.36 0.68
CA TRP F 66 -30.74 10.11 0.31
C TRP F 66 -30.91 9.19 1.51
N LEU F 67 -32.01 8.43 1.52
CA LEU F 67 -32.12 7.27 2.40
C LEU F 67 -32.64 6.07 1.62
N PHE F 68 -32.58 4.88 2.23
CA PHE F 68 -32.96 3.64 1.57
C PHE F 68 -33.85 2.75 2.42
N ARG F 69 -34.86 2.17 1.78
CA ARG F 69 -35.84 1.35 2.47
C ARG F 69 -36.08 0.07 1.72
N ASP F 70 -36.57 -0.93 2.43
CA ASP F 70 -37.20 -2.08 1.80
C ASP F 70 -38.44 -1.55 1.07
N ALA F 71 -38.55 -1.85 -0.22
CA ALA F 71 -39.65 -1.35 -1.03
C ALA F 71 -41.03 -1.94 -0.67
N GLY F 72 -41.07 -3.17 -0.17
CA GLY F 72 -42.34 -3.80 0.19
C GLY F 72 -42.86 -3.41 1.57
N THR F 73 -41.95 -3.32 2.55
CA THR F 73 -42.31 -3.16 3.95
C THR F 73 -41.96 -1.79 4.53
N HIS F 74 -41.06 -1.06 3.85
CA HIS F 74 -40.48 0.19 4.35
C HIS F 74 -39.56 0.07 5.58
N ASP F 75 -39.12 -1.14 5.91
CA ASP F 75 -38.06 -1.32 6.91
C ASP F 75 -36.85 -0.45 6.58
N GLY F 76 -36.21 0.08 7.61
CA GLY F 76 -35.04 0.91 7.45
C GLY F 76 -33.88 0.08 6.97
N LEU F 77 -33.07 0.67 6.09
CA LEU F 77 -31.79 0.09 5.66
C LEU F 77 -30.68 1.08 5.97
N LEU F 78 -29.44 0.60 6.01
CA LEU F 78 -28.27 1.48 6.17
C LEU F 78 -27.57 1.70 4.81
N VAL F 79 -26.91 2.84 4.69
CA VAL F 79 -26.09 3.16 3.53
C VAL F 79 -24.76 3.70 4.08
N ASN F 80 -23.67 3.02 3.73
CA ASN F 80 -22.37 3.18 4.39
C ASN F 80 -22.47 3.29 5.92
N GLN F 81 -23.16 2.32 6.52
CA GLN F 81 -23.21 2.20 7.98
C GLN F 81 -24.05 3.24 8.69
N THR F 82 -24.75 4.10 7.96
CA THR F 82 -25.58 5.16 8.56
C THR F 82 -26.92 5.26 7.84
N GLU F 83 -27.78 6.13 8.35
CA GLU F 83 -29.14 6.29 7.83
C GLU F 83 -29.25 7.20 6.60
N LEU F 84 -28.49 8.29 6.59
CA LEU F 84 -28.52 9.23 5.47
C LEU F 84 -27.24 9.21 4.63
N PHE F 85 -27.42 9.44 3.34
CA PHE F 85 -26.31 9.42 2.41
C PHE F 85 -26.27 10.74 1.70
N VAL F 86 -25.10 11.38 1.74
CA VAL F 86 -24.86 12.63 1.06
C VAL F 86 -23.73 12.41 0.06
N PRO F 87 -24.01 12.56 -1.24
CA PRO F 87 -22.93 12.36 -2.22
C PRO F 87 -21.76 13.31 -1.99
N SER F 88 -20.55 12.77 -1.99
CA SER F 88 -19.35 13.56 -1.73
C SER F 88 -18.57 13.85 -3.02
N LEU F 89 -17.39 14.44 -2.86
CA LEU F 89 -16.53 14.80 -3.96
C LEU F 89 -15.98 13.58 -4.71
N ASN F 90 -16.23 13.53 -6.02
CA ASN F 90 -15.61 12.51 -6.89
C ASN F 90 -14.13 12.83 -7.13
N VAL F 91 -13.24 11.99 -6.62
CA VAL F 91 -11.79 12.16 -6.79
C VAL F 91 -11.29 11.32 -7.96
N ASP F 92 -10.66 11.99 -8.93
CA ASP F 92 -10.14 11.35 -10.16
C ASP F 92 -11.24 10.58 -10.91
N GLY F 93 -12.40 11.21 -11.05
CA GLY F 93 -13.54 10.63 -11.79
C GLY F 93 -14.09 9.28 -11.31
N GLN F 94 -13.82 8.91 -10.06
CA GLN F 94 -14.35 7.65 -9.52
C GLN F 94 -15.67 7.95 -8.84
N PRO F 95 -16.70 7.11 -9.08
CA PRO F 95 -17.99 7.34 -8.43
C PRO F 95 -17.92 7.04 -6.93
N ILE F 96 -18.82 7.66 -6.17
CA ILE F 96 -18.92 7.37 -4.75
C ILE F 96 -19.73 6.09 -4.60
N PHE F 97 -19.28 5.19 -3.73
CA PHE F 97 -20.06 3.99 -3.45
C PHE F 97 -21.05 4.20 -2.29
N ALA F 98 -22.33 3.95 -2.57
CA ALA F 98 -23.35 3.88 -1.51
C ALA F 98 -23.66 2.41 -1.27
N ASN F 99 -23.04 1.85 -0.22
CA ASN F 99 -23.21 0.45 0.12
C ASN F 99 -24.44 0.31 1.00
N ILE F 100 -25.49 -0.23 0.42
CA ILE F 100 -26.77 -0.35 1.08
C ILE F 100 -26.85 -1.73 1.71
N THR F 101 -27.12 -1.79 3.01
CA THR F 101 -27.08 -3.04 3.79
C THR F 101 -28.23 -3.09 4.77
N LEU F 102 -28.53 -4.30 5.23
CA LEU F 102 -29.41 -4.47 6.38
C LEU F 102 -28.72 -3.81 7.55
N PRO F 103 -29.48 -3.16 8.44
CA PRO F 103 -28.90 -2.88 9.73
C PRO F 103 -28.91 -4.17 10.55
N VAL F 104 -28.25 -4.17 11.71
CA VAL F 104 -28.54 -5.18 12.71
C VAL F 104 -29.80 -4.73 13.42
N TYR F 105 -30.95 -5.21 12.95
CA TYR F 105 -32.21 -4.92 13.62
C TYR F 105 -32.13 -5.47 15.02
N THR F 106 -32.91 -4.88 15.93
CA THR F 106 -33.11 -5.49 17.22
C THR F 106 -33.92 -6.75 17.00
N LEU F 107 -33.79 -7.69 17.91
CA LEU F 107 -34.50 -8.95 17.80
C LEU F 107 -36.00 -8.66 17.78
N LYS F 108 -36.43 -7.75 18.65
CA LYS F 108 -37.85 -7.35 18.66
C LYS F 108 -38.29 -6.87 17.29
N GLU F 109 -37.55 -5.91 16.74
CA GLU F 109 -37.94 -5.38 15.45
C GLU F 109 -37.91 -6.47 14.36
N ARG F 110 -36.91 -7.34 14.40
CA ARG F 110 -36.84 -8.43 13.42
C ARG F 110 -38.03 -9.37 13.57
N CYS F 111 -38.42 -9.66 14.81
CA CYS F 111 -39.61 -10.47 15.04
C CYS F 111 -40.86 -9.79 14.51
N LEU F 112 -40.97 -8.48 14.72
CA LEU F 112 -42.13 -7.73 14.26
C LEU F 112 -42.22 -7.83 12.74
N GLN F 113 -41.07 -7.75 12.05
CA GLN F 113 -41.04 -7.86 10.59
C GLN F 113 -41.60 -9.18 10.11
N VAL F 114 -41.21 -10.26 10.76
CA VAL F 114 -41.61 -11.59 10.32
C VAL F 114 -43.10 -11.83 10.61
N VAL F 115 -43.57 -11.41 11.78
CA VAL F 115 -44.99 -11.49 12.10
C VAL F 115 -45.82 -10.66 11.12
N ARG F 116 -45.34 -9.46 10.78
CA ARG F 116 -46.01 -8.62 9.79
C ARG F 116 -46.12 -9.30 8.40
N SER F 117 -45.07 -10.01 8.01
CA SER F 117 -45.03 -10.66 6.71
C SER F 117 -45.96 -11.87 6.61
N LEU F 118 -46.32 -12.44 7.76
CA LEU F 118 -47.23 -13.60 7.83
C LEU F 118 -48.67 -13.28 8.20
N VAL F 119 -48.90 -12.24 8.97
CA VAL F 119 -50.23 -11.92 9.47
C VAL F 119 -50.78 -10.71 8.75
N LYS F 120 -52.00 -10.83 8.26
CA LYS F 120 -52.68 -9.71 7.61
C LYS F 120 -53.00 -8.70 8.69
N PRO F 121 -52.85 -7.40 8.38
CA PRO F 121 -53.14 -6.37 9.38
C PRO F 121 -54.45 -6.53 10.16
N GLU F 122 -55.51 -6.96 9.48
CA GLU F 122 -56.80 -7.13 10.14
C GLU F 122 -56.80 -8.24 11.19
N ASN F 123 -55.80 -9.13 11.14
CA ASN F 123 -55.69 -10.21 12.11
C ASN F 123 -54.64 -10.00 13.22
N TYR F 124 -53.93 -8.87 13.23
CA TYR F 124 -53.00 -8.59 14.36
C TYR F 124 -53.72 -8.75 15.70
N ARG F 125 -54.98 -8.28 15.76
CA ARG F 125 -55.73 -8.34 17.02
C ARG F 125 -56.18 -9.74 17.44
N ARG F 126 -56.08 -10.71 16.53
CA ARG F 126 -56.39 -12.10 16.89
C ARG F 126 -55.21 -12.77 17.61
N LEU F 127 -54.01 -12.20 17.48
CA LEU F 127 -52.80 -12.81 18.05
C LEU F 127 -52.80 -12.72 19.56
N ASP F 128 -52.46 -13.81 20.25
CA ASP F 128 -52.48 -13.81 21.72
C ASP F 128 -51.20 -13.15 22.28
N ILE F 129 -51.23 -11.83 22.43
CA ILE F 129 -50.07 -11.04 22.86
C ILE F 129 -50.54 -9.81 23.61
N VAL F 130 -49.62 -9.17 24.35
CA VAL F 130 -49.96 -7.95 25.09
C VAL F 130 -50.29 -6.80 24.14
N ARG F 131 -51.14 -5.88 24.60
CA ARG F 131 -51.64 -4.78 23.77
C ARG F 131 -50.53 -3.92 23.18
N SER F 132 -49.48 -3.71 23.97
CA SER F 132 -48.35 -2.89 23.53
C SER F 132 -47.69 -3.49 22.28
N LEU F 133 -47.82 -4.81 22.10
CA LEU F 133 -47.28 -5.50 20.92
C LEU F 133 -48.21 -5.39 19.72
N TYR F 134 -49.52 -5.41 19.96
CA TYR F 134 -50.48 -5.11 18.88
C TYR F 134 -50.11 -3.77 18.32
N GLU F 135 -49.96 -2.79 19.18
CA GLU F 135 -49.58 -1.45 18.76
C GLU F 135 -48.29 -1.47 17.96
N ASP F 136 -47.26 -2.10 18.50
CA ASP F 136 -45.94 -2.14 17.84
C ASP F 136 -46.00 -2.74 16.44
N LEU F 137 -46.74 -3.83 16.29
CA LEU F 137 -46.98 -4.39 14.96
C LEU F 137 -47.67 -3.37 14.03
N GLU F 138 -48.66 -2.69 14.59
CA GLU F 138 -49.49 -1.71 13.88
C GLU F 138 -48.66 -0.51 13.44
N ASP F 139 -47.73 -0.07 14.29
CA ASP F 139 -46.91 1.10 13.98
C ASP F 139 -45.82 0.74 12.97
N HIS F 140 -46.21 0.59 11.71
CA HIS F 140 -45.29 0.15 10.64
C HIS F 140 -44.14 1.12 10.48
N PRO F 141 -42.96 0.61 10.11
CA PRO F 141 -41.91 1.52 9.68
C PRO F 141 -42.43 2.41 8.55
N ASN F 142 -41.85 3.60 8.47
CA ASN F 142 -42.45 4.67 7.70
C ASN F 142 -41.43 5.81 7.64
N VAL F 143 -41.22 6.37 6.45
CA VAL F 143 -40.17 7.37 6.23
C VAL F 143 -40.43 8.67 6.98
N GLN F 144 -41.66 9.13 6.93
CA GLN F 144 -42.08 10.36 7.62
C GLN F 144 -41.70 10.37 9.10
N LYS F 145 -41.98 9.27 9.80
CA LYS F 145 -41.64 9.13 11.22
C LYS F 145 -40.14 9.11 11.44
N ASP F 146 -39.40 8.48 10.53
CA ASP F 146 -37.94 8.53 10.62
C ASP F 146 -37.40 9.93 10.36
N LEU F 147 -38.01 10.66 9.44
CA LEU F 147 -37.61 12.05 9.21
C LEU F 147 -37.89 12.91 10.45
N GLU F 148 -39.05 12.72 11.07
CA GLU F 148 -39.35 13.37 12.34
C GLU F 148 -38.34 12.99 13.43
N ARG F 149 -37.98 11.72 13.52
CA ARG F 149 -37.00 11.25 14.51
C ARG F 149 -35.65 11.93 14.29
N LEU F 150 -35.17 11.94 13.05
CA LEU F 150 -33.87 12.52 12.73
C LEU F 150 -33.82 14.03 12.98
N THR F 151 -34.97 14.69 12.85
CA THR F 151 -35.08 16.11 13.11
C THR F 151 -34.91 16.41 14.62
N GLN F 152 -35.78 15.83 15.45
CA GLN F 152 -35.69 15.99 16.91
C GLN F 152 -34.35 15.48 17.46
N GLU F 153 -33.90 14.34 16.94
CA GLU F 153 -32.57 13.81 17.25
C GLU F 153 -31.50 14.49 16.38
N ARG F 154 -31.25 15.78 16.64
CA ARG F 154 -30.29 16.57 15.86
C ARG F 154 -28.92 16.56 16.53
N MET G 1 4.85 -9.90 -32.02
CA MET G 1 3.45 -9.96 -32.54
C MET G 1 2.51 -10.50 -31.47
N ASP G 2 1.61 -9.65 -30.97
CA ASP G 2 0.71 -10.04 -29.90
C ASP G 2 -0.39 -10.96 -30.43
N VAL G 3 -0.89 -11.82 -29.53
CA VAL G 3 -2.03 -12.67 -29.82
C VAL G 3 -2.94 -12.56 -28.60
N PHE G 4 -4.26 -12.65 -28.81
CA PHE G 4 -5.20 -12.40 -27.72
C PHE G 4 -6.12 -13.60 -27.47
N LEU G 5 -6.17 -14.02 -26.20
CA LEU G 5 -6.71 -15.35 -25.85
C LEU G 5 -7.78 -15.38 -24.77
N MET G 6 -8.71 -16.32 -24.92
CA MET G 6 -9.61 -16.75 -23.85
C MET G 6 -9.22 -18.17 -23.49
N ILE G 7 -8.68 -18.39 -22.29
CA ILE G 7 -8.34 -19.74 -21.85
C ILE G 7 -9.52 -20.26 -21.03
N ARG G 8 -10.12 -21.34 -21.48
CA ARG G 8 -11.42 -21.74 -20.98
C ARG G 8 -11.50 -23.17 -20.44
N ARG G 9 -11.90 -23.27 -19.18
CA ARG G 9 -12.21 -24.54 -18.51
C ARG G 9 -13.56 -24.40 -17.81
N HIS G 10 -14.47 -25.35 -18.04
CA HIS G 10 -15.78 -25.38 -17.35
C HIS G 10 -16.43 -23.99 -17.42
N LYS G 11 -16.63 -23.32 -16.28
CA LYS G 11 -17.21 -21.95 -16.25
C LYS G 11 -16.19 -20.85 -15.94
N THR G 12 -14.92 -21.19 -16.12
CA THR G 12 -13.81 -20.25 -15.97
C THR G 12 -13.30 -19.85 -17.36
N THR G 13 -13.16 -18.56 -17.58
CA THR G 13 -12.60 -18.02 -18.83
C THR G 13 -11.55 -16.99 -18.43
N ILE G 14 -10.28 -17.24 -18.77
CA ILE G 14 -9.22 -16.26 -18.54
C ILE G 14 -9.02 -15.45 -19.81
N PHE G 15 -8.93 -14.12 -19.69
CA PHE G 15 -8.56 -13.22 -20.80
C PHE G 15 -7.11 -12.82 -20.62
N THR G 16 -6.29 -13.09 -21.63
CA THR G 16 -4.89 -12.65 -21.62
C THR G 16 -4.26 -12.75 -23.00
N ASP G 17 -3.11 -12.10 -23.12
CA ASP G 17 -2.37 -12.07 -24.36
C ASP G 17 -1.01 -12.70 -24.17
N ALA G 18 -0.31 -12.88 -25.28
CA ALA G 18 1.01 -13.47 -25.31
C ALA G 18 1.63 -13.19 -26.68
N LYS G 19 2.89 -13.56 -26.87
CA LYS G 19 3.55 -13.37 -28.16
C LYS G 19 3.30 -14.57 -29.08
N GLU G 20 3.37 -14.34 -30.39
CA GLU G 20 3.26 -15.41 -31.37
C GLU G 20 4.35 -16.47 -31.15
N SER G 21 5.53 -16.02 -30.73
CA SER G 21 6.71 -16.88 -30.56
C SER G 21 6.76 -17.58 -29.20
N SER G 22 5.95 -17.14 -28.24
CA SER G 22 5.89 -17.78 -26.92
C SER G 22 5.26 -19.17 -27.01
N THR G 23 5.66 -20.06 -26.09
CA THR G 23 5.32 -21.48 -26.15
C THR G 23 4.07 -21.84 -25.34
N VAL G 24 3.60 -23.07 -25.53
CA VAL G 24 2.44 -23.58 -24.80
C VAL G 24 2.74 -23.68 -23.30
N PHE G 25 3.98 -24.08 -22.96
CA PHE G 25 4.44 -24.17 -21.57
C PHE G 25 4.49 -22.79 -20.88
N GLU G 26 4.93 -21.78 -21.62
CA GLU G 26 4.96 -20.41 -21.07
C GLU G 26 3.54 -19.92 -20.78
N LEU G 27 2.59 -20.33 -21.62
CA LEU G 27 1.17 -20.05 -21.39
C LEU G 27 0.66 -20.81 -20.15
N LYS G 28 1.08 -22.06 -19.99
CA LYS G 28 0.77 -22.84 -18.78
C LYS G 28 1.29 -22.18 -17.49
N ARG G 29 2.45 -21.51 -17.57
CA ARG G 29 2.98 -20.73 -16.44
C ARG G 29 2.06 -19.57 -16.06
N ILE G 30 1.59 -18.84 -17.06
CA ILE G 30 0.62 -17.77 -16.84
C ILE G 30 -0.65 -18.31 -16.15
N VAL G 31 -1.17 -19.44 -16.64
CA VAL G 31 -2.34 -20.09 -16.02
C VAL G 31 -2.08 -20.46 -14.56
N GLU G 32 -0.88 -20.97 -14.27
CA GLU G 32 -0.49 -21.34 -12.90
C GLU G 32 -0.54 -20.15 -11.96
N GLY G 33 -0.04 -19.01 -12.42
CA GLY G 33 -0.08 -17.78 -11.63
C GLY G 33 -1.49 -17.40 -11.23
N ILE G 34 -2.46 -17.67 -12.10
CA ILE G 34 -3.86 -17.30 -11.86
C ILE G 34 -4.62 -18.38 -11.07
N LEU G 35 -4.62 -19.62 -11.57
CA LEU G 35 -5.46 -20.69 -11.01
C LEU G 35 -4.73 -21.65 -10.05
N LYS G 36 -3.45 -21.36 -9.77
CA LYS G 36 -2.65 -22.07 -8.76
C LYS G 36 -2.51 -23.59 -9.00
N ARG G 37 -2.30 -23.96 -10.26
CA ARG G 37 -2.04 -25.35 -10.65
C ARG G 37 -0.81 -25.35 -11.55
N PRO G 38 0.19 -26.18 -11.23
CA PRO G 38 1.42 -26.19 -12.04
C PRO G 38 1.20 -26.69 -13.50
N PRO G 39 2.15 -26.39 -14.42
CA PRO G 39 2.06 -26.81 -15.82
C PRO G 39 1.77 -28.31 -16.03
N ASP G 40 2.38 -29.18 -15.22
CA ASP G 40 2.23 -30.64 -15.37
C ASP G 40 0.84 -31.17 -14.97
N GLU G 41 0.05 -30.33 -14.29
CA GLU G 41 -1.36 -30.62 -14.01
C GLU G 41 -2.33 -29.92 -14.99
N GLN G 42 -1.81 -29.40 -16.11
CA GLN G 42 -2.63 -28.72 -17.11
C GLN G 42 -2.49 -29.32 -18.48
N ARG G 43 -3.62 -29.53 -19.15
CA ARG G 43 -3.62 -29.81 -20.58
C ARG G 43 -4.22 -28.61 -21.32
N LEU G 44 -3.62 -28.23 -22.45
CA LEU G 44 -4.16 -27.14 -23.27
C LEU G 44 -4.48 -27.61 -24.68
N TYR G 45 -5.58 -27.08 -25.21
CA TYR G 45 -6.15 -27.57 -26.46
C TYR G 45 -6.49 -26.44 -27.42
N LYS G 46 -6.12 -26.64 -28.69
CA LYS G 46 -6.75 -25.92 -29.77
C LYS G 46 -7.89 -26.79 -30.28
N ASP G 47 -9.12 -26.38 -30.00
CA ASP G 47 -10.31 -27.20 -30.27
C ASP G 47 -10.16 -28.58 -29.55
N ASP G 48 -10.02 -29.68 -30.29
CA ASP G 48 -9.78 -31.01 -29.68
C ASP G 48 -8.31 -31.45 -29.70
N GLN G 49 -7.44 -30.70 -30.37
CA GLN G 49 -6.01 -31.07 -30.49
C GLN G 49 -5.22 -30.71 -29.23
N LEU G 50 -4.61 -31.71 -28.61
CA LEU G 50 -3.69 -31.49 -27.50
C LEU G 50 -2.44 -30.74 -27.97
N LEU G 51 -2.11 -29.65 -27.29
CA LEU G 51 -1.02 -28.77 -27.71
C LEU G 51 0.29 -29.13 -27.01
N ASP G 52 1.33 -29.37 -27.81
CA ASP G 52 2.67 -29.71 -27.29
C ASP G 52 3.30 -28.55 -26.54
N ASP G 53 3.92 -28.83 -25.40
CA ASP G 53 4.60 -27.80 -24.58
C ASP G 53 5.66 -27.01 -25.34
N GLY G 54 6.49 -27.71 -26.11
CA GLY G 54 7.63 -27.07 -26.78
C GLY G 54 7.28 -26.23 -28.00
N LYS G 55 6.02 -26.28 -28.42
CA LYS G 55 5.57 -25.58 -29.62
C LYS G 55 5.10 -24.15 -29.33
N THR G 56 5.33 -23.28 -30.31
CA THR G 56 4.93 -21.87 -30.22
C THR G 56 3.44 -21.74 -30.52
N LEU G 57 2.85 -20.64 -30.06
CA LEU G 57 1.47 -20.34 -30.33
C LEU G 57 1.27 -20.11 -31.84
N GLY G 58 2.25 -19.46 -32.48
CA GLY G 58 2.19 -19.19 -33.91
C GLY G 58 2.23 -20.41 -34.82
N GLU G 59 2.89 -21.46 -34.34
CA GLU G 59 2.96 -22.73 -35.06
C GLU G 59 1.64 -23.46 -34.97
N CAS G 60 0.98 -23.34 -33.82
CA CAS G 60 -0.32 -23.97 -33.60
CB CAS G 60 -0.57 -24.12 -32.09
C CAS G 60 -1.45 -23.20 -34.22
O CAS G 60 -2.62 -23.53 -34.00
SG CAS G 60 0.52 -25.28 -31.34
AS CAS G 60 0.24 -27.13 -32.58
CE1 CAS G 60 1.75 -27.25 -33.89
CE2 CAS G 60 0.22 -28.79 -31.47
N GLY G 61 -1.15 -22.16 -34.99
CA GLY G 61 -2.16 -21.41 -35.74
C GLY G 61 -2.75 -20.22 -35.02
N PHE G 62 -2.17 -19.85 -33.88
CA PHE G 62 -2.58 -18.63 -33.18
C PHE G 62 -1.78 -17.48 -33.77
N THR G 63 -2.45 -16.63 -34.54
CA THR G 63 -1.79 -15.53 -35.26
C THR G 63 -2.46 -14.18 -34.99
N SER G 64 -1.72 -13.10 -35.14
CA SER G 64 -2.22 -11.75 -34.86
C SER G 64 -3.60 -11.53 -35.45
N GLN G 65 -3.79 -11.97 -36.69
CA GLN G 65 -5.01 -11.65 -37.42
C GLN G 65 -6.23 -12.54 -37.11
N THR G 66 -6.04 -13.61 -36.33
CA THR G 66 -7.17 -14.43 -35.89
C THR G 66 -7.46 -14.23 -34.40
N ALA G 67 -6.42 -14.21 -33.60
CA ALA G 67 -6.55 -13.95 -32.18
C ALA G 67 -6.38 -12.45 -31.91
N ARG G 68 -7.45 -11.71 -32.15
CA ARG G 68 -7.43 -10.26 -32.02
C ARG G 68 -8.00 -9.82 -30.65
N PRO G 69 -7.66 -8.61 -30.19
CA PRO G 69 -8.18 -8.15 -28.90
C PRO G 69 -9.71 -8.19 -28.80
N GLN G 70 -10.39 -7.72 -29.85
CA GLN G 70 -11.86 -7.70 -29.89
C GLN G 70 -12.52 -9.03 -30.20
N ALA G 71 -11.73 -10.05 -30.53
CA ALA G 71 -12.22 -11.37 -30.86
C ALA G 71 -11.06 -12.35 -30.59
N PRO G 72 -10.84 -12.67 -29.30
CA PRO G 72 -9.70 -13.50 -28.92
C PRO G 72 -9.96 -14.96 -29.27
N ALA G 73 -8.88 -15.71 -29.48
CA ALA G 73 -8.98 -17.12 -29.83
C ALA G 73 -9.10 -17.96 -28.55
N THR G 74 -10.02 -18.92 -28.55
CA THR G 74 -10.20 -19.83 -27.41
C THR G 74 -9.08 -20.86 -27.31
N VAL G 75 -8.50 -21.00 -26.12
CA VAL G 75 -7.64 -22.14 -25.78
C VAL G 75 -8.37 -22.95 -24.69
N GLY G 76 -8.48 -24.26 -24.91
CA GLY G 76 -9.12 -25.16 -23.96
C GLY G 76 -8.16 -25.53 -22.86
N LEU G 77 -8.70 -25.70 -21.65
CA LEU G 77 -7.92 -26.09 -20.46
C LEU G 77 -8.58 -27.24 -19.70
N ALA G 78 -7.80 -28.32 -19.50
CA ALA G 78 -8.22 -29.47 -18.70
C ALA G 78 -7.20 -29.68 -17.58
N PHE G 79 -7.69 -29.96 -16.37
CA PHE G 79 -6.83 -30.20 -15.21
C PHE G 79 -6.60 -31.67 -14.89
N ARG G 80 -5.48 -31.96 -14.24
CA ARG G 80 -5.23 -33.27 -13.65
C ARG G 80 -5.65 -33.22 -12.18
N ALA G 81 -6.45 -34.20 -11.76
CA ALA G 81 -6.95 -34.27 -10.40
C ALA G 81 -6.65 -35.64 -9.79
N ASP G 82 -5.80 -35.64 -8.75
CA ASP G 82 -5.55 -36.82 -7.91
C ASP G 82 -4.91 -38.05 -8.61
N ASP G 83 -4.49 -37.90 -9.87
CA ASP G 83 -3.84 -38.96 -10.66
C ASP G 83 -4.05 -38.80 -12.17
N THR G 84 -5.31 -38.62 -12.59
CA THR G 84 -5.69 -38.61 -14.03
C THR G 84 -6.35 -37.31 -14.48
N PHE G 85 -6.09 -36.93 -15.73
CA PHE G 85 -6.67 -35.71 -16.30
C PHE G 85 -8.16 -35.85 -16.55
N GLU G 86 -8.89 -34.79 -16.26
CA GLU G 86 -10.30 -34.71 -16.63
C GLU G 86 -10.39 -34.53 -18.15
N ALA G 87 -11.58 -34.74 -18.69
CA ALA G 87 -11.85 -34.54 -20.11
C ALA G 87 -12.17 -33.07 -20.36
N LEU G 88 -11.71 -32.56 -21.51
CA LEU G 88 -11.95 -31.17 -21.90
C LEU G 88 -13.45 -30.85 -21.84
N CAS G 89 -13.82 -29.90 -20.96
CA CAS G 89 -15.21 -29.40 -20.83
CB CAS G 89 -15.91 -29.90 -19.55
C CAS G 89 -15.20 -27.89 -20.79
O CAS G 89 -14.52 -27.29 -19.96
SG CAS G 89 -17.47 -29.06 -19.28
AS CAS G 89 -18.66 -30.29 -20.73
CE1 CAS G 89 -19.41 -29.17 -22.18
CE2 CAS G 89 -20.13 -31.23 -19.75
N ILE G 90 -15.95 -27.26 -21.67
CA ILE G 90 -16.11 -25.81 -21.68
C ILE G 90 -17.61 -25.52 -21.67
N GLU G 91 -18.10 -24.88 -20.62
CA GLU G 91 -19.51 -24.54 -20.54
C GLU G 91 -19.77 -23.39 -21.52
N PRO G 92 -20.79 -23.52 -22.38
CA PRO G 92 -21.09 -22.43 -23.29
C PRO G 92 -21.72 -21.25 -22.54
N PHE G 93 -21.46 -20.04 -23.02
CA PHE G 93 -22.10 -18.84 -22.49
C PHE G 93 -23.60 -18.92 -22.70
N SER G 94 -24.34 -18.13 -21.94
CA SER G 94 -25.80 -18.06 -22.08
C SER G 94 -26.26 -17.72 -23.50
N SER G 95 -27.49 -18.12 -23.81
CA SER G 95 -28.14 -17.82 -25.08
C SER G 95 -28.79 -16.44 -25.02
N PRO G 96 -28.50 -15.58 -26.00
CA PRO G 96 -29.26 -14.34 -26.05
C PRO G 96 -30.74 -14.60 -26.35
N PRO G 97 -31.62 -13.68 -25.95
CA PRO G 97 -33.05 -13.84 -26.23
C PRO G 97 -33.35 -13.57 -27.70
N GLU G 98 -34.59 -13.87 -28.08
CA GLU G 98 -35.07 -13.52 -29.42
C GLU G 98 -34.94 -12.00 -29.61
N LEU G 99 -34.58 -11.60 -30.83
CA LEU G 99 -34.72 -10.21 -31.21
C LEU G 99 -36.18 -9.83 -31.01
N PRO G 100 -36.43 -8.77 -30.21
CA PRO G 100 -37.78 -8.20 -30.21
C PRO G 100 -38.24 -7.89 -31.63
N ASP G 101 -39.56 -7.80 -31.81
CA ASP G 101 -40.14 -7.61 -33.15
C ASP G 101 -39.50 -6.43 -33.87
N VAL G 102 -39.37 -5.29 -33.18
CA VAL G 102 -38.85 -4.05 -33.77
C VAL G 102 -37.43 -4.16 -34.34
N MET G 103 -36.60 -5.03 -33.77
CA MET G 103 -35.22 -5.23 -34.23
C MET G 103 -35.16 -6.25 -35.37
N MET H 2 -3.40 -8.17 -9.59
CA MET H 2 -2.98 -8.09 -11.01
C MET H 2 -3.98 -8.77 -11.96
N TYR H 3 -4.77 -9.70 -11.43
CA TYR H 3 -5.95 -10.23 -12.12
C TYR H 3 -7.16 -10.12 -11.19
N VAL H 4 -8.34 -10.06 -11.78
CA VAL H 4 -9.56 -9.85 -11.02
C VAL H 4 -10.64 -10.74 -11.61
N LYS H 5 -11.68 -11.02 -10.83
CA LYS H 5 -12.69 -11.98 -11.25
C LYS H 5 -14.06 -11.31 -11.40
N LEU H 6 -14.62 -11.40 -12.59
CA LEU H 6 -15.92 -10.82 -12.87
C LEU H 6 -16.88 -11.98 -13.12
N ILE H 7 -17.87 -12.12 -12.26
CA ILE H 7 -18.80 -13.25 -12.37
C ILE H 7 -20.12 -12.77 -12.94
N SER H 8 -20.58 -13.44 -14.00
CA SER H 8 -21.85 -13.10 -14.66
C SER H 8 -23.04 -13.59 -13.81
N SER H 9 -24.25 -13.29 -14.26
CA SER H 9 -25.49 -13.69 -13.56
C SER H 9 -25.69 -15.19 -13.57
N ASP H 10 -25.26 -15.83 -14.67
CA ASP H 10 -25.32 -17.28 -14.81
C ASP H 10 -24.03 -17.99 -14.33
N GLY H 11 -23.20 -17.26 -13.57
CA GLY H 11 -22.08 -17.84 -12.83
C GLY H 11 -20.81 -18.10 -13.62
N HIS H 12 -20.69 -17.55 -14.83
CA HIS H 12 -19.42 -17.62 -15.55
C HIS H 12 -18.40 -16.69 -14.87
N GLU H 13 -17.22 -17.21 -14.61
CA GLU H 13 -16.16 -16.48 -13.95
C GLU H 13 -15.11 -16.04 -14.97
N PHE H 14 -15.12 -14.75 -15.31
CA PHE H 14 -14.14 -14.20 -16.25
C PHE H 14 -13.02 -13.57 -15.45
N ILE H 15 -11.78 -13.86 -15.85
CA ILE H 15 -10.61 -13.38 -15.15
C ILE H 15 -9.78 -12.54 -16.11
N VAL H 16 -9.66 -11.25 -15.81
CA VAL H 16 -9.02 -10.27 -16.71
C VAL H 16 -7.98 -9.52 -15.90
N LYS H 17 -6.97 -8.96 -16.55
CA LYS H 17 -6.00 -8.10 -15.86
C LYS H 17 -6.70 -6.98 -15.10
N ARG H 18 -6.19 -6.65 -13.91
CA ARG H 18 -6.71 -5.52 -13.13
C ARG H 18 -6.77 -4.25 -13.99
N GLU H 19 -5.61 -3.83 -14.52
CA GLU H 19 -5.52 -2.64 -15.36
C GLU H 19 -6.62 -2.57 -16.43
N HIS H 20 -6.82 -3.69 -17.13
CA HIS H 20 -7.86 -3.76 -18.15
C HIS H 20 -9.25 -3.56 -17.54
N ALA H 21 -9.47 -4.11 -16.33
CA ALA H 21 -10.72 -3.92 -15.63
C ALA H 21 -10.90 -2.48 -15.13
N LEU H 22 -9.80 -1.82 -14.77
CA LEU H 22 -9.85 -0.41 -14.36
C LEU H 22 -10.25 0.56 -15.48
N THR H 23 -10.44 0.04 -16.69
CA THR H 23 -11.14 0.76 -17.75
C THR H 23 -12.51 1.21 -17.28
N SER H 24 -13.22 0.34 -16.55
CA SER H 24 -14.50 0.74 -15.95
C SER H 24 -14.27 1.49 -14.65
N GLY H 25 -14.92 2.64 -14.52
CA GLY H 25 -14.83 3.44 -13.29
C GLY H 25 -15.59 2.74 -12.19
N THR H 26 -16.77 2.26 -12.53
CA THR H 26 -17.56 1.42 -11.64
C THR H 26 -16.72 0.32 -11.06
N ILE H 27 -16.04 -0.45 -11.90
CA ILE H 27 -15.20 -1.54 -11.41
C ILE H 27 -14.04 -1.02 -10.56
N LYS H 28 -13.43 0.10 -10.93
CA LYS H 28 -12.36 0.68 -10.10
C LYS H 28 -12.83 1.00 -8.66
N ALA H 29 -14.09 1.41 -8.53
CA ALA H 29 -14.69 1.66 -7.22
C ALA H 29 -14.96 0.36 -6.46
N MET H 30 -15.60 -0.61 -7.13
CA MET H 30 -15.89 -1.93 -6.54
C MET H 30 -14.66 -2.55 -5.90
N LEU H 31 -13.52 -2.40 -6.56
CA LEU H 31 -12.27 -3.00 -6.08
C LEU H 31 -11.62 -2.19 -4.95
N SER H 32 -11.80 -0.87 -4.94
CA SER H 32 -11.21 -0.01 -3.92
C SER H 32 -12.17 0.34 -2.77
N GLY H 33 -13.24 1.07 -3.09
CA GLY H 33 -14.22 1.48 -2.09
C GLY H 33 -15.16 0.35 -1.70
N THR H 42 -11.12 -9.96 -1.35
CA THR H 42 -11.11 -10.65 -2.62
C THR H 42 -11.13 -9.66 -3.79
N ASN H 43 -10.59 -10.09 -4.92
CA ASN H 43 -10.54 -9.29 -6.16
C ASN H 43 -11.67 -9.73 -7.09
N GLU H 44 -12.89 -9.80 -6.56
CA GLU H 44 -14.03 -10.43 -7.24
C GLU H 44 -15.24 -9.52 -7.28
N VAL H 45 -16.02 -9.62 -8.36
CA VAL H 45 -17.23 -8.83 -8.50
C VAL H 45 -18.38 -9.63 -9.11
N ASN H 46 -19.50 -9.70 -8.39
CA ASN H 46 -20.69 -10.38 -8.88
C ASN H 46 -21.53 -9.40 -9.68
N PHE H 47 -22.02 -9.83 -10.84
CA PHE H 47 -22.85 -8.98 -11.68
C PHE H 47 -24.15 -9.73 -11.94
N ARG H 48 -25.04 -9.68 -10.96
CA ARG H 48 -26.29 -10.46 -10.97
C ARG H 48 -27.25 -10.16 -12.14
N GLU H 49 -27.04 -9.05 -12.84
CA GLU H 49 -27.87 -8.68 -14.00
C GLU H 49 -27.11 -8.68 -15.32
N ILE H 50 -25.88 -9.20 -15.33
CA ILE H 50 -25.15 -9.27 -16.59
C ILE H 50 -24.85 -10.75 -16.87
N PRO H 51 -25.54 -11.33 -17.87
CA PRO H 51 -25.31 -12.72 -18.25
C PRO H 51 -24.02 -12.89 -19.05
N SER H 52 -23.52 -14.12 -19.13
CA SER H 52 -22.19 -14.39 -19.69
C SER H 52 -22.05 -13.93 -21.13
N HIS H 53 -23.12 -14.06 -21.92
CA HIS H 53 -23.04 -13.61 -23.32
C HIS H 53 -22.81 -12.11 -23.42
N VAL H 54 -23.24 -11.35 -22.40
CA VAL H 54 -22.93 -9.93 -22.32
C VAL H 54 -21.55 -9.70 -21.68
N LEU H 55 -21.33 -10.29 -20.50
CA LEU H 55 -20.10 -10.00 -19.72
C LEU H 55 -18.83 -10.39 -20.48
N SER H 56 -18.88 -11.44 -21.29
CA SER H 56 -17.71 -11.86 -22.07
C SER H 56 -17.28 -10.79 -23.06
N LYS H 57 -18.28 -10.19 -23.71
CA LYS H 57 -18.05 -9.10 -24.66
C LYS H 57 -17.47 -7.88 -23.97
N VAL H 58 -18.00 -7.56 -22.79
CA VAL H 58 -17.43 -6.49 -21.98
C VAL H 58 -15.92 -6.68 -21.78
N CYS H 59 -15.52 -7.88 -21.39
CA CYS H 59 -14.10 -8.18 -21.22
C CYS H 59 -13.32 -8.01 -22.52
N MET H 60 -13.92 -8.39 -23.65
CA MET H 60 -13.23 -8.24 -24.94
C MET H 60 -12.96 -6.74 -25.20
N TYR H 61 -13.93 -5.90 -24.87
CA TYR H 61 -13.79 -4.47 -25.00
C TYR H 61 -12.58 -3.94 -24.24
N PHE H 62 -12.42 -4.34 -22.97
CA PHE H 62 -11.28 -3.86 -22.19
C PHE H 62 -10.00 -4.14 -22.95
N THR H 63 -9.88 -5.35 -23.50
CA THR H 63 -8.69 -5.74 -24.26
C THR H 63 -8.48 -4.81 -25.47
N TYR H 64 -9.56 -4.60 -26.23
CA TYR H 64 -9.57 -3.73 -27.40
C TYR H 64 -9.18 -2.31 -27.02
N LYS H 65 -9.86 -1.73 -26.05
CA LYS H 65 -9.56 -0.37 -25.59
C LYS H 65 -8.10 -0.14 -25.20
N VAL H 66 -7.55 -1.01 -24.35
CA VAL H 66 -6.17 -0.86 -23.90
C VAL H 66 -5.19 -1.01 -25.08
N ARG H 67 -5.45 -1.96 -25.97
CA ARG H 67 -4.59 -2.16 -27.14
C ARG H 67 -4.59 -0.94 -28.04
N TYR H 68 -5.76 -0.39 -28.32
CA TYR H 68 -5.87 0.61 -29.39
C TYR H 68 -5.89 2.08 -28.94
N THR H 69 -6.10 2.35 -27.65
CA THR H 69 -5.93 3.71 -27.12
C THR H 69 -4.48 4.21 -27.28
N ASN H 70 -4.33 5.36 -27.93
CA ASN H 70 -3.01 5.97 -28.19
C ASN H 70 -2.12 5.08 -29.03
N SER H 71 -2.65 4.62 -30.16
CA SER H 71 -1.97 3.65 -31.02
C SER H 71 -1.82 4.16 -32.46
N SER H 72 -0.73 3.76 -33.09
CA SER H 72 -0.46 4.08 -34.50
C SER H 72 -1.18 3.10 -35.42
N THR H 73 -1.23 1.83 -35.02
CA THR H 73 -1.93 0.78 -35.78
C THR H 73 -3.38 1.19 -36.06
N GLU H 74 -3.80 1.05 -37.33
CA GLU H 74 -5.18 1.33 -37.75
C GLU H 74 -6.19 0.60 -36.86
N ILE H 75 -7.20 1.33 -36.40
CA ILE H 75 -8.16 0.80 -35.45
C ILE H 75 -9.31 0.05 -36.14
N PRO H 76 -9.51 -1.23 -35.82
CA PRO H 76 -10.64 -1.97 -36.39
C PRO H 76 -11.92 -1.76 -35.60
N GLU H 77 -13.05 -2.17 -36.17
CA GLU H 77 -14.34 -2.04 -35.51
C GLU H 77 -14.41 -3.01 -34.32
N PHE H 78 -15.08 -2.59 -33.24
CA PHE H 78 -15.44 -3.50 -32.15
C PHE H 78 -16.81 -4.08 -32.48
N PRO H 79 -16.89 -5.40 -32.65
CA PRO H 79 -18.12 -5.96 -33.21
C PRO H 79 -19.12 -6.34 -32.13
N ILE H 80 -20.41 -6.13 -32.41
CA ILE H 80 -21.47 -6.52 -31.48
C ILE H 80 -22.60 -7.20 -32.25
N ALA H 81 -22.86 -8.47 -31.96
CA ALA H 81 -23.94 -9.20 -32.63
C ALA H 81 -25.29 -8.61 -32.20
N PRO H 82 -26.16 -8.31 -33.17
CA PRO H 82 -27.45 -7.67 -32.90
C PRO H 82 -28.20 -8.18 -31.66
N GLU H 83 -28.12 -9.48 -31.40
CA GLU H 83 -28.90 -10.11 -30.32
C GLU H 83 -28.46 -9.69 -28.91
N ILE H 84 -27.24 -9.16 -28.79
CA ILE H 84 -26.68 -8.77 -27.48
C ILE H 84 -26.57 -7.26 -27.26
N ALA H 85 -26.75 -6.47 -28.33
CA ALA H 85 -26.59 -5.01 -28.26
C ALA H 85 -27.41 -4.37 -27.14
N LEU H 86 -28.70 -4.74 -27.02
CA LEU H 86 -29.57 -4.15 -25.98
C LEU H 86 -29.01 -4.39 -24.59
N GLU H 87 -28.67 -5.63 -24.31
CA GLU H 87 -28.15 -6.00 -23.02
C GLU H 87 -26.75 -5.44 -22.79
N LEU H 88 -25.91 -5.41 -23.82
CA LEU H 88 -24.56 -4.86 -23.69
C LEU H 88 -24.60 -3.37 -23.35
N LEU H 89 -25.58 -2.67 -23.92
CA LEU H 89 -25.84 -1.25 -23.62
C LEU H 89 -26.16 -1.02 -22.13
N MET H 90 -27.03 -1.85 -21.57
CA MET H 90 -27.36 -1.78 -20.13
C MET H 90 -26.10 -1.99 -19.29
N ALA H 91 -25.34 -3.03 -19.61
CA ALA H 91 -24.10 -3.31 -18.91
C ALA H 91 -23.14 -2.12 -18.97
N ALA H 92 -22.91 -1.60 -20.17
CA ALA H 92 -21.93 -0.52 -20.36
C ALA H 92 -22.27 0.68 -19.49
N ASN H 93 -23.52 1.10 -19.55
CA ASN H 93 -24.02 2.22 -18.76
C ASN H 93 -23.72 2.09 -17.26
N PHE H 94 -23.90 0.90 -16.71
CA PHE H 94 -23.62 0.67 -15.30
C PHE H 94 -22.11 0.65 -15.02
N LEU H 95 -21.34 0.14 -15.96
CA LEU H 95 -19.87 0.07 -15.81
C LEU H 95 -19.11 1.38 -16.17
N ASP H 96 -19.79 2.33 -16.82
CA ASP H 96 -19.16 3.62 -17.19
C ASP H 96 -17.87 3.40 -17.98
N CYS H 97 -17.97 2.67 -19.08
CA CYS H 97 -16.78 2.35 -19.88
C CYS H 97 -17.07 2.34 -21.37
N VAL I 11 -17.86 31.33 -35.19
CA VAL I 11 -16.44 31.08 -34.76
C VAL I 11 -15.79 29.94 -35.57
N LEU I 12 -16.50 28.82 -35.71
CA LEU I 12 -16.01 27.71 -36.53
C LEU I 12 -16.51 27.87 -37.97
N ARG I 13 -15.67 28.49 -38.79
CA ARG I 13 -15.97 28.68 -40.20
C ARG I 13 -14.67 28.65 -41.00
N SER I 14 -14.79 28.46 -42.31
CA SER I 14 -13.62 28.56 -43.19
C SER I 14 -13.33 30.03 -43.52
N VAL I 15 -12.06 30.32 -43.71
CA VAL I 15 -11.63 31.65 -44.14
C VAL I 15 -11.35 31.56 -45.63
N ASN I 16 -11.80 32.54 -46.40
CA ASN I 16 -11.52 32.57 -47.82
C ASN I 16 -10.08 33.03 -48.06
N SER I 17 -9.13 32.11 -47.86
CA SER I 17 -7.71 32.45 -47.95
C SER I 17 -7.28 32.68 -49.40
N ARG I 18 -7.90 31.97 -50.33
CA ARG I 18 -7.49 31.94 -51.74
C ARG I 18 -6.09 31.33 -51.87
N GLU I 19 -5.72 30.47 -50.93
CA GLU I 19 -4.42 29.80 -50.98
C GLU I 19 -4.66 28.33 -51.17
N PRO I 20 -4.44 27.81 -52.39
CA PRO I 20 -4.66 26.39 -52.58
C PRO I 20 -3.82 25.50 -51.68
N SER I 21 -4.45 24.43 -51.16
CA SER I 21 -3.77 23.36 -50.48
C SER I 21 -4.30 22.03 -51.06
N GLN I 22 -3.39 21.20 -51.55
CA GLN I 22 -3.74 19.88 -52.04
C GLN I 22 -3.68 18.87 -50.92
N VAL I 23 -4.70 18.03 -50.84
CA VAL I 23 -4.91 17.12 -49.71
C VAL I 23 -5.22 15.70 -50.20
N ILE I 24 -4.73 14.70 -49.47
CA ILE I 24 -5.21 13.32 -49.64
C ILE I 24 -6.17 12.97 -48.50
N PHE I 25 -7.44 12.78 -48.84
CA PHE I 25 -8.40 12.21 -47.91
C PHE I 25 -8.22 10.72 -47.95
N CAS I 26 -7.78 10.13 -46.84
CA CAS I 26 -7.37 8.73 -46.80
CB CAS I 26 -5.90 8.67 -46.45
C CAS I 26 -8.17 8.05 -45.74
O CAS I 26 -7.96 8.30 -44.56
SG CAS I 26 -5.32 7.01 -46.27
AS CAS I 26 -5.55 6.13 -48.30
CE1 CAS I 26 -6.68 4.49 -48.16
CE2 CAS I 26 -3.74 5.75 -49.05
N ASN I 27 -9.12 7.22 -46.15
CA ASN I 27 -10.05 6.58 -45.23
C ASN I 27 -9.45 5.28 -44.73
N ARG I 28 -8.86 5.34 -43.54
CA ARG I 28 -8.31 4.18 -42.87
C ARG I 28 -9.26 3.71 -41.79
N SER I 29 -10.55 3.63 -42.11
CA SER I 29 -11.57 3.21 -41.17
C SER I 29 -12.45 2.24 -41.93
N PRO I 30 -13.30 1.47 -41.22
CA PRO I 30 -14.15 0.52 -41.91
C PRO I 30 -15.50 1.12 -42.30
N ARG I 31 -15.68 2.42 -42.10
CA ARG I 31 -16.94 3.11 -42.37
C ARG I 31 -16.92 3.80 -43.71
N VAL I 32 -18.09 3.98 -44.33
CA VAL I 32 -18.20 4.91 -45.46
C VAL I 32 -18.10 6.28 -44.85
N VAL I 33 -17.17 7.09 -45.33
CA VAL I 33 -16.89 8.39 -44.72
C VAL I 33 -17.56 9.53 -45.49
N LEU I 34 -18.19 10.44 -44.74
CA LEU I 34 -18.75 11.67 -45.27
C LEU I 34 -17.83 12.83 -44.86
N PRO I 35 -17.05 13.39 -45.82
CA PRO I 35 -16.33 14.64 -45.56
C PRO I 35 -17.31 15.83 -45.51
N VAL I 36 -17.10 16.71 -44.54
CA VAL I 36 -17.96 17.87 -44.31
C VAL I 36 -17.07 19.09 -44.23
N TRP I 37 -17.28 20.03 -45.14
CA TRP I 37 -16.52 21.26 -45.18
C TRP I 37 -17.36 22.32 -44.49
N LEU I 38 -16.76 23.08 -43.58
CA LEU I 38 -17.47 24.19 -42.99
C LEU I 38 -17.33 25.37 -43.93
N ASN I 39 -18.45 25.94 -44.37
CA ASN I 39 -18.43 27.00 -45.38
C ASN I 39 -18.17 28.34 -44.72
N PHE I 40 -18.28 29.43 -45.46
CA PHE I 40 -17.83 30.72 -44.95
C PHE I 40 -18.73 31.29 -43.87
N ASP I 41 -19.94 30.73 -43.75
CA ASP I 41 -20.88 31.11 -42.70
C ASP I 41 -20.91 30.10 -41.55
N GLY I 42 -20.04 29.10 -41.58
CA GLY I 42 -20.02 28.07 -40.54
C GLY I 42 -20.96 26.91 -40.78
N GLU I 43 -21.56 26.87 -41.96
CA GLU I 43 -22.56 25.88 -42.29
C GLU I 43 -21.89 24.63 -42.83
N PRO I 44 -22.26 23.44 -42.32
CA PRO I 44 -21.65 22.22 -42.80
C PRO I 44 -22.08 21.89 -44.24
N GLN I 45 -21.10 21.70 -45.13
CA GLN I 45 -21.37 21.33 -46.52
C GLN I 45 -20.85 19.93 -46.78
N PRO I 46 -21.75 18.98 -47.09
CA PRO I 46 -21.34 17.63 -47.34
C PRO I 46 -20.68 17.47 -48.71
N TYR I 47 -19.69 16.57 -48.77
CA TYR I 47 -18.96 16.26 -49.99
C TYR I 47 -19.11 14.78 -50.30
N PRO I 48 -18.63 14.32 -51.48
CA PRO I 48 -18.86 12.92 -51.84
C PRO I 48 -18.23 11.95 -50.85
N THR I 49 -18.83 10.77 -50.74
CA THR I 49 -18.40 9.80 -49.73
C THR I 49 -17.17 8.99 -50.16
N LEU I 50 -16.44 8.48 -49.18
CA LEU I 50 -15.27 7.64 -49.39
C LEU I 50 -15.53 6.24 -48.89
N PRO I 51 -15.54 5.24 -49.78
CA PRO I 51 -15.64 3.87 -49.27
C PRO I 51 -14.47 3.53 -48.33
N PRO I 52 -14.66 2.56 -47.42
CA PRO I 52 -13.61 2.13 -46.48
C PRO I 52 -12.33 1.75 -47.22
N GLY I 53 -11.19 2.20 -46.72
CA GLY I 53 -9.91 1.81 -47.30
C GLY I 53 -9.47 2.49 -48.58
N THR I 54 -10.21 3.50 -49.03
CA THR I 54 -9.87 4.20 -50.27
C THR I 54 -9.36 5.61 -49.95
N GLY I 55 -8.68 6.22 -50.92
CA GLY I 55 -8.21 7.59 -50.76
C GLY I 55 -8.39 8.42 -52.02
N ARG I 56 -8.51 9.74 -51.86
CA ARG I 56 -8.60 10.67 -52.99
C ARG I 56 -7.74 11.90 -52.78
N ARG I 57 -7.10 12.32 -53.86
CA ARG I 57 -6.44 13.63 -53.89
C ARG I 57 -7.48 14.69 -54.22
N ILE I 58 -7.58 15.70 -53.37
CA ILE I 58 -8.60 16.74 -53.52
C ILE I 58 -8.02 18.12 -53.33
N HIS I 59 -8.73 19.11 -53.86
CA HIS I 59 -8.30 20.50 -53.86
C HIS I 59 -9.07 21.32 -52.84
N SER I 60 -8.35 21.88 -51.87
CA SER I 60 -8.95 22.71 -50.84
C SER I 60 -8.11 23.97 -50.68
N TYR I 61 -8.22 24.62 -49.52
CA TYR I 61 -7.53 25.89 -49.27
C TYR I 61 -7.08 26.02 -47.84
N ARG I 62 -5.98 26.73 -47.63
CA ARG I 62 -5.54 27.04 -46.27
C ARG I 62 -6.65 27.70 -45.45
N GLY I 63 -6.73 27.34 -44.18
CA GLY I 63 -7.74 27.92 -43.28
C GLY I 63 -9.17 27.46 -43.53
N HIS I 64 -9.35 26.42 -44.34
CA HIS I 64 -10.66 25.81 -44.48
C HIS I 64 -10.81 24.70 -43.44
N LEU I 65 -12.00 24.53 -42.87
CA LEU I 65 -12.22 23.52 -41.84
C LEU I 65 -12.98 22.33 -42.40
N TRP I 66 -12.47 21.14 -42.11
CA TRP I 66 -13.16 19.90 -42.46
C TRP I 66 -13.38 19.08 -41.21
N LEU I 67 -14.46 18.30 -41.20
CA LEU I 67 -14.58 17.18 -40.28
C LEU I 67 -15.13 15.96 -41.03
N PHE I 68 -15.17 14.80 -40.37
CA PHE I 68 -15.48 13.54 -41.04
C PHE I 68 -16.40 12.65 -40.24
N ARG I 69 -17.42 12.13 -40.90
CA ARG I 69 -18.44 11.35 -40.24
C ARG I 69 -18.70 10.07 -41.00
N ASP I 70 -19.26 9.11 -40.29
CA ASP I 70 -19.89 7.99 -40.93
C ASP I 70 -21.04 8.52 -41.80
N ALA I 71 -21.08 8.13 -43.06
CA ALA I 71 -22.05 8.68 -44.01
C ALA I 71 -23.48 8.27 -43.72
N GLY I 72 -23.66 7.11 -43.08
CA GLY I 72 -24.98 6.57 -42.80
C GLY I 72 -25.57 7.04 -41.49
N THR I 73 -24.74 7.01 -40.44
CA THR I 73 -25.20 7.23 -39.08
C THR I 73 -24.75 8.57 -38.48
N HIS I 74 -23.77 9.21 -39.14
CA HIS I 74 -23.18 10.48 -38.68
C HIS I 74 -22.31 10.37 -37.43
N ASP I 75 -21.94 9.15 -37.05
CA ASP I 75 -20.98 8.93 -35.98
C ASP I 75 -19.72 9.73 -36.30
N GLY I 76 -19.15 10.36 -35.27
CA GLY I 76 -17.92 11.10 -35.40
C GLY I 76 -16.76 10.19 -35.69
N LEU I 77 -15.91 10.63 -36.62
CA LEU I 77 -14.63 10.01 -36.91
C LEU I 77 -13.50 10.99 -36.63
N LEU I 78 -12.27 10.47 -36.56
CA LEU I 78 -11.09 11.30 -36.30
C LEU I 78 -10.33 11.54 -37.61
N VAL I 79 -9.62 12.66 -37.66
CA VAL I 79 -8.76 12.96 -38.80
C VAL I 79 -7.42 13.45 -38.24
N ASN I 80 -6.34 12.73 -38.55
CA ASN I 80 -5.06 12.96 -37.91
C ASN I 80 -5.18 13.02 -36.37
N GLN I 81 -5.96 12.07 -35.84
CA GLN I 81 -6.16 11.92 -34.39
C GLN I 81 -6.91 13.07 -33.70
N THR I 82 -7.62 13.91 -34.45
CA THR I 82 -8.40 14.99 -33.83
C THR I 82 -9.70 15.18 -34.59
N GLU I 83 -10.49 16.16 -34.15
CA GLU I 83 -11.84 16.39 -34.68
C GLU I 83 -11.83 17.15 -35.98
N LEU I 84 -11.09 18.25 -36.01
CA LEU I 84 -11.04 19.15 -37.16
C LEU I 84 -9.79 18.97 -38.01
N PHE I 85 -9.93 19.18 -39.30
CA PHE I 85 -8.79 19.18 -40.19
C PHE I 85 -8.76 20.49 -40.94
N VAL I 86 -7.59 21.14 -40.89
CA VAL I 86 -7.33 22.39 -41.59
C VAL I 86 -6.15 22.19 -42.57
N PRO I 87 -6.41 22.27 -43.89
CA PRO I 87 -5.30 22.09 -44.83
C PRO I 87 -4.18 23.09 -44.58
N SER I 88 -2.95 22.64 -44.73
CA SER I 88 -1.78 23.49 -44.49
C SER I 88 -0.99 23.72 -45.79
N LEU I 89 0.13 24.43 -45.68
CA LEU I 89 0.94 24.77 -46.84
C LEU I 89 1.54 23.49 -47.44
N ASN I 90 1.41 23.32 -48.76
CA ASN I 90 2.12 22.24 -49.45
C ASN I 90 3.58 22.62 -49.65
N VAL I 91 4.48 21.82 -49.09
CA VAL I 91 5.91 22.05 -49.29
C VAL I 91 6.45 21.11 -50.37
N ASP I 92 7.17 21.66 -51.33
CA ASP I 92 7.77 20.91 -52.44
C ASP I 92 6.78 19.95 -53.16
N GLY I 93 5.59 20.44 -53.47
CA GLY I 93 4.57 19.64 -54.17
C GLY I 93 3.94 18.47 -53.39
N GLN I 94 4.28 18.32 -52.12
CA GLN I 94 3.70 17.24 -51.31
C GLN I 94 2.30 17.62 -50.84
N PRO I 95 1.30 16.74 -51.06
CA PRO I 95 -0.04 16.98 -50.55
C PRO I 95 -0.11 16.65 -49.05
N ILE I 96 -1.09 17.25 -48.38
CA ILE I 96 -1.27 17.04 -46.96
C ILE I 96 -2.16 15.83 -46.78
N PHE I 97 -1.73 14.89 -45.96
CA PHE I 97 -2.53 13.71 -45.71
C PHE I 97 -3.54 14.00 -44.62
N ALA I 98 -4.81 13.69 -44.88
CA ALA I 98 -5.86 13.71 -43.89
C ALA I 98 -6.25 12.26 -43.64
N ASN I 99 -5.68 11.69 -42.59
CA ASN I 99 -5.88 10.29 -42.27
C ASN I 99 -7.08 10.14 -41.38
N ILE I 100 -8.12 9.54 -41.96
CA ILE I 100 -9.41 9.38 -41.33
C ILE I 100 -9.45 8.02 -40.68
N THR I 101 -9.71 8.00 -39.38
CA THR I 101 -9.70 6.76 -38.60
C THR I 101 -10.89 6.65 -37.68
N LEU I 102 -11.17 5.42 -37.27
CA LEU I 102 -12.14 5.17 -36.22
C LEU I 102 -11.59 5.64 -34.90
N PRO I 103 -12.39 6.36 -34.10
CA PRO I 103 -12.03 6.59 -32.70
C PRO I 103 -12.16 5.28 -31.91
N VAL I 104 -11.50 5.23 -30.75
CA VAL I 104 -11.79 4.19 -29.78
C VAL I 104 -13.04 4.65 -29.07
N TYR I 105 -14.20 4.25 -29.59
CA TYR I 105 -15.45 4.62 -28.96
C TYR I 105 -15.53 3.98 -27.58
N THR I 106 -16.20 4.66 -26.65
CA THR I 106 -16.59 3.99 -25.41
C THR I 106 -17.49 2.84 -25.81
N LEU I 107 -17.52 1.81 -24.97
CA LEU I 107 -18.40 0.68 -25.18
C LEU I 107 -19.87 1.11 -25.21
N LYS I 108 -20.25 1.95 -24.25
CA LYS I 108 -21.61 2.46 -24.17
C LYS I 108 -22.03 3.09 -25.49
N GLU I 109 -21.17 3.95 -26.02
CA GLU I 109 -21.49 4.64 -27.27
C GLU I 109 -21.49 3.65 -28.45
N ARG I 110 -20.59 2.68 -28.43
CA ARG I 110 -20.61 1.65 -29.47
C ARG I 110 -21.94 0.85 -29.45
N CYS I 111 -22.41 0.49 -28.26
CA CYS I 111 -23.69 -0.21 -28.14
C CYS I 111 -24.82 0.67 -28.70
N LEU I 112 -24.85 1.93 -28.30
CA LEU I 112 -25.85 2.88 -28.81
C LEU I 112 -25.91 2.91 -30.35
N GLN I 113 -24.74 2.91 -30.99
CA GLN I 113 -24.64 2.86 -32.46
C GLN I 113 -25.36 1.64 -33.04
N VAL I 114 -25.12 0.47 -32.48
CA VAL I 114 -25.68 -0.78 -32.99
C VAL I 114 -27.21 -0.79 -32.80
N VAL I 115 -27.65 -0.42 -31.60
CA VAL I 115 -29.07 -0.40 -31.29
C VAL I 115 -29.83 0.53 -32.26
N ARG I 116 -29.27 1.70 -32.55
CA ARG I 116 -29.85 2.60 -33.56
C ARG I 116 -29.93 1.95 -34.94
N SER I 117 -28.86 1.28 -35.35
CA SER I 117 -28.80 0.63 -36.65
C SER I 117 -29.86 -0.46 -36.84
N LEU I 118 -30.35 -1.04 -35.74
CA LEU I 118 -31.35 -2.12 -35.79
C LEU I 118 -32.79 -1.64 -35.58
N VAL I 119 -32.98 -0.55 -34.84
CA VAL I 119 -34.31 -0.06 -34.47
C VAL I 119 -34.66 1.25 -35.19
N LYS I 120 -35.93 1.41 -35.59
CA LYS I 120 -36.40 2.67 -36.16
C LYS I 120 -36.68 3.69 -35.06
N PRO I 121 -36.48 4.98 -35.35
CA PRO I 121 -36.79 6.07 -34.40
C PRO I 121 -38.21 6.04 -33.80
N GLU I 122 -39.19 5.59 -34.58
CA GLU I 122 -40.57 5.49 -34.11
C GLU I 122 -40.78 4.34 -33.12
N ASN I 123 -39.83 3.40 -33.07
CA ASN I 123 -39.95 2.21 -32.22
C ASN I 123 -39.00 2.15 -31.03
N TYR I 124 -38.12 3.15 -30.85
CA TYR I 124 -37.21 3.16 -29.69
C TYR I 124 -37.97 2.97 -28.38
N ARG I 125 -39.14 3.60 -28.25
CA ARG I 125 -39.93 3.56 -27.00
C ARG I 125 -40.53 2.20 -26.64
N ARG I 126 -40.50 1.25 -27.57
CA ARG I 126 -40.95 -0.11 -27.31
C ARG I 126 -39.83 -1.05 -26.82
N LEU I 127 -38.63 -0.51 -26.57
CA LEU I 127 -37.51 -1.32 -26.06
C LEU I 127 -37.54 -1.39 -24.53
N ASP I 128 -37.23 -2.58 -23.99
CA ASP I 128 -37.25 -2.77 -22.54
C ASP I 128 -35.94 -2.35 -21.88
N ILE I 129 -35.79 -1.04 -21.70
CA ILE I 129 -34.58 -0.44 -21.09
C ILE I 129 -34.95 0.73 -20.18
N VAL I 130 -33.99 1.17 -19.36
CA VAL I 130 -34.20 2.32 -18.46
C VAL I 130 -34.46 3.62 -19.23
N ARG I 131 -35.13 4.57 -18.57
CA ARG I 131 -35.49 5.85 -19.19
C ARG I 131 -34.28 6.63 -19.74
N SER I 132 -33.26 6.80 -18.89
CA SER I 132 -32.07 7.58 -19.23
C SER I 132 -31.35 7.11 -20.51
N LEU I 133 -31.55 5.85 -20.89
CA LEU I 133 -30.98 5.29 -22.11
C LEU I 133 -31.80 5.63 -23.36
N TYR I 134 -33.09 5.86 -23.20
CA TYR I 134 -33.90 6.42 -24.28
C TYR I 134 -33.35 7.80 -24.66
N GLU I 135 -33.03 8.60 -23.65
CA GLU I 135 -32.45 9.93 -23.87
C GLU I 135 -31.12 9.84 -24.64
N ASP I 136 -30.32 8.83 -24.32
CA ASP I 136 -29.03 8.59 -25.00
C ASP I 136 -29.20 8.17 -26.47
N LEU I 137 -30.22 7.35 -26.74
CA LEU I 137 -30.48 6.87 -28.10
C LEU I 137 -31.06 7.97 -29.00
N GLU I 138 -32.00 8.75 -28.47
CA GLU I 138 -32.54 9.90 -29.21
C GLU I 138 -31.45 10.91 -29.58
N ASP I 139 -30.48 11.07 -28.70
CA ASP I 139 -29.38 12.00 -28.90
C ASP I 139 -28.41 11.52 -30.01
N HIS I 140 -28.87 11.52 -31.26
CA HIS I 140 -28.07 11.04 -32.39
C HIS I 140 -26.78 11.84 -32.49
N PRO I 141 -25.67 11.17 -32.84
CA PRO I 141 -24.50 11.93 -33.25
C PRO I 141 -24.91 12.89 -34.35
N ASN I 142 -24.39 14.11 -34.28
CA ASN I 142 -24.92 15.21 -35.05
C ASN I 142 -23.83 16.24 -35.23
N VAL I 143 -23.56 16.62 -36.47
CA VAL I 143 -22.49 17.58 -36.75
C VAL I 143 -22.75 18.93 -36.08
N GLN I 144 -23.97 19.44 -36.20
CA GLN I 144 -24.29 20.75 -35.64
C GLN I 144 -24.12 20.77 -34.13
N LYS I 145 -24.53 19.70 -33.44
CA LYS I 145 -24.32 19.60 -31.99
C LYS I 145 -22.83 19.54 -31.65
N ASP I 146 -22.06 18.83 -32.47
CA ASP I 146 -20.62 18.74 -32.25
C ASP I 146 -19.94 20.10 -32.43
N LEU I 147 -20.36 20.83 -33.45
CA LEU I 147 -19.82 22.17 -33.69
C LEU I 147 -20.10 23.07 -32.48
N GLU I 148 -21.31 22.98 -31.95
CA GLU I 148 -21.68 23.73 -30.74
C GLU I 148 -20.73 23.38 -29.58
N ARG I 149 -20.49 22.09 -29.35
CA ARG I 149 -19.56 21.65 -28.31
C ARG I 149 -18.12 22.14 -28.56
N LEU I 150 -17.66 22.03 -29.79
CA LEU I 150 -16.31 22.49 -30.13
C LEU I 150 -16.15 23.96 -29.81
N THR I 151 -17.13 24.76 -30.23
CA THR I 151 -17.13 26.19 -29.92
C THR I 151 -17.05 26.42 -28.40
N GLN I 152 -17.95 25.78 -27.64
CA GLN I 152 -17.99 25.93 -26.18
C GLN I 152 -16.71 25.44 -25.48
N GLU I 153 -16.40 24.14 -25.64
CA GLU I 153 -15.20 23.55 -25.04
C GLU I 153 -13.95 23.93 -25.83
N MET J 1 47.47 3.37 -16.60
CA MET J 1 46.03 3.44 -16.95
C MET J 1 45.23 2.91 -15.76
N ASP J 2 44.29 3.72 -15.27
CA ASP J 2 43.45 3.32 -14.17
C ASP J 2 42.31 2.41 -14.67
N VAL J 3 42.01 1.39 -13.86
CA VAL J 3 40.79 0.61 -14.01
C VAL J 3 39.94 0.79 -12.76
N PHE J 4 38.62 0.81 -12.94
CA PHE J 4 37.71 1.10 -11.85
C PHE J 4 36.83 -0.13 -11.64
N LEU J 5 36.78 -0.56 -10.39
CA LEU J 5 36.33 -1.88 -10.01
C LEU J 5 35.28 -1.82 -8.92
N MET J 6 34.46 -2.84 -8.90
CA MET J 6 33.69 -3.20 -7.71
C MET J 6 34.16 -4.59 -7.31
N ILE J 7 34.63 -4.76 -6.08
CA ILE J 7 35.00 -6.08 -5.57
C ILE J 7 33.85 -6.55 -4.69
N ARG J 8 33.26 -7.70 -5.05
CA ARG J 8 31.94 -8.08 -4.57
C ARG J 8 31.84 -9.49 -3.97
N ARG J 9 31.29 -9.55 -2.76
CA ARG J 9 31.08 -10.83 -2.06
C ARG J 9 29.81 -10.71 -1.27
N HIS J 10 28.90 -11.65 -1.47
CA HIS J 10 27.65 -11.70 -0.73
C HIS J 10 26.97 -10.31 -0.83
N LYS J 11 26.79 -9.61 0.28
CA LYS J 11 26.18 -8.29 0.23
C LYS J 11 27.20 -7.15 0.45
N THR J 12 28.47 -7.44 0.19
CA THR J 12 29.51 -6.45 0.34
C THR J 12 30.00 -6.03 -1.06
N THR J 13 30.17 -4.72 -1.27
CA THR J 13 30.71 -4.21 -2.53
C THR J 13 31.77 -3.13 -2.24
N ILE J 14 33.01 -3.35 -2.69
CA ILE J 14 34.10 -2.41 -2.49
C ILE J 14 34.34 -1.69 -3.81
N PHE J 15 34.23 -0.36 -3.78
CA PHE J 15 34.61 0.50 -4.91
C PHE J 15 36.07 0.90 -4.80
N THR J 16 36.86 0.51 -5.77
CA THR J 16 38.25 0.96 -5.80
C THR J 16 38.78 0.96 -7.20
N ASP J 17 39.94 1.57 -7.35
CA ASP J 17 40.62 1.60 -8.62
C ASP J 17 42.03 1.07 -8.41
N ALA J 18 42.64 0.69 -9.52
CA ALA J 18 43.99 0.15 -9.53
C ALA J 18 44.53 0.35 -10.93
N LYS J 19 45.84 0.19 -11.09
CA LYS J 19 46.44 0.33 -12.40
C LYS J 19 46.22 -0.92 -13.21
N GLU J 20 46.07 -0.74 -14.51
CA GLU J 20 45.96 -1.84 -15.44
C GLU J 20 47.15 -2.81 -15.27
N SER J 21 48.32 -2.27 -14.96
CA SER J 21 49.53 -3.08 -14.79
C SER J 21 49.68 -3.70 -13.39
N SER J 22 48.84 -3.30 -12.44
CA SER J 22 48.89 -3.84 -11.08
C SER J 22 48.35 -5.26 -11.10
N THR J 23 48.64 -6.03 -10.05
CA THR J 23 48.36 -7.47 -10.02
C THR J 23 47.15 -7.80 -9.16
N VAL J 24 46.65 -9.01 -9.38
CA VAL J 24 45.63 -9.61 -8.56
C VAL J 24 46.01 -9.60 -7.08
N PHE J 25 47.27 -9.92 -6.77
CA PHE J 25 47.72 -9.89 -5.38
C PHE J 25 47.59 -8.50 -4.76
N GLU J 26 47.93 -7.47 -5.52
CA GLU J 26 47.85 -6.11 -5.00
C GLU J 26 46.40 -5.73 -4.69
N LEU J 27 45.48 -6.30 -5.47
CA LEU J 27 44.07 -6.13 -5.24
C LEU J 27 43.65 -6.83 -3.94
N LYS J 28 44.18 -8.04 -3.73
CA LYS J 28 43.95 -8.74 -2.45
C LYS J 28 44.46 -7.95 -1.27
N ARG J 29 45.59 -7.25 -1.43
CA ARG J 29 46.10 -6.36 -0.38
C ARG J 29 45.12 -5.24 -0.04
N ILE J 30 44.44 -4.67 -1.05
CA ILE J 30 43.41 -3.67 -0.80
C ILE J 30 42.23 -4.26 -0.03
N VAL J 31 41.81 -5.47 -0.43
CA VAL J 31 40.75 -6.21 0.27
C VAL J 31 41.13 -6.49 1.72
N GLU J 32 42.39 -6.89 1.93
CA GLU J 32 42.89 -7.17 3.28
C GLU J 32 42.72 -5.96 4.21
N GLY J 33 43.20 -4.80 3.76
CA GLY J 33 43.13 -3.57 4.55
C GLY J 33 41.69 -3.22 4.94
N ILE J 34 40.74 -3.56 4.09
CA ILE J 34 39.34 -3.18 4.31
C ILE J 34 38.63 -4.25 5.13
N LEU J 35 38.64 -5.48 4.63
CA LEU J 35 37.86 -6.56 5.23
C LEU J 35 38.64 -7.43 6.24
N LYS J 36 39.91 -7.07 6.49
CA LYS J 36 40.71 -7.70 7.53
C LYS J 36 40.85 -9.21 7.37
N ARG J 37 41.16 -9.63 6.14
CA ARG J 37 41.43 -11.03 5.82
C ARG J 37 42.58 -11.09 4.83
N PRO J 38 43.64 -11.84 5.14
CA PRO J 38 44.85 -11.80 4.32
C PRO J 38 44.70 -12.44 2.94
N PRO J 39 45.61 -12.11 2.00
CA PRO J 39 45.52 -12.58 0.61
C PRO J 39 45.33 -14.08 0.46
N ASP J 40 46.07 -14.86 1.24
CA ASP J 40 45.97 -16.33 1.19
C ASP J 40 44.60 -16.90 1.59
N GLU J 41 43.75 -16.07 2.21
CA GLU J 41 42.40 -16.49 2.56
C GLU J 41 41.34 -15.96 1.60
N GLN J 42 41.79 -15.33 0.50
CA GLN J 42 40.89 -14.76 -0.52
C GLN J 42 41.01 -15.46 -1.86
N ARG J 43 39.87 -15.64 -2.53
CA ARG J 43 39.88 -15.95 -3.95
C ARG J 43 39.18 -14.81 -4.68
N LEU J 44 39.79 -14.38 -5.79
CA LEU J 44 39.20 -13.36 -6.66
C LEU J 44 38.85 -13.98 -8.01
N TYR J 45 37.77 -13.49 -8.61
CA TYR J 45 37.25 -14.03 -9.85
C TYR J 45 36.89 -12.94 -10.85
N LYS J 46 37.05 -13.26 -12.13
CA LYS J 46 36.34 -12.56 -13.19
C LYS J 46 35.25 -13.50 -13.67
N ASP J 47 34.00 -13.13 -13.43
CA ASP J 47 32.89 -14.06 -13.64
C ASP J 47 33.16 -15.31 -12.83
N ASP J 48 33.30 -16.46 -13.47
CA ASP J 48 33.54 -17.71 -12.76
C ASP J 48 35.00 -18.14 -12.73
N GLN J 49 35.86 -17.34 -13.36
CA GLN J 49 37.26 -17.74 -13.53
C GLN J 49 38.11 -17.24 -12.37
N LEU J 50 38.78 -18.18 -11.72
CA LEU J 50 39.65 -17.85 -10.61
C LEU J 50 40.81 -17.02 -11.13
N LEU J 51 41.17 -15.96 -10.41
CA LEU J 51 42.28 -15.11 -10.82
C LEU J 51 43.56 -15.49 -10.08
N ASP J 52 44.67 -15.59 -10.82
CA ASP J 52 45.99 -15.91 -10.25
C ASP J 52 46.70 -14.67 -9.75
N ASP J 53 47.30 -14.76 -8.56
CA ASP J 53 47.98 -13.66 -7.89
C ASP J 53 48.97 -12.88 -8.76
N GLY J 54 49.72 -13.58 -9.61
CA GLY J 54 50.79 -12.96 -10.41
C GLY J 54 50.29 -12.24 -11.66
N LYS J 55 49.03 -12.41 -12.01
CA LYS J 55 48.52 -11.83 -13.25
C LYS J 55 48.19 -10.36 -13.09
N THR J 56 48.42 -9.58 -14.15
CA THR J 56 48.02 -8.20 -14.14
C THR J 56 46.51 -8.13 -14.43
N LEU J 57 45.90 -7.04 -13.96
CA LEU J 57 44.49 -6.81 -14.17
C LEU J 57 44.19 -6.68 -15.68
N GLY J 58 45.05 -5.99 -16.40
CA GLY J 58 44.95 -5.88 -17.88
C GLY J 58 44.93 -7.23 -18.58
N GLU J 59 45.85 -8.12 -18.19
CA GLU J 59 45.90 -9.50 -18.71
C GLU J 59 44.62 -10.30 -18.47
N CAS J 60 44.00 -10.06 -17.31
CA CAS J 60 42.71 -10.67 -17.00
CB CAS J 60 42.58 -10.79 -15.47
C CAS J 60 41.53 -9.91 -17.54
O CAS J 60 40.40 -10.15 -17.15
SG CAS J 60 43.79 -11.92 -14.88
AS CAS J 60 43.35 -13.85 -15.96
CE1 CAS J 60 45.08 -14.34 -16.80
CE2 CAS J 60 42.80 -15.33 -14.77
N GLY J 61 41.77 -8.98 -18.47
CA GLY J 61 40.69 -8.34 -19.19
C GLY J 61 40.04 -7.17 -18.51
N PHE J 62 40.68 -6.63 -17.46
CA PHE J 62 40.23 -5.37 -16.88
C PHE J 62 41.01 -4.22 -17.53
N THR J 63 40.36 -3.53 -18.47
CA THR J 63 41.01 -2.47 -19.22
C THR J 63 40.38 -1.13 -18.93
N SER J 64 41.12 -0.06 -19.21
CA SER J 64 40.65 1.30 -18.98
C SER J 64 39.34 1.59 -19.67
N GLN J 65 39.14 1.01 -20.84
CA GLN J 65 37.99 1.37 -21.63
C GLN J 65 36.77 0.52 -21.31
N THR J 66 36.94 -0.54 -20.52
CA THR J 66 35.81 -1.35 -20.07
C THR J 66 35.55 -1.23 -18.56
N ALA J 67 36.55 -0.81 -17.78
CA ALA J 67 36.37 -0.70 -16.33
C ALA J 67 36.39 0.77 -15.99
N ARG J 68 35.28 1.41 -16.29
CA ARG J 68 35.18 2.87 -16.30
C ARG J 68 34.70 3.38 -14.95
N PRO J 69 35.06 4.63 -14.59
CA PRO J 69 34.62 5.13 -13.30
C PRO J 69 33.10 5.10 -13.16
N GLN J 70 32.39 5.50 -14.21
CA GLN J 70 30.94 5.53 -14.21
C GLN J 70 30.29 4.17 -14.43
N ALA J 71 31.09 3.14 -14.70
CA ALA J 71 30.56 1.80 -14.98
C ALA J 71 31.66 0.78 -14.69
N PRO J 72 32.01 0.61 -13.43
CA PRO J 72 33.16 -0.20 -13.06
C PRO J 72 32.94 -1.68 -13.33
N ALA J 73 34.03 -2.41 -13.52
CA ALA J 73 33.95 -3.84 -13.76
C ALA J 73 33.93 -4.60 -12.43
N THR J 74 33.25 -5.74 -12.41
CA THR J 74 33.07 -6.52 -11.19
C THR J 74 34.16 -7.59 -11.01
N VAL J 75 34.72 -7.64 -9.80
CA VAL J 75 35.62 -8.70 -9.40
C VAL J 75 34.92 -9.46 -8.26
N GLY J 76 34.78 -10.78 -8.39
CA GLY J 76 34.16 -11.59 -7.36
C GLY J 76 35.16 -11.95 -6.30
N LEU J 77 34.68 -12.12 -5.08
CA LEU J 77 35.52 -12.41 -3.94
C LEU J 77 34.87 -13.53 -3.12
N ALA J 78 35.67 -14.52 -2.75
CA ALA J 78 35.28 -15.59 -1.85
C ALA J 78 36.36 -15.76 -0.80
N PHE J 79 35.94 -15.95 0.47
CA PHE J 79 36.85 -16.15 1.59
C PHE J 79 37.00 -17.62 1.97
N ARG J 80 38.11 -17.93 2.64
CA ARG J 80 38.28 -19.22 3.28
C ARG J 80 37.53 -19.23 4.60
N ALA J 81 36.84 -20.34 4.89
CA ALA J 81 36.15 -20.51 6.17
C ALA J 81 36.48 -21.88 6.73
N ASP J 82 37.25 -21.90 7.83
CA ASP J 82 37.69 -23.15 8.46
C ASP J 82 38.37 -24.09 7.46
N ASP J 83 39.50 -23.64 6.91
CA ASP J 83 40.40 -24.47 6.10
C ASP J 83 39.93 -24.71 4.63
N THR J 84 38.68 -24.37 4.34
CA THR J 84 38.06 -24.61 3.04
C THR J 84 37.41 -23.31 2.53
N PHE J 85 37.56 -23.04 1.23
CA PHE J 85 37.00 -21.83 0.65
C PHE J 85 35.51 -21.98 0.40
N GLU J 86 34.76 -20.97 0.82
CA GLU J 86 33.34 -20.86 0.46
C GLU J 86 33.23 -20.68 -1.06
N ALA J 87 32.07 -21.05 -1.61
CA ALA J 87 31.79 -20.82 -3.01
C ALA J 87 31.60 -19.33 -3.29
N LEU J 88 31.87 -18.91 -4.53
CA LEU J 88 31.60 -17.55 -4.99
C LEU J 88 30.11 -17.26 -4.95
N CAS J 89 29.73 -16.22 -4.20
CA CAS J 89 28.35 -15.80 -4.08
CB CAS J 89 27.71 -16.44 -2.84
C CAS J 89 28.31 -14.29 -4.05
O CAS J 89 28.97 -13.66 -3.21
SG CAS J 89 26.25 -15.57 -2.38
AS CAS J 89 24.74 -16.42 -3.79
CE1 CAS J 89 25.51 -17.39 -5.36
CE2 CAS J 89 23.59 -17.69 -2.74
N ILE J 90 27.55 -13.72 -4.97
CA ILE J 90 27.35 -12.28 -5.08
C ILE J 90 25.85 -12.03 -5.09
N GLU J 91 25.36 -11.32 -4.08
CA GLU J 91 23.93 -11.03 -4.02
C GLU J 91 23.65 -9.94 -5.04
N PRO J 92 22.59 -10.11 -5.87
CA PRO J 92 22.29 -9.04 -6.79
C PRO J 92 21.73 -7.84 -6.05
N PHE J 93 21.89 -6.67 -6.65
CA PHE J 93 21.23 -5.47 -6.14
C PHE J 93 19.73 -5.63 -6.34
N SER J 94 18.95 -4.82 -5.61
CA SER J 94 17.50 -4.79 -5.75
C SER J 94 17.04 -4.45 -7.17
N SER J 95 15.82 -4.85 -7.48
CA SER J 95 15.20 -4.57 -8.77
C SER J 95 14.48 -3.23 -8.71
N PRO J 96 14.70 -2.36 -9.70
CA PRO J 96 13.91 -1.13 -9.73
C PRO J 96 12.43 -1.41 -9.94
N PRO J 97 11.56 -0.48 -9.50
CA PRO J 97 10.14 -0.64 -9.76
C PRO J 97 9.82 -0.43 -11.23
N GLU J 98 8.63 -0.84 -11.65
CA GLU J 98 8.19 -0.66 -13.03
C GLU J 98 8.25 0.82 -13.38
N LEU J 99 8.58 1.12 -14.64
CA LEU J 99 8.41 2.48 -15.17
C LEU J 99 6.95 2.90 -14.97
N PRO J 100 6.72 4.02 -14.26
CA PRO J 100 5.36 4.57 -14.19
C PRO J 100 4.79 4.88 -15.59
N ASP J 101 3.46 5.01 -15.66
CA ASP J 101 2.78 5.33 -16.92
C ASP J 101 3.46 6.51 -17.63
N VAL J 102 3.56 7.64 -16.93
CA VAL J 102 4.13 8.88 -17.50
C VAL J 102 5.61 8.80 -17.98
N MET J 103 6.33 7.76 -17.56
CA MET J 103 7.70 7.55 -18.04
C MET J 103 7.74 6.45 -19.11
N MET K 1 44.92 4.42 3.10
CA MET K 1 43.70 4.77 2.33
C MET K 1 42.44 4.51 3.16
N MET K 2 41.80 5.57 3.62
CA MET K 2 40.65 5.45 4.50
C MET K 2 39.36 5.26 3.71
N TYR K 3 38.55 4.33 4.18
CA TYR K 3 37.30 3.97 3.53
C TYR K 3 36.12 4.23 4.46
N VAL K 4 34.92 4.28 3.90
CA VAL K 4 33.70 4.37 4.71
C VAL K 4 32.63 3.40 4.18
N LYS K 5 31.74 2.98 5.06
CA LYS K 5 30.69 2.06 4.65
C LYS K 5 29.36 2.80 4.55
N LEU K 6 28.72 2.66 3.39
CA LEU K 6 27.36 3.17 3.17
C LEU K 6 26.43 1.98 2.96
N ILE K 7 25.36 1.90 3.73
CA ILE K 7 24.51 0.71 3.71
C ILE K 7 23.15 1.05 3.12
N SER K 8 22.71 0.29 2.11
CA SER K 8 21.42 0.51 1.45
C SER K 8 20.25 -0.02 2.29
N SER K 9 19.01 0.28 1.87
CA SER K 9 17.80 -0.10 2.60
C SER K 9 17.64 -1.61 2.58
N ASP K 10 18.09 -2.23 1.49
CA ASP K 10 18.09 -3.69 1.40
C ASP K 10 19.36 -4.37 1.97
N GLY K 11 20.16 -3.64 2.74
CA GLY K 11 21.27 -4.20 3.52
C GLY K 11 22.58 -4.44 2.77
N HIS K 12 22.74 -3.87 1.58
CA HIS K 12 24.01 -3.95 0.84
C HIS K 12 24.98 -2.94 1.43
N GLU K 13 26.21 -3.37 1.62
CA GLU K 13 27.21 -2.57 2.26
C GLU K 13 28.19 -2.13 1.17
N PHE K 14 28.23 -0.83 0.92
CA PHE K 14 29.10 -0.26 -0.08
C PHE K 14 30.28 0.41 0.60
N ILE K 15 31.49 -0.05 0.27
CA ILE K 15 32.68 0.48 0.91
C ILE K 15 33.44 1.32 -0.08
N VAL K 16 33.53 2.62 0.18
CA VAL K 16 34.13 3.59 -0.76
C VAL K 16 35.14 4.47 -0.04
N LYS K 17 36.10 4.99 -0.79
CA LYS K 17 37.08 5.89 -0.21
C LYS K 17 36.38 7.09 0.42
N ARG K 18 36.85 7.46 1.61
CA ARG K 18 36.34 8.60 2.36
C ARG K 18 36.27 9.84 1.48
N GLU K 19 37.39 10.15 0.83
CA GLU K 19 37.47 11.32 -0.06
C GLU K 19 36.35 11.35 -1.10
N HIS K 20 36.03 10.20 -1.66
CA HIS K 20 34.97 10.11 -2.65
C HIS K 20 33.59 10.34 -2.02
N ALA K 21 33.37 9.78 -0.84
CA ALA K 21 32.09 9.95 -0.13
C ALA K 21 31.86 11.42 0.25
N LEU K 22 32.93 12.14 0.58
CA LEU K 22 32.84 13.55 0.96
C LEU K 22 32.45 14.47 -0.21
N THR K 23 32.30 13.90 -1.41
CA THR K 23 31.54 14.54 -2.48
C THR K 23 30.12 14.94 -2.03
N SER K 24 29.52 14.11 -1.20
CA SER K 24 28.23 14.43 -0.61
C SER K 24 28.43 15.32 0.61
N GLY K 25 27.95 16.55 0.52
CA GLY K 25 27.89 17.44 1.68
C GLY K 25 27.13 16.82 2.84
N THR K 26 26.08 16.06 2.52
CA THR K 26 25.29 15.38 3.54
C THR K 26 26.11 14.30 4.24
N ILE K 27 26.73 13.41 3.48
CA ILE K 27 27.57 12.37 4.04
C ILE K 27 28.69 12.96 4.88
N LYS K 28 29.31 14.04 4.41
CA LYS K 28 30.35 14.72 5.18
C LYS K 28 29.91 15.06 6.60
N ALA K 29 28.66 15.48 6.76
CA ALA K 29 28.12 15.81 8.07
C ALA K 29 27.86 14.55 8.90
N MET K 30 27.30 13.53 8.27
CA MET K 30 27.01 12.25 8.95
C MET K 30 28.26 11.62 9.56
N LEU K 31 29.39 11.77 8.90
CA LEU K 31 30.64 11.22 9.39
C LEU K 31 31.23 12.09 10.49
N SER K 32 31.18 13.41 10.30
CA SER K 32 31.61 14.36 11.34
C SER K 32 30.49 14.66 12.34
N THR K 42 32.46 8.61 13.10
CA THR K 42 31.68 7.56 12.44
C THR K 42 32.27 7.19 11.06
N ASN K 43 32.37 5.89 10.79
CA ASN K 43 32.79 5.40 9.47
C ASN K 43 31.68 4.63 8.71
N GLU K 44 30.52 4.45 9.34
CA GLU K 44 29.37 3.78 8.73
C GLU K 44 28.16 4.70 8.63
N VAL K 45 27.41 4.57 7.56
CA VAL K 45 26.18 5.34 7.38
C VAL K 45 25.10 4.44 6.81
N ASN K 46 23.95 4.42 7.46
CA ASN K 46 22.77 3.66 7.02
C ASN K 46 21.79 4.57 6.31
N PHE K 47 21.27 4.11 5.18
CA PHE K 47 20.33 4.88 4.38
C PHE K 47 19.07 4.07 4.15
N ARG K 48 18.13 4.14 5.08
CA ARG K 48 16.95 3.28 5.06
C ARG K 48 15.97 3.52 3.90
N GLU K 49 16.12 4.62 3.16
CA GLU K 49 15.29 4.89 1.98
C GLU K 49 15.99 4.79 0.65
N ILE K 50 17.25 4.36 0.65
CA ILE K 50 18.00 4.25 -0.59
C ILE K 50 18.35 2.79 -0.82
N PRO K 51 17.63 2.15 -1.76
CA PRO K 51 17.90 0.77 -2.11
C PRO K 51 19.20 0.63 -2.91
N SER K 52 19.75 -0.58 -2.92
CA SER K 52 21.07 -0.84 -3.50
C SER K 52 21.17 -0.52 -4.99
N HIS K 53 20.10 -0.68 -5.76
CA HIS K 53 20.18 -0.32 -7.20
C HIS K 53 20.35 1.18 -7.42
N VAL K 54 20.02 1.97 -6.39
CA VAL K 54 20.24 3.41 -6.39
C VAL K 54 21.62 3.76 -5.78
N LEU K 55 21.91 3.23 -4.61
CA LEU K 55 23.16 3.58 -3.88
C LEU K 55 24.43 3.13 -4.59
N SER K 56 24.33 1.99 -5.28
CA SER K 56 25.41 1.52 -6.16
C SER K 56 25.78 2.62 -7.13
N LYS K 57 24.75 3.19 -7.75
CA LYS K 57 24.91 4.26 -8.73
C LYS K 57 25.44 5.53 -8.14
N VAL K 58 24.97 5.89 -6.95
CA VAL K 58 25.52 7.03 -6.25
C VAL K 58 27.03 6.86 -6.09
N CYS K 59 27.47 5.67 -5.69
CA CYS K 59 28.88 5.40 -5.50
C CYS K 59 29.64 5.54 -6.82
N MET K 60 29.04 5.07 -7.90
CA MET K 60 29.66 5.24 -9.21
C MET K 60 29.81 6.74 -9.53
N TYR K 61 28.82 7.54 -9.16
CA TYR K 61 28.89 9.00 -9.35
C TYR K 61 30.11 9.59 -8.64
N PHE K 62 30.32 9.22 -7.37
CA PHE K 62 31.47 9.71 -6.63
C PHE K 62 32.77 9.45 -7.41
N THR K 63 32.93 8.24 -7.89
CA THR K 63 34.14 7.84 -8.62
C THR K 63 34.30 8.72 -9.86
N TYR K 64 33.21 8.89 -10.59
CA TYR K 64 33.15 9.67 -11.81
C TYR K 64 33.51 11.14 -11.56
N LYS K 65 32.88 11.72 -10.54
CA LYS K 65 33.12 13.11 -10.24
C LYS K 65 34.58 13.38 -9.88
N VAL K 66 35.14 12.56 -8.99
CA VAL K 66 36.51 12.77 -8.59
C VAL K 66 37.45 12.55 -9.78
N ARG K 67 37.17 11.52 -10.58
CA ARG K 67 38.01 11.27 -11.73
C ARG K 67 38.01 12.45 -12.72
N TYR K 68 36.84 13.03 -12.97
CA TYR K 68 36.71 13.99 -14.06
C TYR K 68 36.69 15.46 -13.65
N THR K 69 36.70 15.73 -12.35
CA THR K 69 36.81 17.11 -11.85
C THR K 69 38.25 17.60 -12.06
N ASN K 70 38.36 18.85 -12.55
CA ASN K 70 39.61 19.44 -13.08
C ASN K 70 40.57 18.42 -13.71
N SER K 71 40.06 17.76 -14.75
CA SER K 71 40.81 16.80 -15.54
C SER K 71 41.05 17.36 -16.94
N SER K 72 42.02 16.78 -17.64
CA SER K 72 42.33 17.17 -19.03
C SER K 72 41.54 16.34 -20.05
N THR K 73 41.37 15.04 -19.80
CA THR K 73 40.69 14.15 -20.75
C THR K 73 39.20 14.48 -20.92
N GLU K 74 38.65 14.06 -22.06
CA GLU K 74 37.29 14.39 -22.45
C GLU K 74 36.30 13.73 -21.51
N ILE K 75 35.29 14.48 -21.11
CA ILE K 75 34.37 14.03 -20.09
C ILE K 75 33.22 13.33 -20.78
N PRO K 76 32.99 12.05 -20.43
CA PRO K 76 31.85 11.34 -20.96
C PRO K 76 30.60 11.55 -20.10
N GLU K 77 29.45 11.16 -20.64
CA GLU K 77 28.18 11.30 -19.98
C GLU K 77 28.13 10.38 -18.80
N PHE K 78 27.54 10.85 -17.71
CA PHE K 78 27.17 9.96 -16.63
C PHE K 78 25.83 9.32 -16.99
N PRO K 79 25.81 7.98 -17.12
CA PRO K 79 24.61 7.34 -17.63
C PRO K 79 23.66 7.00 -16.47
N ILE K 80 22.38 7.18 -16.72
CA ILE K 80 21.35 6.84 -15.76
C ILE K 80 20.23 6.10 -16.50
N ALA K 81 20.00 4.82 -16.16
CA ALA K 81 18.91 4.06 -16.78
C ALA K 81 17.58 4.69 -16.37
N PRO K 82 16.65 4.81 -17.31
CA PRO K 82 15.36 5.46 -17.00
C PRO K 82 14.67 4.95 -15.74
N GLU K 83 14.86 3.66 -15.41
CA GLU K 83 14.11 2.99 -14.35
C GLU K 83 14.54 3.43 -12.95
N ILE K 84 15.78 3.91 -12.83
CA ILE K 84 16.32 4.32 -11.54
C ILE K 84 16.37 5.84 -11.34
N ALA K 85 16.04 6.60 -12.40
CA ALA K 85 16.22 8.05 -12.42
C ALA K 85 15.46 8.79 -11.32
N LEU K 86 14.20 8.40 -11.11
CA LEU K 86 13.38 9.02 -10.07
C LEU K 86 13.98 8.85 -8.69
N GLU K 87 14.27 7.60 -8.34
CA GLU K 87 14.86 7.29 -7.04
C GLU K 87 16.24 7.89 -6.87
N LEU K 88 17.03 7.86 -7.93
CA LEU K 88 18.37 8.44 -7.88
C LEU K 88 18.27 9.94 -7.62
N LEU K 89 17.33 10.61 -8.29
CA LEU K 89 17.06 12.04 -8.07
C LEU K 89 16.77 12.31 -6.58
N MET K 90 15.87 11.52 -6.00
CA MET K 90 15.54 11.63 -4.58
C MET K 90 16.81 11.48 -3.75
N ALA K 91 17.59 10.46 -4.05
CA ALA K 91 18.82 10.22 -3.35
C ALA K 91 19.80 11.39 -3.49
N ALA K 92 19.98 11.87 -4.71
CA ALA K 92 20.88 12.99 -4.99
C ALA K 92 20.45 14.22 -4.22
N ASN K 93 19.16 14.51 -4.21
CA ASN K 93 18.65 15.66 -3.44
C ASN K 93 19.00 15.60 -1.95
N PHE K 94 18.80 14.44 -1.33
CA PHE K 94 19.11 14.27 0.08
C PHE K 94 20.62 14.33 0.35
N LEU K 95 21.43 13.80 -0.57
CA LEU K 95 22.87 13.78 -0.39
C LEU K 95 23.59 15.07 -0.85
N ASP K 96 22.87 15.99 -1.47
CA ASP K 96 23.42 17.27 -1.93
C ASP K 96 24.69 17.04 -2.75
N CYS K 97 24.56 16.27 -3.82
CA CYS K 97 25.69 16.02 -4.69
C CYS K 97 25.24 15.91 -6.15
N VAL L 11 25.83 44.83 -18.65
CA VAL L 11 25.14 44.23 -19.82
C VAL L 11 26.10 43.33 -20.61
N LEU L 12 25.81 42.03 -20.61
CA LEU L 12 26.56 41.07 -21.40
C LEU L 12 26.12 41.21 -22.85
N ARG L 13 27.03 41.69 -23.68
CA ARG L 13 26.74 41.91 -25.09
C ARG L 13 28.04 41.85 -25.88
N SER L 14 27.95 41.52 -27.17
CA SER L 14 29.10 41.61 -28.05
C SER L 14 29.39 43.09 -28.31
N VAL L 15 30.66 43.40 -28.51
CA VAL L 15 31.04 44.75 -28.93
C VAL L 15 31.32 44.71 -30.44
N ASN L 16 30.95 45.79 -31.14
CA ASN L 16 31.13 45.86 -32.59
C ASN L 16 32.55 46.30 -32.93
N SER L 17 33.49 45.39 -32.77
CA SER L 17 34.90 45.73 -32.98
C SER L 17 35.23 45.87 -34.46
N ARG L 18 34.53 45.13 -35.32
CA ARG L 18 34.84 45.05 -36.75
C ARG L 18 36.17 44.34 -37.04
N GLU L 19 36.78 43.73 -36.04
CA GLU L 19 38.09 43.10 -36.21
C GLU L 19 37.88 41.58 -36.26
N PRO L 20 38.03 40.95 -37.44
CA PRO L 20 37.74 39.53 -37.56
C PRO L 20 38.61 38.64 -36.67
N SER L 21 37.99 37.59 -36.16
CA SER L 21 38.69 36.57 -35.40
C SER L 21 38.17 35.24 -35.93
N GLN L 22 39.07 34.40 -36.39
CA GLN L 22 38.73 33.07 -36.87
C GLN L 22 38.81 32.10 -35.70
N VAL L 23 37.81 31.24 -35.62
CA VAL L 23 37.61 30.36 -34.48
C VAL L 23 37.30 28.94 -34.95
N ILE L 24 37.78 27.95 -34.20
CA ILE L 24 37.33 26.57 -34.41
C ILE L 24 36.33 26.23 -33.29
N PHE L 25 35.06 26.06 -33.63
CA PHE L 25 34.12 25.48 -32.67
C PHE L 25 34.38 24.00 -32.70
N CAS L 26 34.80 23.43 -31.55
CA CAS L 26 35.14 22.01 -31.47
CB CAS L 26 36.63 21.93 -31.20
C CAS L 26 34.29 21.37 -30.41
O CAS L 26 34.38 21.70 -29.23
SG CAS L 26 37.15 20.27 -30.95
AS CAS L 26 36.69 19.18 -32.83
CE1 CAS L 26 37.89 19.65 -34.29
CE2 CAS L 26 37.11 17.31 -32.33
N ASN L 27 33.42 20.45 -30.84
CA ASN L 27 32.46 19.86 -29.95
C ASN L 27 33.03 18.57 -29.41
N ARG L 28 33.68 18.66 -28.27
CA ARG L 28 34.19 17.48 -27.60
C ARG L 28 33.20 17.04 -26.49
N SER L 29 31.91 17.06 -26.78
CA SER L 29 30.92 16.57 -25.87
C SER L 29 30.13 15.51 -26.60
N PRO L 30 29.30 14.75 -25.87
CA PRO L 30 28.40 13.81 -26.53
C PRO L 30 27.06 14.41 -26.91
N ARG L 31 26.88 15.73 -26.78
CA ARG L 31 25.59 16.37 -27.08
C ARG L 31 25.65 17.07 -28.43
N VAL L 32 24.49 17.27 -29.06
CA VAL L 32 24.34 18.17 -30.20
C VAL L 32 24.46 19.57 -29.61
N VAL L 33 25.39 20.38 -30.10
CA VAL L 33 25.67 21.70 -29.55
C VAL L 33 24.97 22.83 -30.32
N LEU L 34 24.31 23.71 -29.58
CA LEU L 34 23.80 24.94 -30.09
C LEU L 34 24.72 26.08 -29.72
N PRO L 35 25.41 26.68 -30.72
CA PRO L 35 26.15 27.88 -30.41
C PRO L 35 25.21 29.07 -30.32
N VAL L 36 25.47 29.96 -29.36
CA VAL L 36 24.63 31.12 -29.13
C VAL L 36 25.53 32.35 -29.06
N TRP L 37 25.28 33.30 -29.94
CA TRP L 37 26.01 34.58 -29.98
C TRP L 37 25.16 35.62 -29.28
N LEU L 38 25.75 36.38 -28.37
CA LEU L 38 25.08 37.51 -27.76
C LEU L 38 25.24 38.70 -28.68
N ASN L 39 24.13 39.23 -29.18
CA ASN L 39 24.21 40.25 -30.20
C ASN L 39 24.53 41.59 -29.52
N PHE L 40 24.47 42.68 -30.26
CA PHE L 40 24.92 43.97 -29.75
C PHE L 40 24.00 44.55 -28.69
N ASP L 41 22.78 44.01 -28.60
CA ASP L 41 21.84 44.36 -27.53
C ASP L 41 21.87 43.37 -26.38
N GLY L 42 22.70 42.35 -26.47
CA GLY L 42 22.76 41.32 -25.43
C GLY L 42 21.77 40.18 -25.61
N GLU L 43 21.07 40.17 -26.74
CA GLU L 43 20.07 39.17 -27.02
C GLU L 43 20.72 37.91 -27.61
N PRO L 44 20.36 36.72 -27.09
CA PRO L 44 20.93 35.47 -27.56
C PRO L 44 20.50 35.13 -28.98
N GLN L 45 21.47 34.88 -29.85
CA GLN L 45 21.19 34.54 -31.23
C GLN L 45 21.70 33.14 -31.52
N PRO L 46 20.79 32.19 -31.84
CA PRO L 46 21.20 30.83 -32.08
C PRO L 46 21.88 30.69 -33.43
N TYR L 47 22.85 29.79 -33.54
CA TYR L 47 23.60 29.53 -34.77
C TYR L 47 23.44 28.05 -35.12
N PRO L 48 23.90 27.62 -36.31
CA PRO L 48 23.71 26.22 -36.66
C PRO L 48 24.36 25.23 -35.67
N THR L 49 23.74 24.07 -35.52
CA THR L 49 24.14 23.11 -34.52
C THR L 49 25.33 22.26 -34.98
N LEU L 50 26.06 21.74 -34.00
CA LEU L 50 27.22 20.88 -34.21
C LEU L 50 26.96 19.50 -33.62
N PRO L 51 27.00 18.43 -34.45
CA PRO L 51 26.85 17.09 -33.84
C PRO L 51 28.03 16.71 -32.92
N PRO L 52 27.81 15.74 -31.99
CA PRO L 52 28.86 15.24 -31.10
C PRO L 52 30.17 14.97 -31.84
N GLY L 53 31.29 15.41 -31.26
CA GLY L 53 32.61 15.12 -31.84
C GLY L 53 33.04 15.84 -33.12
N THR L 54 32.20 16.73 -33.65
CA THR L 54 32.53 17.48 -34.86
C THR L 54 33.06 18.88 -34.57
N GLY L 55 33.74 19.46 -35.57
CA GLY L 55 34.26 20.81 -35.45
C GLY L 55 34.03 21.61 -36.73
N ARG L 56 33.99 22.93 -36.60
CA ARG L 56 33.86 23.83 -37.75
C ARG L 56 34.69 25.08 -37.55
N ARG L 57 35.25 25.56 -38.65
CA ARG L 57 35.98 26.82 -38.66
C ARG L 57 34.98 27.90 -38.97
N ILE L 58 34.89 28.91 -38.12
CA ILE L 58 33.89 29.95 -38.28
C ILE L 58 34.49 31.32 -38.13
N HIS L 59 33.80 32.30 -38.70
CA HIS L 59 34.22 33.68 -38.75
C HIS L 59 33.45 34.46 -37.70
N SER L 60 34.18 35.07 -36.78
CA SER L 60 33.58 35.90 -35.77
C SER L 60 34.42 37.16 -35.64
N TYR L 61 34.33 37.83 -34.48
CA TYR L 61 35.01 39.12 -34.28
C TYR L 61 35.51 39.25 -32.85
N ARG L 62 36.55 40.05 -32.68
CA ARG L 62 37.08 40.32 -31.36
C ARG L 62 36.01 40.99 -30.52
N GLY L 63 35.94 40.61 -29.25
CA GLY L 63 34.96 41.18 -28.37
C GLY L 63 33.56 40.63 -28.49
N HIS L 64 33.33 39.65 -29.38
CA HIS L 64 32.00 39.04 -29.50
C HIS L 64 31.84 37.95 -28.44
N LEU L 65 30.64 37.76 -27.93
CA LEU L 65 30.43 36.84 -26.83
C LEU L 65 29.60 35.65 -27.29
N TRP L 66 30.06 34.47 -26.92
CA TRP L 66 29.40 33.24 -27.27
C TRP L 66 29.18 32.38 -26.06
N LEU L 67 28.12 31.57 -26.10
CA LEU L 67 27.98 30.45 -25.17
C LEU L 67 27.42 29.26 -25.93
N PHE L 68 27.37 28.10 -25.26
CA PHE L 68 27.09 26.84 -25.91
C PHE L 68 26.18 25.99 -25.04
N ARG L 69 25.14 25.44 -25.65
CA ARG L 69 24.13 24.66 -24.95
C ARG L 69 23.84 23.39 -25.71
N ASP L 70 23.22 22.44 -25.03
CA ASP L 70 22.65 21.28 -25.69
C ASP L 70 21.51 21.84 -26.52
N ALA L 71 21.52 21.52 -27.82
CA ALA L 71 20.51 22.05 -28.74
C ALA L 71 19.09 21.57 -28.45
N GLY L 72 18.93 20.40 -27.84
CA GLY L 72 17.61 19.83 -27.58
C GLY L 72 16.97 20.25 -26.27
N THR L 73 17.80 20.27 -25.22
CA THR L 73 17.35 20.50 -23.86
C THR L 73 17.77 21.86 -23.27
N HIS L 74 18.71 22.52 -23.95
CA HIS L 74 19.36 23.75 -23.47
C HIS L 74 20.26 23.60 -22.23
N ASP L 75 20.59 22.37 -21.85
CA ASP L 75 21.57 22.16 -20.77
C ASP L 75 22.83 22.97 -21.03
N GLY L 76 23.38 23.52 -19.96
CA GLY L 76 24.58 24.34 -20.04
C GLY L 76 25.76 23.47 -20.38
N LEU L 77 26.65 23.99 -21.22
CA LEU L 77 27.90 23.31 -21.57
C LEU L 77 29.01 24.27 -21.35
N LEU L 78 30.23 23.79 -21.30
CA LEU L 78 31.40 24.63 -21.08
C LEU L 78 32.18 24.85 -22.39
N VAL L 79 32.89 25.97 -22.44
CA VAL L 79 33.77 26.27 -23.54
C VAL L 79 35.11 26.74 -22.97
N ASN L 80 36.19 26.08 -23.37
CA ASN L 80 37.48 26.26 -22.70
C ASN L 80 37.30 26.35 -21.19
N GLN L 81 36.49 25.44 -20.65
CA GLN L 81 36.31 25.25 -19.19
C GLN L 81 35.54 26.37 -18.50
N THR L 82 34.92 27.27 -19.25
CA THR L 82 34.18 28.35 -18.63
C THR L 82 32.86 28.57 -19.40
N GLU L 83 32.09 29.55 -18.96
CA GLU L 83 30.73 29.74 -19.45
C GLU L 83 30.71 30.46 -20.78
N LEU L 84 31.46 31.56 -20.84
CA LEU L 84 31.50 32.44 -22.02
C LEU L 84 32.77 32.28 -22.82
N PHE L 85 32.64 32.46 -24.14
CA PHE L 85 33.79 32.44 -25.03
C PHE L 85 33.80 33.74 -25.81
N VAL L 86 34.96 34.40 -25.83
CA VAL L 86 35.17 35.68 -26.50
C VAL L 86 36.34 35.53 -27.48
N PRO L 87 36.10 35.58 -28.81
CA PRO L 87 37.22 35.47 -29.75
C PRO L 87 38.29 36.54 -29.52
N SER L 88 39.54 36.14 -29.58
CA SER L 88 40.64 37.06 -29.40
C SER L 88 41.44 37.25 -30.70
N LEU L 89 42.55 37.99 -30.61
CA LEU L 89 43.35 38.32 -31.77
C LEU L 89 44.05 37.06 -32.29
N ASN L 90 43.86 36.76 -33.58
CA ASN L 90 44.58 35.67 -34.24
C ASN L 90 46.07 36.05 -34.32
N VAL L 91 46.96 35.13 -33.95
CA VAL L 91 48.35 35.50 -33.72
C VAL L 91 49.28 35.19 -34.91
N ASP L 92 49.21 33.98 -35.44
CA ASP L 92 50.10 33.58 -36.54
C ASP L 92 49.30 32.77 -37.56
N GLY L 93 48.16 33.32 -37.96
CA GLY L 93 47.21 32.59 -38.78
C GLY L 93 46.46 31.50 -38.01
N GLN L 94 46.88 31.22 -36.77
CA GLN L 94 46.22 30.21 -35.98
C GLN L 94 44.84 30.69 -35.62
N PRO L 95 43.80 29.88 -35.89
CA PRO L 95 42.51 30.18 -35.36
C PRO L 95 42.48 29.83 -33.87
N ILE L 96 41.55 30.44 -33.18
CA ILE L 96 41.35 30.26 -31.76
C ILE L 96 40.43 29.05 -31.56
N PHE L 97 40.86 28.10 -30.75
CA PHE L 97 40.02 26.95 -30.42
C PHE L 97 38.99 27.25 -29.33
N ALA L 98 37.74 26.94 -29.63
CA ALA L 98 36.67 26.93 -28.64
C ALA L 98 36.27 25.49 -28.43
N ASN L 99 36.80 24.90 -27.38
CA ASN L 99 36.60 23.51 -27.03
C ASN L 99 35.37 23.41 -26.15
N ILE L 100 34.34 22.78 -26.68
CA ILE L 100 33.05 22.71 -26.05
C ILE L 100 33.00 21.33 -25.43
N THR L 101 32.74 21.29 -24.12
CA THR L 101 32.76 20.06 -23.34
C THR L 101 31.55 19.95 -22.43
N LEU L 102 31.25 18.71 -22.02
CA LEU L 102 30.30 18.45 -20.95
C LEU L 102 30.89 18.92 -19.63
N PRO L 103 30.12 19.70 -18.86
CA PRO L 103 30.54 19.87 -17.47
C PRO L 103 30.33 18.58 -16.70
N VAL L 104 30.95 18.50 -15.52
CA VAL L 104 30.63 17.48 -14.55
C VAL L 104 29.42 18.01 -13.83
N TYR L 105 28.24 17.64 -14.28
CA TYR L 105 27.03 18.00 -13.59
C TYR L 105 27.01 17.37 -12.20
N THR L 106 26.30 18.01 -11.27
CA THR L 106 25.93 17.38 -10.02
C THR L 106 25.07 16.17 -10.38
N LEU L 107 25.04 15.18 -9.50
CA LEU L 107 24.18 14.05 -9.72
C LEU L 107 22.72 14.50 -9.76
N LYS L 108 22.37 15.47 -8.90
CA LYS L 108 21.03 16.03 -8.88
C LYS L 108 20.69 16.62 -10.23
N GLU L 109 21.56 17.47 -10.76
CA GLU L 109 21.26 18.11 -12.02
C GLU L 109 21.13 17.08 -13.12
N ARG L 110 22.04 16.12 -13.14
CA ARG L 110 22.00 15.05 -14.13
C ARG L 110 20.72 14.19 -14.05
N CYS L 111 20.27 13.88 -12.84
CA CYS L 111 19.00 13.19 -12.65
C CYS L 111 17.84 14.04 -13.15
N LEU L 112 17.86 15.33 -12.86
CA LEU L 112 16.84 16.20 -13.40
C LEU L 112 16.80 16.15 -14.92
N GLN L 113 17.96 16.09 -15.58
CA GLN L 113 17.99 15.99 -17.05
C GLN L 113 17.32 14.71 -17.56
N VAL L 114 17.56 13.60 -16.88
CA VAL L 114 17.03 12.33 -17.34
C VAL L 114 15.52 12.25 -17.13
N VAL L 115 15.04 12.71 -15.98
CA VAL L 115 13.62 12.70 -15.71
C VAL L 115 12.88 13.58 -16.72
N ARG L 116 13.44 14.75 -17.04
CA ARG L 116 12.85 15.67 -18.02
C ARG L 116 12.79 15.05 -19.40
N SER L 117 13.83 14.31 -19.77
CA SER L 117 13.89 13.65 -21.07
C SER L 117 12.86 12.53 -21.23
N LEU L 118 12.18 12.16 -20.15
CA LEU L 118 11.25 11.03 -20.17
C LEU L 118 9.81 11.42 -19.89
N VAL L 119 9.63 12.46 -19.08
CA VAL L 119 8.31 12.90 -18.66
C VAL L 119 7.88 14.12 -19.48
N LYS L 120 6.61 14.18 -19.82
CA LYS L 120 6.06 15.34 -20.51
C LYS L 120 5.88 16.46 -19.47
N PRO L 121 6.19 17.72 -19.84
CA PRO L 121 6.10 18.87 -18.91
C PRO L 121 4.79 19.00 -18.13
N GLU L 122 3.71 18.43 -18.65
CA GLU L 122 2.41 18.45 -17.99
C GLU L 122 2.47 17.66 -16.67
N ASN L 123 3.12 16.50 -16.72
CA ASN L 123 3.01 15.48 -15.69
C ASN L 123 3.93 15.60 -14.47
N TYR L 124 4.90 16.52 -14.51
CA TYR L 124 5.91 16.65 -13.42
C TYR L 124 5.29 16.61 -12.01
N ARG L 125 4.16 17.29 -11.82
CA ARG L 125 3.45 17.31 -10.53
C ARG L 125 2.84 15.96 -10.11
N ARG L 126 2.64 15.07 -11.08
CA ARG L 126 2.12 13.73 -10.79
C ARG L 126 3.13 12.85 -10.01
N LEU L 127 4.42 12.97 -10.34
CA LEU L 127 5.48 12.12 -9.77
C LEU L 127 5.51 12.15 -8.24
N ASP L 128 5.72 10.98 -7.62
CA ASP L 128 5.70 10.90 -6.15
C ASP L 128 7.05 11.29 -5.57
N ILE L 129 7.33 12.60 -5.60
CA ILE L 129 8.55 13.17 -5.00
C ILE L 129 8.17 14.40 -4.18
N VAL L 130 9.14 14.93 -3.44
CA VAL L 130 8.92 16.11 -2.61
C VAL L 130 8.51 17.31 -3.48
N SER L 132 8.98 20.48 -4.17
CA SER L 132 10.31 21.03 -3.93
C SER L 132 11.24 20.61 -5.07
N LEU L 133 11.30 19.30 -5.31
CA LEU L 133 11.92 18.75 -6.52
C LEU L 133 11.06 19.08 -7.74
N TYR L 134 9.78 19.35 -7.48
CA TYR L 134 8.87 19.88 -8.48
C TYR L 134 9.39 21.18 -9.06
N GLU L 135 9.75 22.09 -8.15
CA GLU L 135 10.32 23.40 -8.51
C GLU L 135 11.63 23.25 -9.26
N ASP L 136 12.42 22.24 -8.89
CA ASP L 136 13.71 22.01 -9.51
C ASP L 136 13.57 21.54 -10.96
N LEU L 137 12.60 20.66 -11.21
CA LEU L 137 12.33 20.18 -12.57
C LEU L 137 11.80 21.30 -13.45
N GLU L 138 10.91 22.11 -12.90
CA GLU L 138 10.25 23.20 -13.64
C GLU L 138 11.24 24.26 -14.05
N ASP L 139 12.23 24.49 -13.20
CA ASP L 139 13.30 25.44 -13.46
C ASP L 139 14.22 24.92 -14.60
N HIS L 140 13.65 24.73 -15.80
CA HIS L 140 14.38 24.28 -16.99
C HIS L 140 15.60 25.15 -17.27
N PRO L 141 16.70 24.52 -17.73
CA PRO L 141 17.84 25.29 -18.25
C PRO L 141 17.35 26.28 -19.30
N ASN L 142 17.86 27.50 -19.23
CA ASN L 142 17.33 28.60 -20.02
C ASN L 142 18.47 29.59 -20.18
N VAL L 143 18.77 29.94 -21.42
CA VAL L 143 19.85 30.90 -21.70
C VAL L 143 19.59 32.22 -21.01
N GLN L 144 18.39 32.77 -21.17
CA GLN L 144 18.03 34.07 -20.59
C GLN L 144 18.19 34.08 -19.06
N LYS L 145 17.73 33.04 -18.37
CA LYS L 145 17.94 32.97 -16.92
C LYS L 145 19.44 32.90 -16.57
N ASP L 146 20.22 32.20 -17.39
CA ASP L 146 21.67 32.11 -17.18
C ASP L 146 22.39 33.45 -17.42
N LEU L 147 21.97 34.18 -18.46
CA LEU L 147 22.48 35.52 -18.71
C LEU L 147 22.14 36.45 -17.55
N GLU L 148 20.93 36.31 -17.00
CA GLU L 148 20.59 37.01 -15.78
C GLU L 148 21.59 36.70 -14.67
N ARG L 149 21.86 35.41 -14.41
CA ARG L 149 22.79 35.02 -13.33
C ARG L 149 24.19 35.55 -13.55
N LEU L 150 24.72 35.38 -14.77
CA LEU L 150 26.06 35.83 -15.12
C LEU L 150 26.20 37.34 -14.89
N THR L 151 25.18 38.10 -15.26
CA THR L 151 25.18 39.55 -15.05
C THR L 151 25.21 39.93 -13.56
N GLN L 152 24.59 39.13 -12.69
CA GLN L 152 24.68 39.39 -11.25
C GLN L 152 26.14 39.34 -10.78
N GLU L 153 26.85 38.29 -11.18
CA GLU L 153 28.28 38.14 -10.87
C GLU L 153 29.11 39.25 -11.51
CD1 3JH M . 11.74 35.25 2.57
CG 3JH M . 12.72 35.08 3.74
CD2 3JH M . 14.14 35.06 3.17
CB 3JH M . 12.49 33.79 4.53
CA 3JH M . 10.99 33.72 4.87
N 3JH M . 10.62 34.89 5.67
CAA 3JH M . 9.37 35.41 5.75
OAC 3JH M . 9.10 36.40 6.45
CAD 3JH M . 8.27 34.76 4.92
C 3JH M . 10.68 32.44 5.68
O 3JH M . 11.07 32.30 6.83
NAH 3JH M . 9.92 31.56 5.04
CAI 3JH M . 9.42 30.34 5.66
CAJ 3JH M . 7.92 30.21 5.29
CAL 3JH M . 7.16 31.38 5.94
CAM 3JH M . 7.32 28.88 5.80
CAK 3JH M . 7.68 30.29 3.75
CAQ 3JH M . 10.28 29.16 5.21
OAR 3JH M . 10.67 29.13 4.04
NAS 3JH M . 10.57 28.18 6.10
CAW 3JH M . 10.26 28.11 7.54
CAV 3JH M . 11.34 27.21 8.13
OAZ 3JH M . 12.53 27.99 8.46
CAU 3JH M . 11.70 26.25 7.09
CAT 3JH M . 11.40 26.97 5.74
CAX 3JH M . 10.76 26.11 4.84
OAY 3JH M . 9.54 26.01 4.83
NBA 3JH M . 11.54 25.41 3.95
CBB 3JH M . 10.95 24.49 2.98
CBC 3JH M . 10.87 23.18 3.57
CBH 3JH M . 11.52 22.80 4.77
CBG 3JH M . 11.37 21.50 5.30
CBD 3JH M . 10.07 22.22 2.94
CBE 3JH M . 9.94 20.92 3.47
CBF 3JH M . 10.59 20.54 4.66
CBI 3JH M . 10.50 19.30 5.18
SBM 3JH M . 10.44 18.88 6.87
CBL 3JH M . 10.37 17.26 6.60
NBK 3JH M . 10.40 17.02 5.30
CBJ 3JH M . 10.47 18.12 4.52
CBN 3JH M . 10.50 17.95 2.99
CD1 3JH N . -29.92 21.57 -12.78
CG 3JH N . -29.25 21.44 -11.40
CD2 3JH N . -27.72 21.47 -11.57
CB 3JH N . -29.62 20.14 -10.69
CA 3JH N . -31.12 20.19 -10.37
N 3JH N . -31.42 21.33 -9.49
CAA 3JH N . -32.60 21.95 -9.40
OAC 3JH N . -32.78 22.90 -8.64
CAD 3JH N . -33.75 21.45 -10.29
C 3JH N . -31.55 18.90 -9.63
O 3JH N . -31.10 18.63 -8.51
NAH 3JH N . -32.48 18.15 -10.26
CAI 3JH N . -33.04 16.92 -9.68
CAJ 3JH N . -34.49 16.74 -10.16
CAL 3JH N . -35.33 17.94 -9.71
CAM 3JH N . -35.10 15.49 -9.50
CAK 3JH N . -34.60 16.60 -11.69
CAQ 3JH N . -32.17 15.75 -10.14
OAR 3JH N . -31.83 15.69 -11.32
NAS 3JH N . -31.86 14.78 -9.26
CAW 3JH N . -32.11 14.66 -7.80
CAV 3JH N . -31.13 13.61 -7.30
OAZ 3JH N . -30.05 14.23 -6.54
CAU 3JH N . -30.43 13.02 -8.45
CAT 3JH N . -31.01 13.62 -9.71
CAX 3JH N . -31.72 12.71 -10.49
OAY 3JH N . -32.94 12.64 -10.39
NBA 3JH N . -31.00 11.96 -11.35
CBB 3JH N . -31.64 11.00 -12.25
CBC 3JH N . -31.71 9.71 -11.67
CBH 3JH N . -30.98 9.30 -10.53
CBG 3JH N . -31.14 8.00 -10.03
CBD 3JH N . -32.56 8.79 -12.28
CBE 3JH N . -32.72 7.50 -11.77
CBF 3JH N . -32.00 7.07 -10.65
CBI 3JH N . -32.16 5.82 -10.14
SBM 3JH N . -32.17 5.41 -8.45
CBL 3JH N . -32.38 3.80 -8.69
NBK 3JH N . -32.44 3.57 -10.00
CBJ 3JH N . -32.32 4.65 -10.80
CBN 3JH N . -32.38 4.45 -12.33
CD1 3JH O . -12.03 31.05 -55.86
CG 3JH O . -11.33 31.01 -54.49
CD2 3JH O . -9.81 31.06 -54.70
CB 3JH O . -11.67 29.73 -53.74
CA 3JH O . -13.19 29.69 -53.54
N 3JH O . -13.67 30.88 -52.80
CAA 3JH O . -14.91 31.39 -52.91
OAC 3JH O . -15.27 32.35 -52.23
CAD 3JH O . -15.86 30.76 -53.93
C 3JH O . -13.60 28.49 -52.68
O 3JH O . -13.25 28.43 -51.51
NAH 3JH O . -14.40 27.62 -53.28
CAI 3JH O . -14.98 26.44 -52.63
CAJ 3JH O . -16.45 26.29 -53.10
CAL 3JH O . -17.24 27.58 -52.77
CAM 3JH O . -17.14 25.15 -52.38
CAK 3JH O . -16.58 26.03 -54.64
CAQ 3JH O . -14.12 25.21 -52.99
OAR 3JH O . -13.69 25.09 -54.13
NAS 3JH O . -13.87 24.32 -52.05
CAW 3JH O . -14.24 24.27 -50.60
CAV 3JH O . -13.30 23.27 -49.99
OAZ 3JH O . -12.07 23.93 -49.59
CAU 3JH O . -12.95 22.30 -51.03
CAT 3JH O . -13.07 23.09 -52.37
CAX 3JH O . -13.68 22.27 -53.33
OAY 3JH O . -14.91 22.19 -53.40
NBA 3JH O . -12.88 21.50 -54.08
CBB 3JH O . -13.46 20.54 -55.04
CBC 3JH O . -13.59 19.26 -54.40
CBH 3JH O . -12.97 18.90 -53.18
CBG 3JH O . -13.17 17.63 -52.61
CBD 3JH O . -14.39 18.30 -55.02
CBE 3JH O . -14.58 17.02 -54.45
CBF 3JH O . -13.97 16.66 -53.23
CBI 3JH O . -14.14 15.43 -52.68
SBM 3JH O . -14.33 15.10 -51.07
CBL 3JH O . -14.45 13.46 -51.17
NBK 3JH O . -14.35 13.16 -52.45
CBJ 3JH O . -14.18 14.22 -53.28
CBN 3JH O . -14.04 13.98 -54.81
CD1 3JH P . 30.16 44.40 -40.80
CG 3JH P . 30.98 44.41 -39.49
CD2 3JH P . 32.47 44.54 -39.85
CB 3JH P . 30.78 43.13 -38.71
CA 3JH P . 29.27 42.99 -38.48
N 3JH P . 28.77 44.14 -37.74
CAA 3JH P . 27.51 44.62 -37.84
OAC 3JH P . 27.13 45.58 -37.16
CAD 3JH P . 26.59 43.99 -38.87
C 3JH P . 28.90 41.77 -37.60
O 3JH P . 29.22 41.74 -36.42
NAH 3JH P . 28.13 40.85 -38.19
CAI 3JH P . 27.56 39.68 -37.52
CAJ 3JH P . 26.06 39.61 -37.93
CAL 3JH P . 25.35 40.86 -37.41
CAM 3JH P . 25.37 38.39 -37.32
CAK 3JH P . 25.86 39.52 -39.49
CAQ 3JH P . 28.38 38.46 -37.90
OAR 3JH P . 28.74 38.30 -39.06
NAS 3JH P . 28.68 37.59 -36.93
CAW 3JH P . 28.35 37.63 -35.48
CAV 3JH P . 29.22 36.56 -34.83
OAZ 3JH P . 30.42 37.20 -34.32
CAU 3JH P . 29.65 35.63 -35.88
CAT 3JH P . 29.48 36.35 -37.23
CAX 3JH P . 28.86 35.52 -38.19
OAY 3JH P . 27.65 35.50 -38.26
NBA 3JH P . 29.62 34.72 -38.96
CBB 3JH P . 28.97 33.80 -39.91
CBC 3JH P . 28.85 32.50 -39.29
CBH 3JH P . 29.48 32.15 -38.09
CBG 3JH P . 29.29 30.88 -37.56
CBD 3JH P . 28.02 31.55 -39.89
CBE 3JH P . 27.83 30.27 -39.36
CBF 3JH P . 28.48 29.92 -38.16
CBI 3JH P . 28.34 28.71 -37.59
SBM 3JH P . 28.22 28.39 -35.93
CBL 3JH P . 28.12 26.76 -36.02
NBK 3JH P . 28.16 26.45 -37.32
CBJ 3JH P . 28.27 27.50 -38.18
CBN 3JH P . 28.37 27.24 -39.70
#